data_2D48
# 
_entry.id   2D48 
# 
_audit_conform.dict_name       mmcif_pdbx.dic 
_audit_conform.dict_version    5.398 
_audit_conform.dict_location   http://mmcif.pdb.org/dictionaries/ascii/mmcif_pdbx.dic 
# 
loop_
_database_2.database_id 
_database_2.database_code 
_database_2.pdbx_database_accession 
_database_2.pdbx_DOI 
PDB   2D48         pdb_00002d48 10.2210/pdb2d48/pdb 
RCSB  RCSB024966   ?            ?                   
WWPDB D_1000024966 ?            ?                   
# 
loop_
_pdbx_audit_revision_history.ordinal 
_pdbx_audit_revision_history.data_content_type 
_pdbx_audit_revision_history.major_revision 
_pdbx_audit_revision_history.minor_revision 
_pdbx_audit_revision_history.revision_date 
1 'Structure model' 1 0 2006-05-30 
2 'Structure model' 1 1 2008-04-30 
3 'Structure model' 1 2 2011-07-13 
4 'Structure model' 1 3 2021-11-10 
5 'Structure model' 1 4 2023-10-25 
6 'Structure model' 1 5 2024-11-13 
# 
_pdbx_audit_revision_details.ordinal             1 
_pdbx_audit_revision_details.revision_ordinal    1 
_pdbx_audit_revision_details.data_content_type   'Structure model' 
_pdbx_audit_revision_details.provider            repository 
_pdbx_audit_revision_details.type                'Initial release' 
_pdbx_audit_revision_details.description         ? 
_pdbx_audit_revision_details.details             ? 
# 
loop_
_pdbx_audit_revision_group.ordinal 
_pdbx_audit_revision_group.revision_ordinal 
_pdbx_audit_revision_group.data_content_type 
_pdbx_audit_revision_group.group 
1 2 'Structure model' 'Version format compliance' 
2 3 'Structure model' Advisory                    
3 3 'Structure model' 'Version format compliance' 
4 4 'Structure model' 'Database references'       
5 4 'Structure model' 'Derived calculations'      
6 5 'Structure model' 'Data collection'           
7 5 'Structure model' 'Refinement description'    
8 6 'Structure model' 'Structure summary'         
# 
loop_
_pdbx_audit_revision_category.ordinal 
_pdbx_audit_revision_category.revision_ordinal 
_pdbx_audit_revision_category.data_content_type 
_pdbx_audit_revision_category.category 
1 4 'Structure model' database_2                    
2 4 'Structure model' struct_ref_seq_dif            
3 4 'Structure model' struct_site                   
4 5 'Structure model' chem_comp_atom                
5 5 'Structure model' chem_comp_bond                
6 5 'Structure model' pdbx_initial_refinement_model 
7 6 'Structure model' pdbx_entry_details            
8 6 'Structure model' pdbx_modification_feature     
# 
loop_
_pdbx_audit_revision_item.ordinal 
_pdbx_audit_revision_item.revision_ordinal 
_pdbx_audit_revision_item.data_content_type 
_pdbx_audit_revision_item.item 
1 4 'Structure model' '_database_2.pdbx_DOI'                
2 4 'Structure model' '_database_2.pdbx_database_accession' 
3 4 'Structure model' '_struct_ref_seq_dif.details'         
4 4 'Structure model' '_struct_site.pdbx_auth_asym_id'      
5 4 'Structure model' '_struct_site.pdbx_auth_comp_id'      
6 4 'Structure model' '_struct_site.pdbx_auth_seq_id'       
# 
_pdbx_database_status.status_code                     REL 
_pdbx_database_status.entry_id                        2D48 
_pdbx_database_status.recvd_initial_deposition_date   2005-10-11 
_pdbx_database_status.deposit_site                    PDBJ 
_pdbx_database_status.process_site                    PDBJ 
_pdbx_database_status.status_code_sf                  REL 
_pdbx_database_status.status_code_mr                  ? 
_pdbx_database_status.SG_entry                        ? 
_pdbx_database_status.pdb_format_compatible           Y 
_pdbx_database_status.status_code_cs                  ? 
_pdbx_database_status.status_code_nmr_data            ? 
_pdbx_database_status.methods_development_category    ? 
# 
loop_
_pdbx_database_related.db_name 
_pdbx_database_related.db_id 
_pdbx_database_related.details 
_pdbx_database_related.content_type 
PDB 2B8U 'Interleukin-4 wildtype'          unspecified 
PDB 2B8X 'Interleukin-4 variant, F82D'     unspecified 
PDB 2B8Y 'Interleukin-4 variant, T13DF82D' unspecified 
PDB 2B8Z 'Interleukin-4 variant, R85A'     unspecified 
PDB 2B90 'Interleukin-4 variant, T13DR85A' unspecified 
PDB 2B91 'Interleukin-4 variant, F82DR85A' unspecified 
# 
loop_
_audit_author.name 
_audit_author.pdbx_ordinal 
'Kraich, M.'    1 
'Klein, M.'     2 
'Patino, E.'    3 
'Harrer, H.'    4 
'Sebald, W.'    5 
'Mueller, T.D.' 6 
# 
_citation.id                        primary 
_citation.title                     
'A modular interface of IL-4 allows for scalable affinity without affecting specificity for the IL-4 receptor' 
_citation.journal_abbrev            'Bmc Biol.' 
_citation.journal_volume            4 
_citation.page_first                13 
_citation.page_last                 13 
_citation.year                      2006 
_citation.journal_id_ASTM           ? 
_citation.country                   UK 
_citation.journal_id_ISSN           1741-7007 
_citation.journal_id_CSD            ? 
_citation.book_publisher            ? 
_citation.pdbx_database_id_PubMed   16640778 
_citation.pdbx_database_id_DOI      10.1186/1741-7007-4-13 
# 
loop_
_citation_author.citation_id 
_citation_author.name 
_citation_author.ordinal 
_citation_author.identifier_ORCID 
primary 'Kraich, M.'    1 ? 
primary 'Klein, M.'     2 ? 
primary 'Patino, E.'    3 ? 
primary 'Harrer, H.'    4 ? 
primary 'Nickel, J.'    5 ? 
primary 'Sebald, W.'    6 ? 
primary 'Mueller, T.D.' 7 ? 
# 
loop_
_entity.id 
_entity.type 
_entity.src_method 
_entity.pdbx_description 
_entity.formula_weight 
_entity.pdbx_number_of_molecules 
_entity.pdbx_ec 
_entity.pdbx_mutation 
_entity.pdbx_fragment 
_entity.details 
1 polymer     man Interleukin-4 15003.232 1   ? T13D ? ? 
2 non-polymer syn 'SULFATE ION' 96.063    3   ? ?    ? ? 
3 water       nat water         18.015    123 ? ?    ? ? 
# 
_entity_name_com.entity_id   1 
_entity_name_com.name        'IL-4, B-cell stimulatory factor 1, BSF-1, Lymphocyte stimulatory factor 1' 
# 
_entity_poly.entity_id                      1 
_entity_poly.type                           'polypeptide(L)' 
_entity_poly.nstd_linkage                   no 
_entity_poly.nstd_monomer                   no 
_entity_poly.pdbx_seq_one_letter_code       
;HKCDITLQEIIKDLNSLTEQKTLCTELTVTDIFAASKNTTEKETFCRAATVLRQFYSHHEKDTRCLGATAQQFHRHKQLI
RFLKRLDRNLWGLAGLNSCPVKEANQSTLENFLERLKTIMREKYSKCSS
;
_entity_poly.pdbx_seq_one_letter_code_can   
;HKCDITLQEIIKDLNSLTEQKTLCTELTVTDIFAASKNTTEKETFCRAATVLRQFYSHHEKDTRCLGATAQQFHRHKQLI
RFLKRLDRNLWGLAGLNSCPVKEANQSTLENFLERLKTIMREKYSKCSS
;
_entity_poly.pdbx_strand_id                 A 
_entity_poly.pdbx_target_identifier         ? 
# 
loop_
_pdbx_entity_nonpoly.entity_id 
_pdbx_entity_nonpoly.name 
_pdbx_entity_nonpoly.comp_id 
2 'SULFATE ION' SO4 
3 water         HOH 
# 
loop_
_entity_poly_seq.entity_id 
_entity_poly_seq.num 
_entity_poly_seq.mon_id 
_entity_poly_seq.hetero 
1 1   HIS n 
1 2   LYS n 
1 3   CYS n 
1 4   ASP n 
1 5   ILE n 
1 6   THR n 
1 7   LEU n 
1 8   GLN n 
1 9   GLU n 
1 10  ILE n 
1 11  ILE n 
1 12  LYS n 
1 13  ASP n 
1 14  LEU n 
1 15  ASN n 
1 16  SER n 
1 17  LEU n 
1 18  THR n 
1 19  GLU n 
1 20  GLN n 
1 21  LYS n 
1 22  THR n 
1 23  LEU n 
1 24  CYS n 
1 25  THR n 
1 26  GLU n 
1 27  LEU n 
1 28  THR n 
1 29  VAL n 
1 30  THR n 
1 31  ASP n 
1 32  ILE n 
1 33  PHE n 
1 34  ALA n 
1 35  ALA n 
1 36  SER n 
1 37  LYS n 
1 38  ASN n 
1 39  THR n 
1 40  THR n 
1 41  GLU n 
1 42  LYS n 
1 43  GLU n 
1 44  THR n 
1 45  PHE n 
1 46  CYS n 
1 47  ARG n 
1 48  ALA n 
1 49  ALA n 
1 50  THR n 
1 51  VAL n 
1 52  LEU n 
1 53  ARG n 
1 54  GLN n 
1 55  PHE n 
1 56  TYR n 
1 57  SER n 
1 58  HIS n 
1 59  HIS n 
1 60  GLU n 
1 61  LYS n 
1 62  ASP n 
1 63  THR n 
1 64  ARG n 
1 65  CYS n 
1 66  LEU n 
1 67  GLY n 
1 68  ALA n 
1 69  THR n 
1 70  ALA n 
1 71  GLN n 
1 72  GLN n 
1 73  PHE n 
1 74  HIS n 
1 75  ARG n 
1 76  HIS n 
1 77  LYS n 
1 78  GLN n 
1 79  LEU n 
1 80  ILE n 
1 81  ARG n 
1 82  PHE n 
1 83  LEU n 
1 84  LYS n 
1 85  ARG n 
1 86  LEU n 
1 87  ASP n 
1 88  ARG n 
1 89  ASN n 
1 90  LEU n 
1 91  TRP n 
1 92  GLY n 
1 93  LEU n 
1 94  ALA n 
1 95  GLY n 
1 96  LEU n 
1 97  ASN n 
1 98  SER n 
1 99  CYS n 
1 100 PRO n 
1 101 VAL n 
1 102 LYS n 
1 103 GLU n 
1 104 ALA n 
1 105 ASN n 
1 106 GLN n 
1 107 SER n 
1 108 THR n 
1 109 LEU n 
1 110 GLU n 
1 111 ASN n 
1 112 PHE n 
1 113 LEU n 
1 114 GLU n 
1 115 ARG n 
1 116 LEU n 
1 117 LYS n 
1 118 THR n 
1 119 ILE n 
1 120 MET n 
1 121 ARG n 
1 122 GLU n 
1 123 LYS n 
1 124 TYR n 
1 125 SER n 
1 126 LYS n 
1 127 CYS n 
1 128 SER n 
1 129 SER n 
# 
_entity_src_gen.entity_id                          1 
_entity_src_gen.pdbx_src_id                        1 
_entity_src_gen.pdbx_alt_source_flag               sample 
_entity_src_gen.pdbx_seq_type                      ? 
_entity_src_gen.pdbx_beg_seq_num                   ? 
_entity_src_gen.pdbx_end_seq_num                   ? 
_entity_src_gen.gene_src_common_name               human 
_entity_src_gen.gene_src_genus                     Homo 
_entity_src_gen.pdbx_gene_src_gene                 ? 
_entity_src_gen.gene_src_species                   ? 
_entity_src_gen.gene_src_strain                    ? 
_entity_src_gen.gene_src_tissue                    ? 
_entity_src_gen.gene_src_tissue_fraction           ? 
_entity_src_gen.gene_src_details                   ? 
_entity_src_gen.pdbx_gene_src_fragment             ? 
_entity_src_gen.pdbx_gene_src_scientific_name      'Homo sapiens' 
_entity_src_gen.pdbx_gene_src_ncbi_taxonomy_id     9606 
_entity_src_gen.pdbx_gene_src_variant              ? 
_entity_src_gen.pdbx_gene_src_cell_line            ? 
_entity_src_gen.pdbx_gene_src_atcc                 ? 
_entity_src_gen.pdbx_gene_src_organ                ? 
_entity_src_gen.pdbx_gene_src_organelle            ? 
_entity_src_gen.pdbx_gene_src_cell                 ? 
_entity_src_gen.pdbx_gene_src_cellular_location    ? 
_entity_src_gen.host_org_common_name               ? 
_entity_src_gen.pdbx_host_org_scientific_name      'Escherichia coli' 
_entity_src_gen.pdbx_host_org_ncbi_taxonomy_id     562 
_entity_src_gen.host_org_genus                     Escherichia 
_entity_src_gen.pdbx_host_org_gene                 ? 
_entity_src_gen.pdbx_host_org_organ                ? 
_entity_src_gen.host_org_species                   ? 
_entity_src_gen.pdbx_host_org_tissue               ? 
_entity_src_gen.pdbx_host_org_tissue_fraction      ? 
_entity_src_gen.pdbx_host_org_strain               ? 
_entity_src_gen.pdbx_host_org_variant              ? 
_entity_src_gen.pdbx_host_org_cell_line            ? 
_entity_src_gen.pdbx_host_org_atcc                 ? 
_entity_src_gen.pdbx_host_org_culture_collection   ? 
_entity_src_gen.pdbx_host_org_cell                 ? 
_entity_src_gen.pdbx_host_org_organelle            ? 
_entity_src_gen.pdbx_host_org_cellular_location    ? 
_entity_src_gen.pdbx_host_org_vector_type          PLASMID 
_entity_src_gen.pdbx_host_org_vector               ? 
_entity_src_gen.host_org_details                   ? 
_entity_src_gen.expression_system_id               ? 
_entity_src_gen.plasmid_name                       pET28b 
_entity_src_gen.plasmid_details                    ? 
_entity_src_gen.pdbx_description                   ? 
# 
loop_
_chem_comp.id 
_chem_comp.type 
_chem_comp.mon_nstd_flag 
_chem_comp.name 
_chem_comp.pdbx_synonyms 
_chem_comp.formula 
_chem_comp.formula_weight 
ALA 'L-peptide linking' y ALANINE         ? 'C3 H7 N O2'     89.093  
ARG 'L-peptide linking' y ARGININE        ? 'C6 H15 N4 O2 1' 175.209 
ASN 'L-peptide linking' y ASPARAGINE      ? 'C4 H8 N2 O3'    132.118 
ASP 'L-peptide linking' y 'ASPARTIC ACID' ? 'C4 H7 N O4'     133.103 
CYS 'L-peptide linking' y CYSTEINE        ? 'C3 H7 N O2 S'   121.158 
GLN 'L-peptide linking' y GLUTAMINE       ? 'C5 H10 N2 O3'   146.144 
GLU 'L-peptide linking' y 'GLUTAMIC ACID' ? 'C5 H9 N O4'     147.129 
GLY 'peptide linking'   y GLYCINE         ? 'C2 H5 N O2'     75.067  
HIS 'L-peptide linking' y HISTIDINE       ? 'C6 H10 N3 O2 1' 156.162 
HOH non-polymer         . WATER           ? 'H2 O'           18.015  
ILE 'L-peptide linking' y ISOLEUCINE      ? 'C6 H13 N O2'    131.173 
LEU 'L-peptide linking' y LEUCINE         ? 'C6 H13 N O2'    131.173 
LYS 'L-peptide linking' y LYSINE          ? 'C6 H15 N2 O2 1' 147.195 
MET 'L-peptide linking' y METHIONINE      ? 'C5 H11 N O2 S'  149.211 
PHE 'L-peptide linking' y PHENYLALANINE   ? 'C9 H11 N O2'    165.189 
PRO 'L-peptide linking' y PROLINE         ? 'C5 H9 N O2'     115.130 
SER 'L-peptide linking' y SERINE          ? 'C3 H7 N O3'     105.093 
SO4 non-polymer         . 'SULFATE ION'   ? 'O4 S -2'        96.063  
THR 'L-peptide linking' y THREONINE       ? 'C4 H9 N O3'     119.119 
TRP 'L-peptide linking' y TRYPTOPHAN      ? 'C11 H12 N2 O2'  204.225 
TYR 'L-peptide linking' y TYROSINE        ? 'C9 H11 N O3'    181.189 
VAL 'L-peptide linking' y VALINE          ? 'C5 H11 N O2'    117.146 
# 
loop_
_pdbx_poly_seq_scheme.asym_id 
_pdbx_poly_seq_scheme.entity_id 
_pdbx_poly_seq_scheme.seq_id 
_pdbx_poly_seq_scheme.mon_id 
_pdbx_poly_seq_scheme.ndb_seq_num 
_pdbx_poly_seq_scheme.pdb_seq_num 
_pdbx_poly_seq_scheme.auth_seq_num 
_pdbx_poly_seq_scheme.pdb_mon_id 
_pdbx_poly_seq_scheme.auth_mon_id 
_pdbx_poly_seq_scheme.pdb_strand_id 
_pdbx_poly_seq_scheme.pdb_ins_code 
_pdbx_poly_seq_scheme.hetero 
A 1 1   HIS 1   1   1   HIS HIS A . n 
A 1 2   LYS 2   2   2   LYS LYS A . n 
A 1 3   CYS 3   3   3   CYS CYS A . n 
A 1 4   ASP 4   4   4   ASP ASP A . n 
A 1 5   ILE 5   5   5   ILE ILE A . n 
A 1 6   THR 6   6   6   THR THR A . n 
A 1 7   LEU 7   7   7   LEU LEU A . n 
A 1 8   GLN 8   8   8   GLN GLN A . n 
A 1 9   GLU 9   9   9   GLU GLU A . n 
A 1 10  ILE 10  10  10  ILE ILE A . n 
A 1 11  ILE 11  11  11  ILE ILE A . n 
A 1 12  LYS 12  12  12  LYS LYS A . n 
A 1 13  ASP 13  13  13  ASP ASP A . n 
A 1 14  LEU 14  14  14  LEU LEU A . n 
A 1 15  ASN 15  15  15  ASN ASN A . n 
A 1 16  SER 16  16  16  SER SER A . n 
A 1 17  LEU 17  17  17  LEU LEU A . n 
A 1 18  THR 18  18  18  THR THR A . n 
A 1 19  GLU 19  19  19  GLU GLU A . n 
A 1 20  GLN 20  20  20  GLN GLN A . n 
A 1 21  LYS 21  21  21  LYS LYS A . n 
A 1 22  THR 22  22  22  THR THR A . n 
A 1 23  LEU 23  23  23  LEU LEU A . n 
A 1 24  CYS 24  24  24  CYS CYS A . n 
A 1 25  THR 25  25  25  THR THR A . n 
A 1 26  GLU 26  26  26  GLU GLU A . n 
A 1 27  LEU 27  27  27  LEU LEU A . n 
A 1 28  THR 28  28  28  THR THR A . n 
A 1 29  VAL 29  29  29  VAL VAL A . n 
A 1 30  THR 30  30  30  THR THR A . n 
A 1 31  ASP 31  31  31  ASP ASP A . n 
A 1 32  ILE 32  32  32  ILE ILE A . n 
A 1 33  PHE 33  33  33  PHE PHE A . n 
A 1 34  ALA 34  34  34  ALA ALA A . n 
A 1 35  ALA 35  35  35  ALA ALA A . n 
A 1 36  SER 36  36  36  SER SER A . n 
A 1 37  LYS 37  37  37  LYS LYS A . n 
A 1 38  ASN 38  38  38  ASN ASN A . n 
A 1 39  THR 39  39  39  THR THR A . n 
A 1 40  THR 40  40  40  THR THR A . n 
A 1 41  GLU 41  41  41  GLU GLU A . n 
A 1 42  LYS 42  42  42  LYS LYS A . n 
A 1 43  GLU 43  43  43  GLU GLU A . n 
A 1 44  THR 44  44  44  THR THR A . n 
A 1 45  PHE 45  45  45  PHE PHE A . n 
A 1 46  CYS 46  46  46  CYS CYS A . n 
A 1 47  ARG 47  47  47  ARG ARG A . n 
A 1 48  ALA 48  48  48  ALA ALA A . n 
A 1 49  ALA 49  49  49  ALA ALA A . n 
A 1 50  THR 50  50  50  THR THR A . n 
A 1 51  VAL 51  51  51  VAL VAL A . n 
A 1 52  LEU 52  52  52  LEU LEU A . n 
A 1 53  ARG 53  53  53  ARG ARG A . n 
A 1 54  GLN 54  54  54  GLN GLN A . n 
A 1 55  PHE 55  55  55  PHE PHE A . n 
A 1 56  TYR 56  56  56  TYR TYR A . n 
A 1 57  SER 57  57  57  SER SER A . n 
A 1 58  HIS 58  58  58  HIS HIS A . n 
A 1 59  HIS 59  59  59  HIS HIS A . n 
A 1 60  GLU 60  60  60  GLU GLU A . n 
A 1 61  LYS 61  61  61  LYS LYS A . n 
A 1 62  ASP 62  62  62  ASP ASP A . n 
A 1 63  THR 63  63  63  THR THR A . n 
A 1 64  ARG 64  64  64  ARG ARG A . n 
A 1 65  CYS 65  65  65  CYS CYS A . n 
A 1 66  LEU 66  66  66  LEU LEU A . n 
A 1 67  GLY 67  67  67  GLY GLY A . n 
A 1 68  ALA 68  68  68  ALA ALA A . n 
A 1 69  THR 69  69  69  THR THR A . n 
A 1 70  ALA 70  70  70  ALA ALA A . n 
A 1 71  GLN 71  71  71  GLN GLN A . n 
A 1 72  GLN 72  72  72  GLN GLN A . n 
A 1 73  PHE 73  73  73  PHE PHE A . n 
A 1 74  HIS 74  74  74  HIS HIS A . n 
A 1 75  ARG 75  75  75  ARG ARG A . n 
A 1 76  HIS 76  76  76  HIS HIS A . n 
A 1 77  LYS 77  77  77  LYS LYS A . n 
A 1 78  GLN 78  78  78  GLN GLN A . n 
A 1 79  LEU 79  79  79  LEU LEU A . n 
A 1 80  ILE 80  80  80  ILE ILE A . n 
A 1 81  ARG 81  81  81  ARG ARG A . n 
A 1 82  PHE 82  82  82  PHE PHE A . n 
A 1 83  LEU 83  83  83  LEU LEU A . n 
A 1 84  LYS 84  84  84  LYS LYS A . n 
A 1 85  ARG 85  85  85  ARG ARG A . n 
A 1 86  LEU 86  86  86  LEU LEU A . n 
A 1 87  ASP 87  87  87  ASP ASP A . n 
A 1 88  ARG 88  88  88  ARG ARG A . n 
A 1 89  ASN 89  89  89  ASN ASN A . n 
A 1 90  LEU 90  90  90  LEU LEU A . n 
A 1 91  TRP 91  91  91  TRP TRP A . n 
A 1 92  GLY 92  92  92  GLY GLY A . n 
A 1 93  LEU 93  93  93  LEU LEU A . n 
A 1 94  ALA 94  94  94  ALA ALA A . n 
A 1 95  GLY 95  95  95  GLY GLY A . n 
A 1 96  LEU 96  96  96  LEU LEU A . n 
A 1 97  ASN 97  97  97  ASN ASN A . n 
A 1 98  SER 98  98  98  SER SER A . n 
A 1 99  CYS 99  99  99  CYS CYS A . n 
A 1 100 PRO 100 100 100 PRO PRO A . n 
A 1 101 VAL 101 101 101 VAL VAL A . n 
A 1 102 LYS 102 102 102 LYS LYS A . n 
A 1 103 GLU 103 103 103 GLU GLU A . n 
A 1 104 ALA 104 104 104 ALA ALA A . n 
A 1 105 ASN 105 105 105 ASN ASN A . n 
A 1 106 GLN 106 106 106 GLN GLN A . n 
A 1 107 SER 107 107 107 SER SER A . n 
A 1 108 THR 108 108 108 THR THR A . n 
A 1 109 LEU 109 109 109 LEU LEU A . n 
A 1 110 GLU 110 110 110 GLU GLU A . n 
A 1 111 ASN 111 111 111 ASN ASN A . n 
A 1 112 PHE 112 112 112 PHE PHE A . n 
A 1 113 LEU 113 113 113 LEU LEU A . n 
A 1 114 GLU 114 114 114 GLU GLU A . n 
A 1 115 ARG 115 115 115 ARG ARG A . n 
A 1 116 LEU 116 116 116 LEU LEU A . n 
A 1 117 LYS 117 117 117 LYS LYS A . n 
A 1 118 THR 118 118 118 THR THR A . n 
A 1 119 ILE 119 119 119 ILE ILE A . n 
A 1 120 MET 120 120 120 MET MET A . n 
A 1 121 ARG 121 121 121 ARG ARG A . n 
A 1 122 GLU 122 122 122 GLU GLU A . n 
A 1 123 LYS 123 123 123 LYS LYS A . n 
A 1 124 TYR 124 124 124 TYR TYR A . n 
A 1 125 SER 125 125 125 SER SER A . n 
A 1 126 LYS 126 126 126 LYS LYS A . n 
A 1 127 CYS 127 127 127 CYS CYS A . n 
A 1 128 SER 128 128 128 SER SER A . n 
A 1 129 SER 129 129 129 SER SER A . n 
# 
loop_
_pdbx_nonpoly_scheme.asym_id 
_pdbx_nonpoly_scheme.entity_id 
_pdbx_nonpoly_scheme.mon_id 
_pdbx_nonpoly_scheme.ndb_seq_num 
_pdbx_nonpoly_scheme.pdb_seq_num 
_pdbx_nonpoly_scheme.auth_seq_num 
_pdbx_nonpoly_scheme.pdb_mon_id 
_pdbx_nonpoly_scheme.auth_mon_id 
_pdbx_nonpoly_scheme.pdb_strand_id 
_pdbx_nonpoly_scheme.pdb_ins_code 
B 2 SO4 1   1001 1   SO4 SO4 A . 
C 2 SO4 1   1002 2   SO4 SO4 A . 
D 2 SO4 1   1003 3   SO4 SO4 A . 
E 3 HOH 1   1004 1   HOH HOH A . 
E 3 HOH 2   1005 2   HOH HOH A . 
E 3 HOH 3   1006 3   HOH HOH A . 
E 3 HOH 4   1007 4   HOH HOH A . 
E 3 HOH 5   1008 5   HOH HOH A . 
E 3 HOH 6   1009 6   HOH HOH A . 
E 3 HOH 7   1010 7   HOH HOH A . 
E 3 HOH 8   1011 8   HOH HOH A . 
E 3 HOH 9   1012 9   HOH HOH A . 
E 3 HOH 10  1013 10  HOH HOH A . 
E 3 HOH 11  1014 11  HOH HOH A . 
E 3 HOH 12  1015 12  HOH HOH A . 
E 3 HOH 13  1016 13  HOH HOH A . 
E 3 HOH 14  1017 14  HOH HOH A . 
E 3 HOH 15  1018 15  HOH HOH A . 
E 3 HOH 16  1019 16  HOH HOH A . 
E 3 HOH 17  1020 17  HOH HOH A . 
E 3 HOH 18  1021 18  HOH HOH A . 
E 3 HOH 19  1022 19  HOH HOH A . 
E 3 HOH 20  1023 20  HOH HOH A . 
E 3 HOH 21  1024 21  HOH HOH A . 
E 3 HOH 22  1025 22  HOH HOH A . 
E 3 HOH 23  1026 23  HOH HOH A . 
E 3 HOH 24  1027 24  HOH HOH A . 
E 3 HOH 25  1028 25  HOH HOH A . 
E 3 HOH 26  1029 26  HOH HOH A . 
E 3 HOH 27  1030 27  HOH HOH A . 
E 3 HOH 28  1031 28  HOH HOH A . 
E 3 HOH 29  1032 29  HOH HOH A . 
E 3 HOH 30  1033 30  HOH HOH A . 
E 3 HOH 31  1034 31  HOH HOH A . 
E 3 HOH 32  1035 32  HOH HOH A . 
E 3 HOH 33  1036 33  HOH HOH A . 
E 3 HOH 34  1037 34  HOH HOH A . 
E 3 HOH 35  1038 35  HOH HOH A . 
E 3 HOH 36  1039 36  HOH HOH A . 
E 3 HOH 37  1040 37  HOH HOH A . 
E 3 HOH 38  1041 39  HOH HOH A . 
E 3 HOH 39  1042 41  HOH HOH A . 
E 3 HOH 40  1043 42  HOH HOH A . 
E 3 HOH 41  1044 44  HOH HOH A . 
E 3 HOH 42  1045 45  HOH HOH A . 
E 3 HOH 43  1046 46  HOH HOH A . 
E 3 HOH 44  1047 47  HOH HOH A . 
E 3 HOH 45  1048 48  HOH HOH A . 
E 3 HOH 46  1049 49  HOH HOH A . 
E 3 HOH 47  1050 50  HOH HOH A . 
E 3 HOH 48  1051 51  HOH HOH A . 
E 3 HOH 49  1052 52  HOH HOH A . 
E 3 HOH 50  1053 53  HOH HOH A . 
E 3 HOH 51  1054 55  HOH HOH A . 
E 3 HOH 52  1055 56  HOH HOH A . 
E 3 HOH 53  1056 57  HOH HOH A . 
E 3 HOH 54  1057 58  HOH HOH A . 
E 3 HOH 55  1058 59  HOH HOH A . 
E 3 HOH 56  1059 60  HOH HOH A . 
E 3 HOH 57  1060 61  HOH HOH A . 
E 3 HOH 58  1061 63  HOH HOH A . 
E 3 HOH 59  1062 64  HOH HOH A . 
E 3 HOH 60  1063 65  HOH HOH A . 
E 3 HOH 61  1064 66  HOH HOH A . 
E 3 HOH 62  1065 67  HOH HOH A . 
E 3 HOH 63  1066 68  HOH HOH A . 
E 3 HOH 64  1067 69  HOH HOH A . 
E 3 HOH 65  1068 70  HOH HOH A . 
E 3 HOH 66  1069 71  HOH HOH A . 
E 3 HOH 67  1070 73  HOH HOH A . 
E 3 HOH 68  1071 75  HOH HOH A . 
E 3 HOH 69  1072 76  HOH HOH A . 
E 3 HOH 70  1073 77  HOH HOH A . 
E 3 HOH 71  1074 78  HOH HOH A . 
E 3 HOH 72  1075 79  HOH HOH A . 
E 3 HOH 73  1076 81  HOH HOH A . 
E 3 HOH 74  1077 82  HOH HOH A . 
E 3 HOH 75  1078 83  HOH HOH A . 
E 3 HOH 76  1079 84  HOH HOH A . 
E 3 HOH 77  1080 87  HOH HOH A . 
E 3 HOH 78  1081 88  HOH HOH A . 
E 3 HOH 79  1082 89  HOH HOH A . 
E 3 HOH 80  1083 90  HOH HOH A . 
E 3 HOH 81  1084 91  HOH HOH A . 
E 3 HOH 82  1085 92  HOH HOH A . 
E 3 HOH 83  1086 93  HOH HOH A . 
E 3 HOH 84  1087 95  HOH HOH A . 
E 3 HOH 85  1088 97  HOH HOH A . 
E 3 HOH 86  1089 98  HOH HOH A . 
E 3 HOH 87  1090 100 HOH HOH A . 
E 3 HOH 88  1091 101 HOH HOH A . 
E 3 HOH 89  1092 102 HOH HOH A . 
E 3 HOH 90  1093 103 HOH HOH A . 
E 3 HOH 91  1094 105 HOH HOH A . 
E 3 HOH 92  1095 108 HOH HOH A . 
E 3 HOH 93  1096 109 HOH HOH A . 
E 3 HOH 94  1097 112 HOH HOH A . 
E 3 HOH 95  1098 113 HOH HOH A . 
E 3 HOH 96  1099 114 HOH HOH A . 
E 3 HOH 97  1100 118 HOH HOH A . 
E 3 HOH 98  1101 121 HOH HOH A . 
E 3 HOH 99  1102 124 HOH HOH A . 
E 3 HOH 100 1103 126 HOH HOH A . 
E 3 HOH 101 1104 127 HOH HOH A . 
E 3 HOH 102 1105 132 HOH HOH A . 
E 3 HOH 103 1106 137 HOH HOH A . 
E 3 HOH 104 1107 141 HOH HOH A . 
E 3 HOH 105 1108 142 HOH HOH A . 
E 3 HOH 106 1109 143 HOH HOH A . 
E 3 HOH 107 1110 144 HOH HOH A . 
E 3 HOH 108 1111 145 HOH HOH A . 
E 3 HOH 109 1112 146 HOH HOH A . 
E 3 HOH 110 1113 147 HOH HOH A . 
E 3 HOH 111 1114 148 HOH HOH A . 
E 3 HOH 112 1115 149 HOH HOH A . 
E 3 HOH 113 1116 150 HOH HOH A . 
E 3 HOH 114 1117 151 HOH HOH A . 
E 3 HOH 115 1118 152 HOH HOH A . 
E 3 HOH 116 1119 154 HOH HOH A . 
E 3 HOH 117 1120 155 HOH HOH A . 
E 3 HOH 118 1121 157 HOH HOH A . 
E 3 HOH 119 1122 159 HOH HOH A . 
E 3 HOH 120 1123 161 HOH HOH A . 
E 3 HOH 121 1124 163 HOH HOH A . 
E 3 HOH 122 1125 164 HOH HOH A . 
E 3 HOH 123 1126 165 HOH HOH A . 
# 
loop_
_software.name 
_software.classification 
_software.version 
_software.citation_id 
_software.pdbx_ordinal 
REFMAC refinement       5.1.24    ? 1 
MOSFLM 'data reduction' .         ? 2 
CCP4   'data scaling'   '(SCALA)' ? 3 
CNS    phasing          .         ? 4 
# 
_cell.entry_id           2D48 
_cell.length_a           90.528 
_cell.length_b           90.528 
_cell.length_c           45.907 
_cell.angle_alpha        90.00 
_cell.angle_beta         90.00 
_cell.angle_gamma        90.00 
_cell.Z_PDB              8 
_cell.pdbx_unique_axis   ? 
_cell.length_a_esd       ? 
_cell.length_b_esd       ? 
_cell.length_c_esd       ? 
_cell.angle_alpha_esd    ? 
_cell.angle_beta_esd     ? 
_cell.angle_gamma_esd    ? 
# 
_symmetry.entry_id                         2D48 
_symmetry.space_group_name_H-M             'P 41 21 2' 
_symmetry.pdbx_full_space_group_name_H-M   ? 
_symmetry.cell_setting                     ? 
_symmetry.Int_Tables_number                92 
_symmetry.space_group_name_Hall            ? 
# 
_exptl.entry_id          2D48 
_exptl.method            'X-RAY DIFFRACTION' 
_exptl.crystals_number   ? 
# 
_exptl_crystal.id                    1 
_exptl_crystal.density_meas          ? 
_exptl_crystal.density_Matthews      3.13 
_exptl_crystal.density_percent_sol   60.76 
_exptl_crystal.description           ? 
_exptl_crystal.F_000                 ? 
_exptl_crystal.preparation           ? 
# 
_exptl_crystal_grow.crystal_id      1 
_exptl_crystal_grow.method          'VAPOR DIFFUSION, HANGING DROP' 
_exptl_crystal_grow.temp            298 
_exptl_crystal_grow.temp_details    ? 
_exptl_crystal_grow.pH              6.5 
_exptl_crystal_grow.pdbx_details    
'52% Ammonium sulfate, 0.1M Sodium citrate, pH 6.5, VAPOR DIFFUSION, HANGING DROP, temperature 298K' 
_exptl_crystal_grow.pdbx_pH_range   . 
# 
_diffrn.id                     1 
_diffrn.ambient_temp           93 
_diffrn.ambient_temp_details   ? 
_diffrn.crystal_id             1 
# 
_diffrn_detector.diffrn_id              1 
_diffrn_detector.detector               CCD 
_diffrn_detector.type                   MARRESEARCH 
_diffrn_detector.pdbx_collection_date   2002-08-17 
_diffrn_detector.details                ? 
# 
_diffrn_radiation.diffrn_id                        1 
_diffrn_radiation.wavelength_id                    1 
_diffrn_radiation.pdbx_monochromatic_or_laue_m_l   M 
_diffrn_radiation.monochromator                    'Si 111' 
_diffrn_radiation.pdbx_diffrn_protocol             'SINGLE WAVELENGTH' 
_diffrn_radiation.pdbx_scattering_type             x-ray 
# 
_diffrn_radiation_wavelength.id           1 
_diffrn_radiation_wavelength.wavelength   0.9178 
_diffrn_radiation_wavelength.wt           1.0 
# 
_diffrn_source.diffrn_id                   1 
_diffrn_source.source                      SYNCHROTRON 
_diffrn_source.type                        'SLS BEAMLINE X06SA' 
_diffrn_source.pdbx_synchrotron_site       SLS 
_diffrn_source.pdbx_synchrotron_beamline   X06SA 
_diffrn_source.pdbx_wavelength             ? 
_diffrn_source.pdbx_wavelength_list        0.9178 
# 
_reflns.entry_id                     2D48 
_reflns.observed_criterion_sigma_F   0 
_reflns.observed_criterion_sigma_I   0 
_reflns.d_resolution_high            1.65 
_reflns.d_resolution_low             10.6 
_reflns.number_all                   23378 
_reflns.number_obs                   22700 
_reflns.percent_possible_obs         97.1 
_reflns.pdbx_Rmerge_I_obs            0.092 
_reflns.pdbx_Rsym_value              ? 
_reflns.pdbx_netI_over_sigmaI        17.6 
_reflns.B_iso_Wilson_estimate        ? 
_reflns.pdbx_redundancy              6.7 
_reflns.R_free_details               ? 
_reflns.limit_h_max                  ? 
_reflns.limit_h_min                  ? 
_reflns.limit_k_max                  ? 
_reflns.limit_k_min                  ? 
_reflns.limit_l_max                  ? 
_reflns.limit_l_min                  ? 
_reflns.observed_criterion_F_max     ? 
_reflns.observed_criterion_F_min     ? 
_reflns.pdbx_chi_squared             ? 
_reflns.pdbx_scaling_rejects         ? 
_reflns.pdbx_ordinal                 1 
_reflns.pdbx_diffrn_id               1 
# 
_reflns_shell.d_res_high             1.65 
_reflns_shell.d_res_low              1.74 
_reflns_shell.percent_possible_all   98.1 
_reflns_shell.Rmerge_I_obs           0.172 
_reflns_shell.pdbx_Rsym_value        ? 
_reflns_shell.meanI_over_sigI_obs    5.2 
_reflns_shell.pdbx_redundancy        6.4 
_reflns_shell.percent_possible_obs   ? 
_reflns_shell.number_unique_all      ? 
_reflns_shell.number_measured_all    ? 
_reflns_shell.number_measured_obs    ? 
_reflns_shell.number_unique_obs      ? 
_reflns_shell.pdbx_chi_squared       ? 
_reflns_shell.pdbx_ordinal           1 
_reflns_shell.pdbx_diffrn_id         1 
# 
_refine.entry_id                                 2D48 
_refine.ls_number_reflns_obs                     21555 
_refine.ls_number_reflns_all                     22700 
_refine.pdbx_ls_sigma_I                          ? 
_refine.pdbx_ls_sigma_F                          0 
_refine.pdbx_data_cutoff_high_absF               ? 
_refine.pdbx_data_cutoff_low_absF                ? 
_refine.pdbx_data_cutoff_high_rms_absF           ? 
_refine.ls_d_res_low                             9.98 
_refine.ls_d_res_high                            1.65 
_refine.ls_percent_reflns_obs                    ? 
_refine.ls_R_factor_obs                          0.22222 
_refine.ls_R_factor_all                          0.22222 
_refine.ls_R_factor_R_work                       0.22093 
_refine.ls_R_factor_R_free                       0.24709 
_refine.ls_R_factor_R_free_error                 ? 
_refine.ls_R_factor_R_free_error_details         ? 
_refine.ls_percent_reflns_R_free                 5.0 
_refine.ls_number_reflns_R_free                  1142 
_refine.ls_number_parameters                     ? 
_refine.ls_number_restraints                     ? 
_refine.occupancy_min                            ? 
_refine.occupancy_max                            ? 
_refine.correlation_coeff_Fo_to_Fc               0.930 
_refine.correlation_coeff_Fo_to_Fc_free          0.912 
_refine.B_iso_mean                               21.067 
_refine.aniso_B[1][1]                            -0.01 
_refine.aniso_B[2][2]                            -0.01 
_refine.aniso_B[3][3]                            0.01 
_refine.aniso_B[1][2]                            0.00 
_refine.aniso_B[1][3]                            0.00 
_refine.aniso_B[2][3]                            0.00 
_refine.solvent_model_details                    'BABINET MODEL WITH MASK' 
_refine.solvent_model_param_ksol                 ? 
_refine.solvent_model_param_bsol                 ? 
_refine.pdbx_solvent_vdw_probe_radii             1.40 
_refine.pdbx_solvent_ion_probe_radii             0.80 
_refine.pdbx_solvent_shrinkage_radii             0.80 
_refine.pdbx_ls_cross_valid_method               THROUGHOUT 
_refine.details                                  ? 
_refine.pdbx_starting_model                      1HIK 
_refine.pdbx_method_to_determine_struct          'MOLECULAR REPLACEMENT' 
_refine.pdbx_isotropic_thermal_model             ? 
_refine.pdbx_stereochemistry_target_values       'MAXIMUM LIKELIHOOD' 
_refine.pdbx_stereochem_target_val_spec_case     ? 
_refine.pdbx_R_Free_selection_details            RANDOM 
_refine.pdbx_overall_ESU_R                       0.100 
_refine.pdbx_overall_ESU_R_Free                  0.098 
_refine.overall_SU_ML                            0.061 
_refine.overall_SU_B                             1.777 
_refine.ls_redundancy_reflns_obs                 ? 
_refine.B_iso_min                                ? 
_refine.B_iso_max                                ? 
_refine.overall_SU_R_Cruickshank_DPI             ? 
_refine.overall_SU_R_free                        ? 
_refine.ls_wR_factor_R_free                      ? 
_refine.ls_wR_factor_R_work                      ? 
_refine.overall_FOM_free_R_set                   ? 
_refine.overall_FOM_work_R_set                   ? 
_refine.pdbx_refine_id                           'X-RAY DIFFRACTION' 
_refine.pdbx_TLS_residual_ADP_flag               'LIKELY RESIDUAL' 
_refine.pdbx_diffrn_id                           1 
_refine.pdbx_overall_phase_error                 ? 
_refine.pdbx_overall_SU_R_free_Cruickshank_DPI   ? 
_refine.pdbx_overall_SU_R_Blow_DPI               ? 
_refine.pdbx_overall_SU_R_free_Blow_DPI          ? 
# 
_refine_hist.pdbx_refine_id                   'X-RAY DIFFRACTION' 
_refine_hist.cycle_id                         LAST 
_refine_hist.pdbx_number_atoms_protein        1049 
_refine_hist.pdbx_number_atoms_nucleic_acid   0 
_refine_hist.pdbx_number_atoms_ligand         15 
_refine_hist.number_atoms_solvent             123 
_refine_hist.number_atoms_total               1187 
_refine_hist.d_res_high                       1.65 
_refine_hist.d_res_low                        9.98 
# 
loop_
_refine_ls_restr.type 
_refine_ls_restr.dev_ideal 
_refine_ls_restr.dev_ideal_target 
_refine_ls_restr.weight 
_refine_ls_restr.number 
_refine_ls_restr.pdbx_refine_id 
_refine_ls_restr.pdbx_restraint_function 
r_bond_refined_d             0.018 0.021 ? 1079 'X-RAY DIFFRACTION' ? 
r_bond_other_d               ?     ?     ? ?    'X-RAY DIFFRACTION' ? 
r_angle_refined_deg          1.695 1.963 ? 1452 'X-RAY DIFFRACTION' ? 
r_angle_other_deg            ?     ?     ? ?    'X-RAY DIFFRACTION' ? 
r_dihedral_angle_1_deg       6.683 5.000 ? 128  'X-RAY DIFFRACTION' ? 
r_dihedral_angle_2_deg       ?     ?     ? ?    'X-RAY DIFFRACTION' ? 
r_dihedral_angle_3_deg       ?     ?     ? ?    'X-RAY DIFFRACTION' ? 
r_dihedral_angle_4_deg       ?     ?     ? ?    'X-RAY DIFFRACTION' ? 
r_chiral_restr               0.110 0.200 ? 165  'X-RAY DIFFRACTION' ? 
r_gen_planes_refined         0.007 0.020 ? 775  'X-RAY DIFFRACTION' ? 
r_gen_planes_other           ?     ?     ? ?    'X-RAY DIFFRACTION' ? 
r_nbd_refined                0.260 0.300 ? 546  'X-RAY DIFFRACTION' ? 
r_nbd_other                  ?     ?     ? ?    'X-RAY DIFFRACTION' ? 
r_nbtor_refined              ?     ?     ? ?    'X-RAY DIFFRACTION' ? 
r_nbtor_other                ?     ?     ? ?    'X-RAY DIFFRACTION' ? 
r_xyhbond_nbd_refined        0.247 0.500 ? 167  'X-RAY DIFFRACTION' ? 
r_xyhbond_nbd_other          ?     ?     ? ?    'X-RAY DIFFRACTION' ? 
r_metal_ion_refined          ?     ?     ? ?    'X-RAY DIFFRACTION' ? 
r_metal_ion_other            ?     ?     ? ?    'X-RAY DIFFRACTION' ? 
r_symmetry_vdw_refined       0.359 0.300 ? 73   'X-RAY DIFFRACTION' ? 
r_symmetry_vdw_other         ?     ?     ? ?    'X-RAY DIFFRACTION' ? 
r_symmetry_hbond_refined     0.389 0.500 ? 30   'X-RAY DIFFRACTION' ? 
r_symmetry_hbond_other       ?     ?     ? ?    'X-RAY DIFFRACTION' ? 
r_symmetry_metal_ion_refined ?     ?     ? ?    'X-RAY DIFFRACTION' ? 
r_symmetry_metal_ion_other   ?     ?     ? ?    'X-RAY DIFFRACTION' ? 
r_mcbond_it                  1.091 1.500 ? 643  'X-RAY DIFFRACTION' ? 
r_mcbond_other               ?     ?     ? ?    'X-RAY DIFFRACTION' ? 
r_mcangle_it                 1.928 2.000 ? 1039 'X-RAY DIFFRACTION' ? 
r_scbond_it                  3.133 3.000 ? 436  'X-RAY DIFFRACTION' ? 
r_scangle_it                 5.063 4.500 ? 413  'X-RAY DIFFRACTION' ? 
r_rigid_bond_restr           ?     ?     ? ?    'X-RAY DIFFRACTION' ? 
r_sphericity_free            ?     ?     ? ?    'X-RAY DIFFRACTION' ? 
r_sphericity_bonded          ?     ?     ? ?    'X-RAY DIFFRACTION' ? 
# 
_refine_ls_shell.pdbx_total_number_of_bins_used   20 
_refine_ls_shell.d_res_high                       1.650 
_refine_ls_shell.d_res_low                        1.692 
_refine_ls_shell.number_reflns_R_work             1533 
_refine_ls_shell.R_factor_R_work                  0.253 
_refine_ls_shell.percent_reflns_obs               ? 
_refine_ls_shell.R_factor_R_free                  0.319 
_refine_ls_shell.R_factor_R_free_error            ? 
_refine_ls_shell.percent_reflns_R_free            ? 
_refine_ls_shell.number_reflns_R_free             84 
_refine_ls_shell.number_reflns_obs                ? 
_refine_ls_shell.redundancy_reflns_obs            ? 
_refine_ls_shell.number_reflns_all                ? 
_refine_ls_shell.R_factor_all                     ? 
_refine_ls_shell.pdbx_refine_id                   'X-RAY DIFFRACTION' 
# 
_struct.entry_id                  2D48 
_struct.title                     'Crystal structure of the Interleukin-4 variant T13D' 
_struct.pdbx_model_details        ? 
_struct.pdbx_CASP_flag            ? 
_struct.pdbx_model_type_details   ? 
# 
_struct_keywords.entry_id        2D48 
_struct_keywords.pdbx_keywords   CYTOKINE 
_struct_keywords.text            'four helix bundle, CYTOKINE' 
# 
loop_
_struct_asym.id 
_struct_asym.pdbx_blank_PDB_chainid_flag 
_struct_asym.pdbx_modified 
_struct_asym.entity_id 
_struct_asym.details 
A N N 1 ? 
B N N 2 ? 
C N N 2 ? 
D N N 2 ? 
E N N 3 ? 
# 
_struct_ref.id                         1 
_struct_ref.db_name                    UNP 
_struct_ref.db_code                    IL4_HUMAN 
_struct_ref.pdbx_db_accession          P05112 
_struct_ref.entity_id                  1 
_struct_ref.pdbx_seq_one_letter_code   
;HKCDITLQEIIKTLNSLTEQKTLCTELTVTDIFAASKNTTEKETFCRAATVLRQFYSHHEKDTRCLGATAQQFHRHKQLI
RFLKRLDRNLWGLAGLNSCPVKEANQSTLENFLERLKTIMREKYSKCSS
;
_struct_ref.pdbx_align_begin           25 
_struct_ref.pdbx_db_isoform            ? 
# 
_struct_ref_seq.align_id                      1 
_struct_ref_seq.ref_id                        1 
_struct_ref_seq.pdbx_PDB_id_code              2D48 
_struct_ref_seq.pdbx_strand_id                A 
_struct_ref_seq.seq_align_beg                 1 
_struct_ref_seq.pdbx_seq_align_beg_ins_code   ? 
_struct_ref_seq.seq_align_end                 129 
_struct_ref_seq.pdbx_seq_align_end_ins_code   ? 
_struct_ref_seq.pdbx_db_accession             P05112 
_struct_ref_seq.db_align_beg                  25 
_struct_ref_seq.pdbx_db_align_beg_ins_code    ? 
_struct_ref_seq.db_align_end                  153 
_struct_ref_seq.pdbx_db_align_end_ins_code    ? 
_struct_ref_seq.pdbx_auth_seq_align_beg       1 
_struct_ref_seq.pdbx_auth_seq_align_end       129 
# 
_struct_ref_seq_dif.align_id                     1 
_struct_ref_seq_dif.pdbx_pdb_id_code             2D48 
_struct_ref_seq_dif.mon_id                       ASP 
_struct_ref_seq_dif.pdbx_pdb_strand_id           A 
_struct_ref_seq_dif.seq_num                      13 
_struct_ref_seq_dif.pdbx_pdb_ins_code            ? 
_struct_ref_seq_dif.pdbx_seq_db_name             UNP 
_struct_ref_seq_dif.pdbx_seq_db_accession_code   P05112 
_struct_ref_seq_dif.db_mon_id                    THR 
_struct_ref_seq_dif.pdbx_seq_db_seq_num          37 
_struct_ref_seq_dif.details                      'engineered mutation' 
_struct_ref_seq_dif.pdbx_auth_seq_num            13 
_struct_ref_seq_dif.pdbx_ordinal                 1 
# 
_pdbx_struct_assembly.id                   1 
_pdbx_struct_assembly.details              author_defined_assembly 
_pdbx_struct_assembly.method_details       ? 
_pdbx_struct_assembly.oligomeric_details   monomeric 
_pdbx_struct_assembly.oligomeric_count     1 
# 
_pdbx_struct_assembly_gen.assembly_id       1 
_pdbx_struct_assembly_gen.oper_expression   1 
_pdbx_struct_assembly_gen.asym_id_list      A,B,C,D,E 
# 
_pdbx_struct_oper_list.id                   1 
_pdbx_struct_oper_list.type                 'identity operation' 
_pdbx_struct_oper_list.name                 1_555 
_pdbx_struct_oper_list.symmetry_operation   x,y,z 
_pdbx_struct_oper_list.matrix[1][1]         1.0000000000 
_pdbx_struct_oper_list.matrix[1][2]         0.0000000000 
_pdbx_struct_oper_list.matrix[1][3]         0.0000000000 
_pdbx_struct_oper_list.vector[1]            0.0000000000 
_pdbx_struct_oper_list.matrix[2][1]         0.0000000000 
_pdbx_struct_oper_list.matrix[2][2]         1.0000000000 
_pdbx_struct_oper_list.matrix[2][3]         0.0000000000 
_pdbx_struct_oper_list.vector[2]            0.0000000000 
_pdbx_struct_oper_list.matrix[3][1]         0.0000000000 
_pdbx_struct_oper_list.matrix[3][2]         0.0000000000 
_pdbx_struct_oper_list.matrix[3][3]         1.0000000000 
_pdbx_struct_oper_list.vector[3]            0.0000000000 
# 
_struct_biol.id   1 
# 
loop_
_struct_conf.conf_type_id 
_struct_conf.id 
_struct_conf.pdbx_PDB_helix_id 
_struct_conf.beg_label_comp_id 
_struct_conf.beg_label_asym_id 
_struct_conf.beg_label_seq_id 
_struct_conf.pdbx_beg_PDB_ins_code 
_struct_conf.end_label_comp_id 
_struct_conf.end_label_asym_id 
_struct_conf.end_label_seq_id 
_struct_conf.pdbx_end_PDB_ins_code 
_struct_conf.beg_auth_comp_id 
_struct_conf.beg_auth_asym_id 
_struct_conf.beg_auth_seq_id 
_struct_conf.end_auth_comp_id 
_struct_conf.end_auth_asym_id 
_struct_conf.end_auth_seq_id 
_struct_conf.pdbx_PDB_helix_class 
_struct_conf.details 
_struct_conf.pdbx_PDB_helix_length 
HELX_P HELX_P1 1 ILE A 5   ? THR A 18  ? ILE A 5   THR A 18  1 ? 14 
HELX_P HELX_P2 2 LEU A 23  ? GLU A 26  ? LEU A 23  GLU A 26  5 ? 4  
HELX_P HELX_P3 3 ILE A 32  ? ALA A 35  ? ILE A 32  ALA A 35  5 ? 4  
HELX_P HELX_P4 4 THR A 40  ? GLU A 60  ? THR A 40  GLU A 60  1 ? 21 
HELX_P HELX_P5 5 THR A 69  ? GLY A 95  ? THR A 69  GLY A 95  1 ? 27 
HELX_P HELX_P6 6 LEU A 109 ? SER A 128 ? LEU A 109 SER A 128 1 ? 20 
# 
_struct_conf_type.id          HELX_P 
_struct_conf_type.criteria    ? 
_struct_conf_type.reference   ? 
# 
loop_
_struct_conn.id 
_struct_conn.conn_type_id 
_struct_conn.pdbx_leaving_atom_flag 
_struct_conn.pdbx_PDB_id 
_struct_conn.ptnr1_label_asym_id 
_struct_conn.ptnr1_label_comp_id 
_struct_conn.ptnr1_label_seq_id 
_struct_conn.ptnr1_label_atom_id 
_struct_conn.pdbx_ptnr1_label_alt_id 
_struct_conn.pdbx_ptnr1_PDB_ins_code 
_struct_conn.pdbx_ptnr1_standard_comp_id 
_struct_conn.ptnr1_symmetry 
_struct_conn.ptnr2_label_asym_id 
_struct_conn.ptnr2_label_comp_id 
_struct_conn.ptnr2_label_seq_id 
_struct_conn.ptnr2_label_atom_id 
_struct_conn.pdbx_ptnr2_label_alt_id 
_struct_conn.pdbx_ptnr2_PDB_ins_code 
_struct_conn.ptnr1_auth_asym_id 
_struct_conn.ptnr1_auth_comp_id 
_struct_conn.ptnr1_auth_seq_id 
_struct_conn.ptnr2_auth_asym_id 
_struct_conn.ptnr2_auth_comp_id 
_struct_conn.ptnr2_auth_seq_id 
_struct_conn.ptnr2_symmetry 
_struct_conn.pdbx_ptnr3_label_atom_id 
_struct_conn.pdbx_ptnr3_label_seq_id 
_struct_conn.pdbx_ptnr3_label_comp_id 
_struct_conn.pdbx_ptnr3_label_asym_id 
_struct_conn.pdbx_ptnr3_label_alt_id 
_struct_conn.pdbx_ptnr3_PDB_ins_code 
_struct_conn.details 
_struct_conn.pdbx_dist_value 
_struct_conn.pdbx_value_order 
_struct_conn.pdbx_role 
disulf1 disulf ? ? A CYS 3  SG ? ? ? 1_555 A CYS 127 SG ? ? A CYS 3  A CYS 127 1_555 ? ? ? ? ? ? ? 2.043 ? ? 
disulf2 disulf ? ? A CYS 24 SG ? ? ? 1_555 A CYS 65  SG ? ? A CYS 24 A CYS 65  1_555 ? ? ? ? ? ? ? 2.169 ? ? 
disulf3 disulf ? ? A CYS 46 SG ? ? ? 1_555 A CYS 99  SG ? ? A CYS 46 A CYS 99  1_555 ? ? ? ? ? ? ? 2.042 ? ? 
# 
_struct_conn_type.id          disulf 
_struct_conn_type.criteria    ? 
_struct_conn_type.reference   ? 
# 
loop_
_pdbx_modification_feature.ordinal 
_pdbx_modification_feature.label_comp_id 
_pdbx_modification_feature.label_asym_id 
_pdbx_modification_feature.label_seq_id 
_pdbx_modification_feature.label_alt_id 
_pdbx_modification_feature.modified_residue_label_comp_id 
_pdbx_modification_feature.modified_residue_label_asym_id 
_pdbx_modification_feature.modified_residue_label_seq_id 
_pdbx_modification_feature.modified_residue_label_alt_id 
_pdbx_modification_feature.auth_comp_id 
_pdbx_modification_feature.auth_asym_id 
_pdbx_modification_feature.auth_seq_id 
_pdbx_modification_feature.PDB_ins_code 
_pdbx_modification_feature.symmetry 
_pdbx_modification_feature.modified_residue_auth_comp_id 
_pdbx_modification_feature.modified_residue_auth_asym_id 
_pdbx_modification_feature.modified_residue_auth_seq_id 
_pdbx_modification_feature.modified_residue_PDB_ins_code 
_pdbx_modification_feature.modified_residue_symmetry 
_pdbx_modification_feature.comp_id_linking_atom 
_pdbx_modification_feature.modified_residue_id_linking_atom 
_pdbx_modification_feature.modified_residue_id 
_pdbx_modification_feature.ref_pcm_id 
_pdbx_modification_feature.ref_comp_id 
_pdbx_modification_feature.type 
_pdbx_modification_feature.category 
1 CYS A 3  ? CYS A 127 ? CYS A 3  ? 1_555 CYS A 127 ? 1_555 SG SG . . . None 'Disulfide bridge' 
2 CYS A 24 ? CYS A 65  ? CYS A 24 ? 1_555 CYS A 65  ? 1_555 SG SG . . . None 'Disulfide bridge' 
3 CYS A 46 ? CYS A 99  ? CYS A 46 ? 1_555 CYS A 99  ? 1_555 SG SG . . . None 'Disulfide bridge' 
# 
_struct_sheet.id               A 
_struct_sheet.type             ? 
_struct_sheet.number_strands   2 
_struct_sheet.details          ? 
# 
_struct_sheet_order.sheet_id     A 
_struct_sheet_order.range_id_1   1 
_struct_sheet_order.range_id_2   2 
_struct_sheet_order.offset       ? 
_struct_sheet_order.sense        anti-parallel 
# 
loop_
_struct_sheet_range.sheet_id 
_struct_sheet_range.id 
_struct_sheet_range.beg_label_comp_id 
_struct_sheet_range.beg_label_asym_id 
_struct_sheet_range.beg_label_seq_id 
_struct_sheet_range.pdbx_beg_PDB_ins_code 
_struct_sheet_range.end_label_comp_id 
_struct_sheet_range.end_label_asym_id 
_struct_sheet_range.end_label_seq_id 
_struct_sheet_range.pdbx_end_PDB_ins_code 
_struct_sheet_range.beg_auth_comp_id 
_struct_sheet_range.beg_auth_asym_id 
_struct_sheet_range.beg_auth_seq_id 
_struct_sheet_range.end_auth_comp_id 
_struct_sheet_range.end_auth_asym_id 
_struct_sheet_range.end_auth_seq_id 
A 1 THR A 28  ? THR A 30  ? THR A 28  THR A 30  
A 2 GLN A 106 ? THR A 108 ? GLN A 106 THR A 108 
# 
_pdbx_struct_sheet_hbond.sheet_id                A 
_pdbx_struct_sheet_hbond.range_id_1              1 
_pdbx_struct_sheet_hbond.range_id_2              2 
_pdbx_struct_sheet_hbond.range_1_label_atom_id   N 
_pdbx_struct_sheet_hbond.range_1_label_comp_id   VAL 
_pdbx_struct_sheet_hbond.range_1_label_asym_id   A 
_pdbx_struct_sheet_hbond.range_1_label_seq_id    29 
_pdbx_struct_sheet_hbond.range_1_PDB_ins_code    ? 
_pdbx_struct_sheet_hbond.range_1_auth_atom_id    N 
_pdbx_struct_sheet_hbond.range_1_auth_comp_id    VAL 
_pdbx_struct_sheet_hbond.range_1_auth_asym_id    A 
_pdbx_struct_sheet_hbond.range_1_auth_seq_id     29 
_pdbx_struct_sheet_hbond.range_2_label_atom_id   O 
_pdbx_struct_sheet_hbond.range_2_label_comp_id   SER 
_pdbx_struct_sheet_hbond.range_2_label_asym_id   A 
_pdbx_struct_sheet_hbond.range_2_label_seq_id    107 
_pdbx_struct_sheet_hbond.range_2_PDB_ins_code    ? 
_pdbx_struct_sheet_hbond.range_2_auth_atom_id    O 
_pdbx_struct_sheet_hbond.range_2_auth_comp_id    SER 
_pdbx_struct_sheet_hbond.range_2_auth_asym_id    A 
_pdbx_struct_sheet_hbond.range_2_auth_seq_id     107 
# 
loop_
_struct_site.id 
_struct_site.pdbx_evidence_code 
_struct_site.pdbx_auth_asym_id 
_struct_site.pdbx_auth_comp_id 
_struct_site.pdbx_auth_seq_id 
_struct_site.pdbx_auth_ins_code 
_struct_site.pdbx_num_residues 
_struct_site.details 
AC1 Software A SO4 1001 ? 8 'BINDING SITE FOR RESIDUE SO4 A 1001' 
AC2 Software A SO4 1002 ? 5 'BINDING SITE FOR RESIDUE SO4 A 1002' 
AC3 Software A SO4 1003 ? 3 'BINDING SITE FOR RESIDUE SO4 A 1003' 
# 
loop_
_struct_site_gen.id 
_struct_site_gen.site_id 
_struct_site_gen.pdbx_num_res 
_struct_site_gen.label_comp_id 
_struct_site_gen.label_asym_id 
_struct_site_gen.label_seq_id 
_struct_site_gen.pdbx_auth_ins_code 
_struct_site_gen.auth_comp_id 
_struct_site_gen.auth_asym_id 
_struct_site_gen.auth_seq_id 
_struct_site_gen.label_atom_id 
_struct_site_gen.label_alt_id 
_struct_site_gen.symmetry 
_struct_site_gen.details 
1  AC1 8 ARG A 53 ? ARG A 53   . ? 4_454 ? 
2  AC1 8 TYR A 56 ? TYR A 56   . ? 4_454 ? 
3  AC1 8 LYS A 61 ? LYS A 61   . ? 1_555 ? 
4  AC1 8 ASP A 62 ? ASP A 62   . ? 1_555 ? 
5  AC1 8 THR A 63 ? THR A 63   . ? 1_555 ? 
6  AC1 8 HOH E .  ? HOH A 1065 . ? 1_555 ? 
7  AC1 8 HOH E .  ? HOH A 1102 . ? 1_555 ? 
8  AC1 8 HOH E .  ? HOH A 1116 . ? 4_454 ? 
9  AC2 5 HIS A 59 ? HIS A 59   . ? 1_555 ? 
10 AC2 5 ARG A 64 ? ARG A 64   . ? 1_555 ? 
11 AC2 5 HOH E .  ? HOH A 1011 . ? 1_555 ? 
12 AC2 5 HOH E .  ? HOH A 1036 . ? 1_555 ? 
13 AC2 5 HOH E .  ? HOH A 1037 . ? 1_555 ? 
14 AC3 3 PHE A 82 ? PHE A 82   . ? 1_555 ? 
15 AC3 3 ARG A 85 ? ARG A 85   . ? 1_555 ? 
16 AC3 3 HOH E .  ? HOH A 1111 . ? 1_555 ? 
# 
_pdbx_entry_details.entry_id                   2D48 
_pdbx_entry_details.compound_details           ? 
_pdbx_entry_details.source_details             ? 
_pdbx_entry_details.nonpolymer_details         ? 
_pdbx_entry_details.sequence_details           ? 
_pdbx_entry_details.has_ligand_of_interest     ? 
_pdbx_entry_details.has_protein_modification   Y 
# 
loop_
_pdbx_validate_close_contact.id 
_pdbx_validate_close_contact.PDB_model_num 
_pdbx_validate_close_contact.auth_atom_id_1 
_pdbx_validate_close_contact.auth_asym_id_1 
_pdbx_validate_close_contact.auth_comp_id_1 
_pdbx_validate_close_contact.auth_seq_id_1 
_pdbx_validate_close_contact.PDB_ins_code_1 
_pdbx_validate_close_contact.label_alt_id_1 
_pdbx_validate_close_contact.auth_atom_id_2 
_pdbx_validate_close_contact.auth_asym_id_2 
_pdbx_validate_close_contact.auth_comp_id_2 
_pdbx_validate_close_contact.auth_seq_id_2 
_pdbx_validate_close_contact.PDB_ins_code_2 
_pdbx_validate_close_contact.label_alt_id_2 
_pdbx_validate_close_contact.dist 
1 1 O   A HOH 1069 ? ? O A HOH 1091 ? ? 1.72 
2 1 ND2 A ASN 97   ? ? O A HOH 1124 ? ? 2.07 
3 1 NE2 A HIS 1    ? ? O A HOH 1073 ? ? 2.13 
4 1 O4  A SO4 1002 ? ? O A HOH 1036 ? ? 2.18 
# 
loop_
_pdbx_validate_symm_contact.id 
_pdbx_validate_symm_contact.PDB_model_num 
_pdbx_validate_symm_contact.auth_atom_id_1 
_pdbx_validate_symm_contact.auth_asym_id_1 
_pdbx_validate_symm_contact.auth_comp_id_1 
_pdbx_validate_symm_contact.auth_seq_id_1 
_pdbx_validate_symm_contact.PDB_ins_code_1 
_pdbx_validate_symm_contact.label_alt_id_1 
_pdbx_validate_symm_contact.site_symmetry_1 
_pdbx_validate_symm_contact.auth_atom_id_2 
_pdbx_validate_symm_contact.auth_asym_id_2 
_pdbx_validate_symm_contact.auth_comp_id_2 
_pdbx_validate_symm_contact.auth_seq_id_2 
_pdbx_validate_symm_contact.PDB_ins_code_2 
_pdbx_validate_symm_contact.label_alt_id_2 
_pdbx_validate_symm_contact.site_symmetry_2 
_pdbx_validate_symm_contact.dist 
1 1 O  A HOH 1012 ? ? 1_555 O   A HOH 1093 ? ? 3_555 1.58 
2 1 C  A PHE 33   ? ? 1_555 NH2 A ARG 115  ? ? 7_554 2.02 
3 1 O  A PHE 33   ? ? 1_555 NH2 A ARG 115  ? ? 7_554 2.09 
4 1 OG A SER 36   ? ? 1_555 NZ  A LYS 123  ? ? 7_554 2.11 
# 
_pdbx_validate_rmsd_angle.id                         1 
_pdbx_validate_rmsd_angle.PDB_model_num              1 
_pdbx_validate_rmsd_angle.auth_atom_id_1             NE 
_pdbx_validate_rmsd_angle.auth_asym_id_1             A 
_pdbx_validate_rmsd_angle.auth_comp_id_1             ARG 
_pdbx_validate_rmsd_angle.auth_seq_id_1              115 
_pdbx_validate_rmsd_angle.PDB_ins_code_1             ? 
_pdbx_validate_rmsd_angle.label_alt_id_1             ? 
_pdbx_validate_rmsd_angle.auth_atom_id_2             CZ 
_pdbx_validate_rmsd_angle.auth_asym_id_2             A 
_pdbx_validate_rmsd_angle.auth_comp_id_2             ARG 
_pdbx_validate_rmsd_angle.auth_seq_id_2              115 
_pdbx_validate_rmsd_angle.PDB_ins_code_2             ? 
_pdbx_validate_rmsd_angle.label_alt_id_2             ? 
_pdbx_validate_rmsd_angle.auth_atom_id_3             NH1 
_pdbx_validate_rmsd_angle.auth_asym_id_3             A 
_pdbx_validate_rmsd_angle.auth_comp_id_3             ARG 
_pdbx_validate_rmsd_angle.auth_seq_id_3              115 
_pdbx_validate_rmsd_angle.PDB_ins_code_3             ? 
_pdbx_validate_rmsd_angle.label_alt_id_3             ? 
_pdbx_validate_rmsd_angle.angle_value                123.86 
_pdbx_validate_rmsd_angle.angle_target_value         120.30 
_pdbx_validate_rmsd_angle.angle_deviation            3.56 
_pdbx_validate_rmsd_angle.angle_standard_deviation   0.50 
_pdbx_validate_rmsd_angle.linker_flag                N 
# 
loop_
_pdbx_validate_torsion.id 
_pdbx_validate_torsion.PDB_model_num 
_pdbx_validate_torsion.auth_comp_id 
_pdbx_validate_torsion.auth_asym_id 
_pdbx_validate_torsion.auth_seq_id 
_pdbx_validate_torsion.PDB_ins_code 
_pdbx_validate_torsion.label_alt_id 
_pdbx_validate_torsion.phi 
_pdbx_validate_torsion.psi 
1 1 SER A 36 ? ? -70.47  22.94 
2 1 ASN A 38 ? ? -106.09 76.41 
# 
_pdbx_refine_tls.id               1 
_pdbx_refine_tls.details          ? 
_pdbx_refine_tls.method           refined 
_pdbx_refine_tls.origin_x         -0.0206 
_pdbx_refine_tls.origin_y         0.3830 
_pdbx_refine_tls.origin_z         -0.1357 
_pdbx_refine_tls.T[1][1]          0.0364 
_pdbx_refine_tls.T[2][2]          0.0628 
_pdbx_refine_tls.T[3][3]          0.0617 
_pdbx_refine_tls.T[1][2]          -0.0435 
_pdbx_refine_tls.T[1][3]          0.0101 
_pdbx_refine_tls.T[2][3]          0.0130 
_pdbx_refine_tls.L[1][1]          0.8058 
_pdbx_refine_tls.L[2][2]          1.0051 
_pdbx_refine_tls.L[3][3]          4.9896 
_pdbx_refine_tls.L[1][2]          0.2417 
_pdbx_refine_tls.L[1][3]          0.1434 
_pdbx_refine_tls.L[2][3]          0.7474 
_pdbx_refine_tls.S[1][1]          0.0835 
_pdbx_refine_tls.S[1][2]          -0.0896 
_pdbx_refine_tls.S[1][3]          -0.1348 
_pdbx_refine_tls.S[2][1]          0.0812 
_pdbx_refine_tls.S[2][2]          -0.1142 
_pdbx_refine_tls.S[2][3]          0.0519 
_pdbx_refine_tls.S[3][1]          0.2574 
_pdbx_refine_tls.S[3][2]          -0.1148 
_pdbx_refine_tls.S[3][3]          0.0307 
_pdbx_refine_tls.pdbx_refine_id   'X-RAY DIFFRACTION' 
# 
_pdbx_refine_tls_group.id                  1 
_pdbx_refine_tls_group.refine_tls_id       1 
_pdbx_refine_tls_group.beg_auth_asym_id    A 
_pdbx_refine_tls_group.beg_auth_seq_id     1 
_pdbx_refine_tls_group.beg_label_asym_id   A 
_pdbx_refine_tls_group.beg_label_seq_id    1 
_pdbx_refine_tls_group.end_auth_asym_id    A 
_pdbx_refine_tls_group.end_auth_seq_id     129 
_pdbx_refine_tls_group.end_label_asym_id   A 
_pdbx_refine_tls_group.end_label_seq_id    129 
_pdbx_refine_tls_group.selection           ? 
_pdbx_refine_tls_group.pdbx_refine_id      'X-RAY DIFFRACTION' 
_pdbx_refine_tls_group.selection_details   ? 
# 
loop_
_chem_comp_atom.comp_id 
_chem_comp_atom.atom_id 
_chem_comp_atom.type_symbol 
_chem_comp_atom.pdbx_aromatic_flag 
_chem_comp_atom.pdbx_stereo_config 
_chem_comp_atom.pdbx_ordinal 
ALA N    N N N 1   
ALA CA   C N S 2   
ALA C    C N N 3   
ALA O    O N N 4   
ALA CB   C N N 5   
ALA OXT  O N N 6   
ALA H    H N N 7   
ALA H2   H N N 8   
ALA HA   H N N 9   
ALA HB1  H N N 10  
ALA HB2  H N N 11  
ALA HB3  H N N 12  
ALA HXT  H N N 13  
ARG N    N N N 14  
ARG CA   C N S 15  
ARG C    C N N 16  
ARG O    O N N 17  
ARG CB   C N N 18  
ARG CG   C N N 19  
ARG CD   C N N 20  
ARG NE   N N N 21  
ARG CZ   C N N 22  
ARG NH1  N N N 23  
ARG NH2  N N N 24  
ARG OXT  O N N 25  
ARG H    H N N 26  
ARG H2   H N N 27  
ARG HA   H N N 28  
ARG HB2  H N N 29  
ARG HB3  H N N 30  
ARG HG2  H N N 31  
ARG HG3  H N N 32  
ARG HD2  H N N 33  
ARG HD3  H N N 34  
ARG HE   H N N 35  
ARG HH11 H N N 36  
ARG HH12 H N N 37  
ARG HH21 H N N 38  
ARG HH22 H N N 39  
ARG HXT  H N N 40  
ASN N    N N N 41  
ASN CA   C N S 42  
ASN C    C N N 43  
ASN O    O N N 44  
ASN CB   C N N 45  
ASN CG   C N N 46  
ASN OD1  O N N 47  
ASN ND2  N N N 48  
ASN OXT  O N N 49  
ASN H    H N N 50  
ASN H2   H N N 51  
ASN HA   H N N 52  
ASN HB2  H N N 53  
ASN HB3  H N N 54  
ASN HD21 H N N 55  
ASN HD22 H N N 56  
ASN HXT  H N N 57  
ASP N    N N N 58  
ASP CA   C N S 59  
ASP C    C N N 60  
ASP O    O N N 61  
ASP CB   C N N 62  
ASP CG   C N N 63  
ASP OD1  O N N 64  
ASP OD2  O N N 65  
ASP OXT  O N N 66  
ASP H    H N N 67  
ASP H2   H N N 68  
ASP HA   H N N 69  
ASP HB2  H N N 70  
ASP HB3  H N N 71  
ASP HD2  H N N 72  
ASP HXT  H N N 73  
CYS N    N N N 74  
CYS CA   C N R 75  
CYS C    C N N 76  
CYS O    O N N 77  
CYS CB   C N N 78  
CYS SG   S N N 79  
CYS OXT  O N N 80  
CYS H    H N N 81  
CYS H2   H N N 82  
CYS HA   H N N 83  
CYS HB2  H N N 84  
CYS HB3  H N N 85  
CYS HG   H N N 86  
CYS HXT  H N N 87  
GLN N    N N N 88  
GLN CA   C N S 89  
GLN C    C N N 90  
GLN O    O N N 91  
GLN CB   C N N 92  
GLN CG   C N N 93  
GLN CD   C N N 94  
GLN OE1  O N N 95  
GLN NE2  N N N 96  
GLN OXT  O N N 97  
GLN H    H N N 98  
GLN H2   H N N 99  
GLN HA   H N N 100 
GLN HB2  H N N 101 
GLN HB3  H N N 102 
GLN HG2  H N N 103 
GLN HG3  H N N 104 
GLN HE21 H N N 105 
GLN HE22 H N N 106 
GLN HXT  H N N 107 
GLU N    N N N 108 
GLU CA   C N S 109 
GLU C    C N N 110 
GLU O    O N N 111 
GLU CB   C N N 112 
GLU CG   C N N 113 
GLU CD   C N N 114 
GLU OE1  O N N 115 
GLU OE2  O N N 116 
GLU OXT  O N N 117 
GLU H    H N N 118 
GLU H2   H N N 119 
GLU HA   H N N 120 
GLU HB2  H N N 121 
GLU HB3  H N N 122 
GLU HG2  H N N 123 
GLU HG3  H N N 124 
GLU HE2  H N N 125 
GLU HXT  H N N 126 
GLY N    N N N 127 
GLY CA   C N N 128 
GLY C    C N N 129 
GLY O    O N N 130 
GLY OXT  O N N 131 
GLY H    H N N 132 
GLY H2   H N N 133 
GLY HA2  H N N 134 
GLY HA3  H N N 135 
GLY HXT  H N N 136 
HIS N    N N N 137 
HIS CA   C N S 138 
HIS C    C N N 139 
HIS O    O N N 140 
HIS CB   C N N 141 
HIS CG   C Y N 142 
HIS ND1  N Y N 143 
HIS CD2  C Y N 144 
HIS CE1  C Y N 145 
HIS NE2  N Y N 146 
HIS OXT  O N N 147 
HIS H    H N N 148 
HIS H2   H N N 149 
HIS HA   H N N 150 
HIS HB2  H N N 151 
HIS HB3  H N N 152 
HIS HD1  H N N 153 
HIS HD2  H N N 154 
HIS HE1  H N N 155 
HIS HE2  H N N 156 
HIS HXT  H N N 157 
HOH O    O N N 158 
HOH H1   H N N 159 
HOH H2   H N N 160 
ILE N    N N N 161 
ILE CA   C N S 162 
ILE C    C N N 163 
ILE O    O N N 164 
ILE CB   C N S 165 
ILE CG1  C N N 166 
ILE CG2  C N N 167 
ILE CD1  C N N 168 
ILE OXT  O N N 169 
ILE H    H N N 170 
ILE H2   H N N 171 
ILE HA   H N N 172 
ILE HB   H N N 173 
ILE HG12 H N N 174 
ILE HG13 H N N 175 
ILE HG21 H N N 176 
ILE HG22 H N N 177 
ILE HG23 H N N 178 
ILE HD11 H N N 179 
ILE HD12 H N N 180 
ILE HD13 H N N 181 
ILE HXT  H N N 182 
LEU N    N N N 183 
LEU CA   C N S 184 
LEU C    C N N 185 
LEU O    O N N 186 
LEU CB   C N N 187 
LEU CG   C N N 188 
LEU CD1  C N N 189 
LEU CD2  C N N 190 
LEU OXT  O N N 191 
LEU H    H N N 192 
LEU H2   H N N 193 
LEU HA   H N N 194 
LEU HB2  H N N 195 
LEU HB3  H N N 196 
LEU HG   H N N 197 
LEU HD11 H N N 198 
LEU HD12 H N N 199 
LEU HD13 H N N 200 
LEU HD21 H N N 201 
LEU HD22 H N N 202 
LEU HD23 H N N 203 
LEU HXT  H N N 204 
LYS N    N N N 205 
LYS CA   C N S 206 
LYS C    C N N 207 
LYS O    O N N 208 
LYS CB   C N N 209 
LYS CG   C N N 210 
LYS CD   C N N 211 
LYS CE   C N N 212 
LYS NZ   N N N 213 
LYS OXT  O N N 214 
LYS H    H N N 215 
LYS H2   H N N 216 
LYS HA   H N N 217 
LYS HB2  H N N 218 
LYS HB3  H N N 219 
LYS HG2  H N N 220 
LYS HG3  H N N 221 
LYS HD2  H N N 222 
LYS HD3  H N N 223 
LYS HE2  H N N 224 
LYS HE3  H N N 225 
LYS HZ1  H N N 226 
LYS HZ2  H N N 227 
LYS HZ3  H N N 228 
LYS HXT  H N N 229 
MET N    N N N 230 
MET CA   C N S 231 
MET C    C N N 232 
MET O    O N N 233 
MET CB   C N N 234 
MET CG   C N N 235 
MET SD   S N N 236 
MET CE   C N N 237 
MET OXT  O N N 238 
MET H    H N N 239 
MET H2   H N N 240 
MET HA   H N N 241 
MET HB2  H N N 242 
MET HB3  H N N 243 
MET HG2  H N N 244 
MET HG3  H N N 245 
MET HE1  H N N 246 
MET HE2  H N N 247 
MET HE3  H N N 248 
MET HXT  H N N 249 
PHE N    N N N 250 
PHE CA   C N S 251 
PHE C    C N N 252 
PHE O    O N N 253 
PHE CB   C N N 254 
PHE CG   C Y N 255 
PHE CD1  C Y N 256 
PHE CD2  C Y N 257 
PHE CE1  C Y N 258 
PHE CE2  C Y N 259 
PHE CZ   C Y N 260 
PHE OXT  O N N 261 
PHE H    H N N 262 
PHE H2   H N N 263 
PHE HA   H N N 264 
PHE HB2  H N N 265 
PHE HB3  H N N 266 
PHE HD1  H N N 267 
PHE HD2  H N N 268 
PHE HE1  H N N 269 
PHE HE2  H N N 270 
PHE HZ   H N N 271 
PHE HXT  H N N 272 
PRO N    N N N 273 
PRO CA   C N S 274 
PRO C    C N N 275 
PRO O    O N N 276 
PRO CB   C N N 277 
PRO CG   C N N 278 
PRO CD   C N N 279 
PRO OXT  O N N 280 
PRO H    H N N 281 
PRO HA   H N N 282 
PRO HB2  H N N 283 
PRO HB3  H N N 284 
PRO HG2  H N N 285 
PRO HG3  H N N 286 
PRO HD2  H N N 287 
PRO HD3  H N N 288 
PRO HXT  H N N 289 
SER N    N N N 290 
SER CA   C N S 291 
SER C    C N N 292 
SER O    O N N 293 
SER CB   C N N 294 
SER OG   O N N 295 
SER OXT  O N N 296 
SER H    H N N 297 
SER H2   H N N 298 
SER HA   H N N 299 
SER HB2  H N N 300 
SER HB3  H N N 301 
SER HG   H N N 302 
SER HXT  H N N 303 
SO4 S    S N N 304 
SO4 O1   O N N 305 
SO4 O2   O N N 306 
SO4 O3   O N N 307 
SO4 O4   O N N 308 
THR N    N N N 309 
THR CA   C N S 310 
THR C    C N N 311 
THR O    O N N 312 
THR CB   C N R 313 
THR OG1  O N N 314 
THR CG2  C N N 315 
THR OXT  O N N 316 
THR H    H N N 317 
THR H2   H N N 318 
THR HA   H N N 319 
THR HB   H N N 320 
THR HG1  H N N 321 
THR HG21 H N N 322 
THR HG22 H N N 323 
THR HG23 H N N 324 
THR HXT  H N N 325 
TRP N    N N N 326 
TRP CA   C N S 327 
TRP C    C N N 328 
TRP O    O N N 329 
TRP CB   C N N 330 
TRP CG   C Y N 331 
TRP CD1  C Y N 332 
TRP CD2  C Y N 333 
TRP NE1  N Y N 334 
TRP CE2  C Y N 335 
TRP CE3  C Y N 336 
TRP CZ2  C Y N 337 
TRP CZ3  C Y N 338 
TRP CH2  C Y N 339 
TRP OXT  O N N 340 
TRP H    H N N 341 
TRP H2   H N N 342 
TRP HA   H N N 343 
TRP HB2  H N N 344 
TRP HB3  H N N 345 
TRP HD1  H N N 346 
TRP HE1  H N N 347 
TRP HE3  H N N 348 
TRP HZ2  H N N 349 
TRP HZ3  H N N 350 
TRP HH2  H N N 351 
TRP HXT  H N N 352 
TYR N    N N N 353 
TYR CA   C N S 354 
TYR C    C N N 355 
TYR O    O N N 356 
TYR CB   C N N 357 
TYR CG   C Y N 358 
TYR CD1  C Y N 359 
TYR CD2  C Y N 360 
TYR CE1  C Y N 361 
TYR CE2  C Y N 362 
TYR CZ   C Y N 363 
TYR OH   O N N 364 
TYR OXT  O N N 365 
TYR H    H N N 366 
TYR H2   H N N 367 
TYR HA   H N N 368 
TYR HB2  H N N 369 
TYR HB3  H N N 370 
TYR HD1  H N N 371 
TYR HD2  H N N 372 
TYR HE1  H N N 373 
TYR HE2  H N N 374 
TYR HH   H N N 375 
TYR HXT  H N N 376 
VAL N    N N N 377 
VAL CA   C N S 378 
VAL C    C N N 379 
VAL O    O N N 380 
VAL CB   C N N 381 
VAL CG1  C N N 382 
VAL CG2  C N N 383 
VAL OXT  O N N 384 
VAL H    H N N 385 
VAL H2   H N N 386 
VAL HA   H N N 387 
VAL HB   H N N 388 
VAL HG11 H N N 389 
VAL HG12 H N N 390 
VAL HG13 H N N 391 
VAL HG21 H N N 392 
VAL HG22 H N N 393 
VAL HG23 H N N 394 
VAL HXT  H N N 395 
# 
loop_
_chem_comp_bond.comp_id 
_chem_comp_bond.atom_id_1 
_chem_comp_bond.atom_id_2 
_chem_comp_bond.value_order 
_chem_comp_bond.pdbx_aromatic_flag 
_chem_comp_bond.pdbx_stereo_config 
_chem_comp_bond.pdbx_ordinal 
ALA N   CA   sing N N 1   
ALA N   H    sing N N 2   
ALA N   H2   sing N N 3   
ALA CA  C    sing N N 4   
ALA CA  CB   sing N N 5   
ALA CA  HA   sing N N 6   
ALA C   O    doub N N 7   
ALA C   OXT  sing N N 8   
ALA CB  HB1  sing N N 9   
ALA CB  HB2  sing N N 10  
ALA CB  HB3  sing N N 11  
ALA OXT HXT  sing N N 12  
ARG N   CA   sing N N 13  
ARG N   H    sing N N 14  
ARG N   H2   sing N N 15  
ARG CA  C    sing N N 16  
ARG CA  CB   sing N N 17  
ARG CA  HA   sing N N 18  
ARG C   O    doub N N 19  
ARG C   OXT  sing N N 20  
ARG CB  CG   sing N N 21  
ARG CB  HB2  sing N N 22  
ARG CB  HB3  sing N N 23  
ARG CG  CD   sing N N 24  
ARG CG  HG2  sing N N 25  
ARG CG  HG3  sing N N 26  
ARG CD  NE   sing N N 27  
ARG CD  HD2  sing N N 28  
ARG CD  HD3  sing N N 29  
ARG NE  CZ   sing N N 30  
ARG NE  HE   sing N N 31  
ARG CZ  NH1  sing N N 32  
ARG CZ  NH2  doub N N 33  
ARG NH1 HH11 sing N N 34  
ARG NH1 HH12 sing N N 35  
ARG NH2 HH21 sing N N 36  
ARG NH2 HH22 sing N N 37  
ARG OXT HXT  sing N N 38  
ASN N   CA   sing N N 39  
ASN N   H    sing N N 40  
ASN N   H2   sing N N 41  
ASN CA  C    sing N N 42  
ASN CA  CB   sing N N 43  
ASN CA  HA   sing N N 44  
ASN C   O    doub N N 45  
ASN C   OXT  sing N N 46  
ASN CB  CG   sing N N 47  
ASN CB  HB2  sing N N 48  
ASN CB  HB3  sing N N 49  
ASN CG  OD1  doub N N 50  
ASN CG  ND2  sing N N 51  
ASN ND2 HD21 sing N N 52  
ASN ND2 HD22 sing N N 53  
ASN OXT HXT  sing N N 54  
ASP N   CA   sing N N 55  
ASP N   H    sing N N 56  
ASP N   H2   sing N N 57  
ASP CA  C    sing N N 58  
ASP CA  CB   sing N N 59  
ASP CA  HA   sing N N 60  
ASP C   O    doub N N 61  
ASP C   OXT  sing N N 62  
ASP CB  CG   sing N N 63  
ASP CB  HB2  sing N N 64  
ASP CB  HB3  sing N N 65  
ASP CG  OD1  doub N N 66  
ASP CG  OD2  sing N N 67  
ASP OD2 HD2  sing N N 68  
ASP OXT HXT  sing N N 69  
CYS N   CA   sing N N 70  
CYS N   H    sing N N 71  
CYS N   H2   sing N N 72  
CYS CA  C    sing N N 73  
CYS CA  CB   sing N N 74  
CYS CA  HA   sing N N 75  
CYS C   O    doub N N 76  
CYS C   OXT  sing N N 77  
CYS CB  SG   sing N N 78  
CYS CB  HB2  sing N N 79  
CYS CB  HB3  sing N N 80  
CYS SG  HG   sing N N 81  
CYS OXT HXT  sing N N 82  
GLN N   CA   sing N N 83  
GLN N   H    sing N N 84  
GLN N   H2   sing N N 85  
GLN CA  C    sing N N 86  
GLN CA  CB   sing N N 87  
GLN CA  HA   sing N N 88  
GLN C   O    doub N N 89  
GLN C   OXT  sing N N 90  
GLN CB  CG   sing N N 91  
GLN CB  HB2  sing N N 92  
GLN CB  HB3  sing N N 93  
GLN CG  CD   sing N N 94  
GLN CG  HG2  sing N N 95  
GLN CG  HG3  sing N N 96  
GLN CD  OE1  doub N N 97  
GLN CD  NE2  sing N N 98  
GLN NE2 HE21 sing N N 99  
GLN NE2 HE22 sing N N 100 
GLN OXT HXT  sing N N 101 
GLU N   CA   sing N N 102 
GLU N   H    sing N N 103 
GLU N   H2   sing N N 104 
GLU CA  C    sing N N 105 
GLU CA  CB   sing N N 106 
GLU CA  HA   sing N N 107 
GLU C   O    doub N N 108 
GLU C   OXT  sing N N 109 
GLU CB  CG   sing N N 110 
GLU CB  HB2  sing N N 111 
GLU CB  HB3  sing N N 112 
GLU CG  CD   sing N N 113 
GLU CG  HG2  sing N N 114 
GLU CG  HG3  sing N N 115 
GLU CD  OE1  doub N N 116 
GLU CD  OE2  sing N N 117 
GLU OE2 HE2  sing N N 118 
GLU OXT HXT  sing N N 119 
GLY N   CA   sing N N 120 
GLY N   H    sing N N 121 
GLY N   H2   sing N N 122 
GLY CA  C    sing N N 123 
GLY CA  HA2  sing N N 124 
GLY CA  HA3  sing N N 125 
GLY C   O    doub N N 126 
GLY C   OXT  sing N N 127 
GLY OXT HXT  sing N N 128 
HIS N   CA   sing N N 129 
HIS N   H    sing N N 130 
HIS N   H2   sing N N 131 
HIS CA  C    sing N N 132 
HIS CA  CB   sing N N 133 
HIS CA  HA   sing N N 134 
HIS C   O    doub N N 135 
HIS C   OXT  sing N N 136 
HIS CB  CG   sing N N 137 
HIS CB  HB2  sing N N 138 
HIS CB  HB3  sing N N 139 
HIS CG  ND1  sing Y N 140 
HIS CG  CD2  doub Y N 141 
HIS ND1 CE1  doub Y N 142 
HIS ND1 HD1  sing N N 143 
HIS CD2 NE2  sing Y N 144 
HIS CD2 HD2  sing N N 145 
HIS CE1 NE2  sing Y N 146 
HIS CE1 HE1  sing N N 147 
HIS NE2 HE2  sing N N 148 
HIS OXT HXT  sing N N 149 
HOH O   H1   sing N N 150 
HOH O   H2   sing N N 151 
ILE N   CA   sing N N 152 
ILE N   H    sing N N 153 
ILE N   H2   sing N N 154 
ILE CA  C    sing N N 155 
ILE CA  CB   sing N N 156 
ILE CA  HA   sing N N 157 
ILE C   O    doub N N 158 
ILE C   OXT  sing N N 159 
ILE CB  CG1  sing N N 160 
ILE CB  CG2  sing N N 161 
ILE CB  HB   sing N N 162 
ILE CG1 CD1  sing N N 163 
ILE CG1 HG12 sing N N 164 
ILE CG1 HG13 sing N N 165 
ILE CG2 HG21 sing N N 166 
ILE CG2 HG22 sing N N 167 
ILE CG2 HG23 sing N N 168 
ILE CD1 HD11 sing N N 169 
ILE CD1 HD12 sing N N 170 
ILE CD1 HD13 sing N N 171 
ILE OXT HXT  sing N N 172 
LEU N   CA   sing N N 173 
LEU N   H    sing N N 174 
LEU N   H2   sing N N 175 
LEU CA  C    sing N N 176 
LEU CA  CB   sing N N 177 
LEU CA  HA   sing N N 178 
LEU C   O    doub N N 179 
LEU C   OXT  sing N N 180 
LEU CB  CG   sing N N 181 
LEU CB  HB2  sing N N 182 
LEU CB  HB3  sing N N 183 
LEU CG  CD1  sing N N 184 
LEU CG  CD2  sing N N 185 
LEU CG  HG   sing N N 186 
LEU CD1 HD11 sing N N 187 
LEU CD1 HD12 sing N N 188 
LEU CD1 HD13 sing N N 189 
LEU CD2 HD21 sing N N 190 
LEU CD2 HD22 sing N N 191 
LEU CD2 HD23 sing N N 192 
LEU OXT HXT  sing N N 193 
LYS N   CA   sing N N 194 
LYS N   H    sing N N 195 
LYS N   H2   sing N N 196 
LYS CA  C    sing N N 197 
LYS CA  CB   sing N N 198 
LYS CA  HA   sing N N 199 
LYS C   O    doub N N 200 
LYS C   OXT  sing N N 201 
LYS CB  CG   sing N N 202 
LYS CB  HB2  sing N N 203 
LYS CB  HB3  sing N N 204 
LYS CG  CD   sing N N 205 
LYS CG  HG2  sing N N 206 
LYS CG  HG3  sing N N 207 
LYS CD  CE   sing N N 208 
LYS CD  HD2  sing N N 209 
LYS CD  HD3  sing N N 210 
LYS CE  NZ   sing N N 211 
LYS CE  HE2  sing N N 212 
LYS CE  HE3  sing N N 213 
LYS NZ  HZ1  sing N N 214 
LYS NZ  HZ2  sing N N 215 
LYS NZ  HZ3  sing N N 216 
LYS OXT HXT  sing N N 217 
MET N   CA   sing N N 218 
MET N   H    sing N N 219 
MET N   H2   sing N N 220 
MET CA  C    sing N N 221 
MET CA  CB   sing N N 222 
MET CA  HA   sing N N 223 
MET C   O    doub N N 224 
MET C   OXT  sing N N 225 
MET CB  CG   sing N N 226 
MET CB  HB2  sing N N 227 
MET CB  HB3  sing N N 228 
MET CG  SD   sing N N 229 
MET CG  HG2  sing N N 230 
MET CG  HG3  sing N N 231 
MET SD  CE   sing N N 232 
MET CE  HE1  sing N N 233 
MET CE  HE2  sing N N 234 
MET CE  HE3  sing N N 235 
MET OXT HXT  sing N N 236 
PHE N   CA   sing N N 237 
PHE N   H    sing N N 238 
PHE N   H2   sing N N 239 
PHE CA  C    sing N N 240 
PHE CA  CB   sing N N 241 
PHE CA  HA   sing N N 242 
PHE C   O    doub N N 243 
PHE C   OXT  sing N N 244 
PHE CB  CG   sing N N 245 
PHE CB  HB2  sing N N 246 
PHE CB  HB3  sing N N 247 
PHE CG  CD1  doub Y N 248 
PHE CG  CD2  sing Y N 249 
PHE CD1 CE1  sing Y N 250 
PHE CD1 HD1  sing N N 251 
PHE CD2 CE2  doub Y N 252 
PHE CD2 HD2  sing N N 253 
PHE CE1 CZ   doub Y N 254 
PHE CE1 HE1  sing N N 255 
PHE CE2 CZ   sing Y N 256 
PHE CE2 HE2  sing N N 257 
PHE CZ  HZ   sing N N 258 
PHE OXT HXT  sing N N 259 
PRO N   CA   sing N N 260 
PRO N   CD   sing N N 261 
PRO N   H    sing N N 262 
PRO CA  C    sing N N 263 
PRO CA  CB   sing N N 264 
PRO CA  HA   sing N N 265 
PRO C   O    doub N N 266 
PRO C   OXT  sing N N 267 
PRO CB  CG   sing N N 268 
PRO CB  HB2  sing N N 269 
PRO CB  HB3  sing N N 270 
PRO CG  CD   sing N N 271 
PRO CG  HG2  sing N N 272 
PRO CG  HG3  sing N N 273 
PRO CD  HD2  sing N N 274 
PRO CD  HD3  sing N N 275 
PRO OXT HXT  sing N N 276 
SER N   CA   sing N N 277 
SER N   H    sing N N 278 
SER N   H2   sing N N 279 
SER CA  C    sing N N 280 
SER CA  CB   sing N N 281 
SER CA  HA   sing N N 282 
SER C   O    doub N N 283 
SER C   OXT  sing N N 284 
SER CB  OG   sing N N 285 
SER CB  HB2  sing N N 286 
SER CB  HB3  sing N N 287 
SER OG  HG   sing N N 288 
SER OXT HXT  sing N N 289 
SO4 S   O1   doub N N 290 
SO4 S   O2   doub N N 291 
SO4 S   O3   sing N N 292 
SO4 S   O4   sing N N 293 
THR N   CA   sing N N 294 
THR N   H    sing N N 295 
THR N   H2   sing N N 296 
THR CA  C    sing N N 297 
THR CA  CB   sing N N 298 
THR CA  HA   sing N N 299 
THR C   O    doub N N 300 
THR C   OXT  sing N N 301 
THR CB  OG1  sing N N 302 
THR CB  CG2  sing N N 303 
THR CB  HB   sing N N 304 
THR OG1 HG1  sing N N 305 
THR CG2 HG21 sing N N 306 
THR CG2 HG22 sing N N 307 
THR CG2 HG23 sing N N 308 
THR OXT HXT  sing N N 309 
TRP N   CA   sing N N 310 
TRP N   H    sing N N 311 
TRP N   H2   sing N N 312 
TRP CA  C    sing N N 313 
TRP CA  CB   sing N N 314 
TRP CA  HA   sing N N 315 
TRP C   O    doub N N 316 
TRP C   OXT  sing N N 317 
TRP CB  CG   sing N N 318 
TRP CB  HB2  sing N N 319 
TRP CB  HB3  sing N N 320 
TRP CG  CD1  doub Y N 321 
TRP CG  CD2  sing Y N 322 
TRP CD1 NE1  sing Y N 323 
TRP CD1 HD1  sing N N 324 
TRP CD2 CE2  doub Y N 325 
TRP CD2 CE3  sing Y N 326 
TRP NE1 CE2  sing Y N 327 
TRP NE1 HE1  sing N N 328 
TRP CE2 CZ2  sing Y N 329 
TRP CE3 CZ3  doub Y N 330 
TRP CE3 HE3  sing N N 331 
TRP CZ2 CH2  doub Y N 332 
TRP CZ2 HZ2  sing N N 333 
TRP CZ3 CH2  sing Y N 334 
TRP CZ3 HZ3  sing N N 335 
TRP CH2 HH2  sing N N 336 
TRP OXT HXT  sing N N 337 
TYR N   CA   sing N N 338 
TYR N   H    sing N N 339 
TYR N   H2   sing N N 340 
TYR CA  C    sing N N 341 
TYR CA  CB   sing N N 342 
TYR CA  HA   sing N N 343 
TYR C   O    doub N N 344 
TYR C   OXT  sing N N 345 
TYR CB  CG   sing N N 346 
TYR CB  HB2  sing N N 347 
TYR CB  HB3  sing N N 348 
TYR CG  CD1  doub Y N 349 
TYR CG  CD2  sing Y N 350 
TYR CD1 CE1  sing Y N 351 
TYR CD1 HD1  sing N N 352 
TYR CD2 CE2  doub Y N 353 
TYR CD2 HD2  sing N N 354 
TYR CE1 CZ   doub Y N 355 
TYR CE1 HE1  sing N N 356 
TYR CE2 CZ   sing Y N 357 
TYR CE2 HE2  sing N N 358 
TYR CZ  OH   sing N N 359 
TYR OH  HH   sing N N 360 
TYR OXT HXT  sing N N 361 
VAL N   CA   sing N N 362 
VAL N   H    sing N N 363 
VAL N   H2   sing N N 364 
VAL CA  C    sing N N 365 
VAL CA  CB   sing N N 366 
VAL CA  HA   sing N N 367 
VAL C   O    doub N N 368 
VAL C   OXT  sing N N 369 
VAL CB  CG1  sing N N 370 
VAL CB  CG2  sing N N 371 
VAL CB  HB   sing N N 372 
VAL CG1 HG11 sing N N 373 
VAL CG1 HG12 sing N N 374 
VAL CG1 HG13 sing N N 375 
VAL CG2 HG21 sing N N 376 
VAL CG2 HG22 sing N N 377 
VAL CG2 HG23 sing N N 378 
VAL OXT HXT  sing N N 379 
# 
_pdbx_initial_refinement_model.id               1 
_pdbx_initial_refinement_model.entity_id_list   ? 
_pdbx_initial_refinement_model.type             'experimental model' 
_pdbx_initial_refinement_model.source_name      PDB 
_pdbx_initial_refinement_model.accession_code   1HIK 
_pdbx_initial_refinement_model.details          ? 
# 
_atom_sites.entry_id                    2D48 
_atom_sites.fract_transf_matrix[1][1]   0.00149483 
_atom_sites.fract_transf_matrix[1][2]   -0.00356933 
_atom_sites.fract_transf_matrix[1][3]   0.01034599 
_atom_sites.fract_transf_matrix[2][1]   0.01026226 
_atom_sites.fract_transf_matrix[2][2]   -0.00317168 
_atom_sites.fract_transf_matrix[2][3]   -0.00257695 
_atom_sites.fract_transf_matrix[3][1]   0.00750037 
_atom_sites.fract_transf_matrix[3][2]   0.01964265 
_atom_sites.fract_transf_matrix[3][3]   0.00569297 
_atom_sites.fract_transf_vector[1]      0.170391 
_atom_sites.fract_transf_vector[2]      0.326911 
_atom_sites.fract_transf_vector[3]      -0.313149 
# 
loop_
_atom_type.symbol 
C 
N 
O 
S 
# 
loop_
_atom_site.group_PDB 
_atom_site.id 
_atom_site.type_symbol 
_atom_site.label_atom_id 
_atom_site.label_alt_id 
_atom_site.label_comp_id 
_atom_site.label_asym_id 
_atom_site.label_entity_id 
_atom_site.label_seq_id 
_atom_site.pdbx_PDB_ins_code 
_atom_site.Cartn_x 
_atom_site.Cartn_y 
_atom_site.Cartn_z 
_atom_site.occupancy 
_atom_site.B_iso_or_equiv 
_atom_site.pdbx_formal_charge 
_atom_site.auth_seq_id 
_atom_site.auth_comp_id 
_atom_site.auth_asym_id 
_atom_site.auth_atom_id 
_atom_site.pdbx_PDB_model_num 
ATOM   1    N N   . HIS A 1 1   ? 10.907  3.920   17.780  1.00 30.48 ? 1    HIS A N   1 
ATOM   2    C CA  . HIS A 1 1   ? 10.741  3.672   16.339  1.00 30.69 ? 1    HIS A CA  1 
ATOM   3    C C   . HIS A 1 1   ? 9.312   3.179   16.113  1.00 28.79 ? 1    HIS A C   1 
ATOM   4    O O   . HIS A 1 1   ? 8.686   3.590   15.166  1.00 29.75 ? 1    HIS A O   1 
ATOM   5    C CB  . HIS A 1 1   ? 11.793  2.680   15.805  1.00 31.05 ? 1    HIS A CB  1 
ATOM   6    C CG  . HIS A 1 1   ? 12.186  2.905   14.377  1.00 33.94 ? 1    HIS A CG  1 
ATOM   7    N ND1 . HIS A 1 1   ? 13.501  3.015   13.974  1.00 34.13 ? 1    HIS A ND1 1 
ATOM   8    C CD2 . HIS A 1 1   ? 11.437  3.030   13.251  1.00 35.48 ? 1    HIS A CD2 1 
ATOM   9    C CE1 . HIS A 1 1   ? 13.545  3.203   12.665  1.00 37.09 ? 1    HIS A CE1 1 
ATOM   10   N NE2 . HIS A 1 1   ? 12.307  3.217   12.202  1.00 34.40 ? 1    HIS A NE2 1 
ATOM   11   N N   . LYS A 1 2   ? 8.807   2.334   17.014  1.00 27.47 ? 2    LYS A N   1 
ATOM   12   C CA  . LYS A 1 2   ? 7.508   1.665   16.852  1.00 26.14 ? 2    LYS A CA  1 
ATOM   13   C C   . LYS A 1 2   ? 6.298   2.582   16.685  1.00 23.63 ? 2    LYS A C   1 
ATOM   14   O O   . LYS A 1 2   ? 5.348   2.270   15.947  1.00 24.35 ? 2    LYS A O   1 
ATOM   15   C CB  . LYS A 1 2   ? 7.243   0.731   18.049  1.00 26.20 ? 2    LYS A CB  1 
ATOM   16   C CG  . LYS A 1 2   ? 7.774   1.234   19.406  1.00 28.19 ? 2    LYS A CG  1 
ATOM   17   C CD  . LYS A 1 2   ? 8.963   0.381   19.911  1.00 28.74 ? 2    LYS A CD  1 
ATOM   18   C CE  . LYS A 1 2   ? 10.331  1.004   19.597  1.00 29.87 ? 2    LYS A CE  1 
ATOM   19   N NZ  . LYS A 1 2   ? 10.975  1.586   20.816  1.00 32.38 ? 2    LYS A NZ  1 
ATOM   20   N N   . CYS A 1 3   ? 6.335   3.691   17.412  1.00 19.92 ? 3    CYS A N   1 
ATOM   21   C CA  . CYS A 1 3   ? 5.199   4.599   17.459  1.00 16.94 ? 3    CYS A CA  1 
ATOM   22   C C   . CYS A 1 3   ? 5.610   5.932   16.842  1.00 15.83 ? 3    CYS A C   1 
ATOM   23   O O   . CYS A 1 3   ? 5.109   6.968   17.246  1.00 15.27 ? 3    CYS A O   1 
ATOM   24   C CB  . CYS A 1 3   ? 4.757   4.777   18.915  1.00 16.82 ? 3    CYS A CB  1 
ATOM   25   S SG  . CYS A 1 3   ? 3.900   3.281   19.445  1.00 17.22 ? 3    CYS A SG  1 
ATOM   26   N N   . ASP A 1 4   ? 6.575   5.883   15.915  1.00 13.89 ? 4    ASP A N   1 
ATOM   27   C CA  . ASP A 1 4   ? 7.140   7.051   15.215  1.00 15.34 ? 4    ASP A CA  1 
ATOM   28   C C   . ASP A 1 4   ? 6.041   7.774   14.372  1.00 12.41 ? 4    ASP A C   1 
ATOM   29   O O   . ASP A 1 4   ? 5.122   7.138   13.887  1.00 13.46 ? 4    ASP A O   1 
ATOM   30   C CB  . ASP A 1 4   ? 8.198   6.492   14.188  1.00 16.99 ? 4    ASP A CB  1 
ATOM   31   C CG  . ASP A 1 4   ? 9.064   7.563   13.533  1.00 20.36 ? 4    ASP A CG  1 
ATOM   32   O OD1 . ASP A 1 4   ? 8.826   7.930   12.358  1.00 20.18 ? 4    ASP A OD1 1 
ATOM   33   O OD2 . ASP A 1 4   ? 10.076  8.052   14.096  1.00 24.65 ? 4    ASP A OD2 1 
ATOM   34   N N   . ILE A 1 5   ? 6.225   9.061   14.103  1.00 12.23 ? 5    ILE A N   1 
ATOM   35   C CA  . ILE A 1 5   ? 5.296   9.757   13.195  1.00 12.09 ? 5    ILE A CA  1 
ATOM   36   C C   . ILE A 1 5   ? 5.227   9.228   11.761  1.00 13.11 ? 5    ILE A C   1 
ATOM   37   O O   . ILE A 1 5   ? 4.295   9.596   11.030  1.00 13.40 ? 5    ILE A O   1 
ATOM   38   C CB  . ILE A 1 5   ? 5.560   11.273  13.124  1.00 13.87 ? 5    ILE A CB  1 
ATOM   39   C CG1 . ILE A 1 5   ? 7.018   11.561  12.770  1.00 13.88 ? 5    ILE A CG1 1 
ATOM   40   C CG2 . ILE A 1 5   ? 5.131   11.915  14.436  1.00 14.10 ? 5    ILE A CG2 1 
ATOM   41   C CD1 . ILE A 1 5   ? 7.156   12.703  11.844  1.00 22.22 ? 5    ILE A CD1 1 
ATOM   42   N N   . THR A 1 6   ? 6.152   8.348   11.358  1.00 11.62 ? 6    THR A N   1 
ATOM   43   C CA  . THR A 1 6   ? 5.985   7.676   10.065  1.00 12.79 ? 6    THR A CA  1 
ATOM   44   C C   . THR A 1 6   ? 4.598   7.027   9.981   1.00 13.17 ? 6    THR A C   1 
ATOM   45   O O   . THR A 1 6   ? 4.020   6.927   8.895   1.00 13.48 ? 6    THR A O   1 
ATOM   46   C CB  . THR A 1 6   ? 7.050   6.616   9.923   1.00 11.70 ? 6    THR A CB  1 
ATOM   47   O OG1 . THR A 1 6   ? 8.319   7.271   9.950   1.00 16.25 ? 6    THR A OG1 1 
ATOM   48   C CG2 . THR A 1 6   ? 6.994   5.914   8.511   1.00 15.19 ? 6    THR A CG2 1 
ATOM   49   N N   . LEU A 1 7   ? 4.051   6.573   11.099  1.00 11.74 ? 7    LEU A N   1 
ATOM   50   C CA  . LEU A 1 7   ? 2.684   6.015   11.107  1.00 12.41 ? 7    LEU A CA  1 
ATOM   51   C C   . LEU A 1 7   ? 1.672   7.015   10.539  1.00 13.52 ? 7    LEU A C   1 
ATOM   52   O O   . LEU A 1 7   ? 0.836   6.641   9.731   1.00 12.54 ? 7    LEU A O   1 
ATOM   53   C CB  . LEU A 1 7   ? 2.227   5.579   12.510  1.00 14.50 ? 7    LEU A CB  1 
ATOM   54   C CG  . LEU A 1 7   ? 3.021   4.511   13.232  1.00 15.85 ? 7    LEU A CG  1 
ATOM   55   C CD1 . LEU A 1 7   ? 2.334   4.223   14.546  1.00 14.84 ? 7    LEU A CD1 1 
ATOM   56   C CD2 . LEU A 1 7   ? 3.115   3.265   12.395  1.00 18.30 ? 7    LEU A CD2 1 
ATOM   57   N N   . GLN A 1 8   ? 1.783   8.288   10.958  1.00 12.68 ? 8    GLN A N   1 
ATOM   58   C CA  . GLN A 1 8   ? 0.918   9.333   10.404  1.00 12.82 ? 8    GLN A CA  1 
ATOM   59   C C   . GLN A 1 8   ? 1.157   9.600   8.936   1.00 13.24 ? 8    GLN A C   1 
ATOM   60   O O   . GLN A 1 8   ? 0.202   9.738   8.157   1.00 13.53 ? 8    GLN A O   1 
ATOM   61   C CB  . GLN A 1 8   ? 1.022   10.631  11.255  1.00 12.31 ? 8    GLN A CB  1 
ATOM   62   C CG  . GLN A 1 8   ? 0.290   11.817  10.588  1.00 15.76 ? 8    GLN A CG  1 
ATOM   63   C CD  . GLN A 1 8   ? -1.234  11.602  10.486  1.00 17.37 ? 8    GLN A CD  1 
ATOM   64   O OE1 . GLN A 1 8   ? -1.912  12.291  9.721   1.00 27.29 ? 8    GLN A OE1 1 
ATOM   65   N NE2 . GLN A 1 8   ? -1.749  10.696  11.249  1.00 16.32 ? 8    GLN A NE2 1 
ATOM   66   N N   . GLU A 1 9   ? 2.427   9.617   8.538   1.00 12.39 ? 9    GLU A N   1 
ATOM   67   C CA  . GLU A 1 9   ? 2.754   9.794   7.123   1.00 12.58 ? 9    GLU A CA  1 
ATOM   68   C C   . GLU A 1 9   ? 2.140   8.691   6.268   1.00 12.87 ? 9    GLU A C   1 
ATOM   69   O O   . GLU A 1 9   ? 1.654   8.940   5.183   1.00 14.23 ? 9    GLU A O   1 
ATOM   70   C CB  . GLU A 1 9   ? 4.255   9.802   6.926   1.00 13.56 ? 9    GLU A CB  1 
ATOM   71   C CG  . GLU A 1 9   ? 4.929   11.038  7.508   1.00 15.56 ? 9    GLU A CG  1 
ATOM   72   C CD  . GLU A 1 9   ? 4.502   12.311  6.805   1.00 19.07 ? 9    GLU A CD  1 
ATOM   73   O OE1 . GLU A 1 9   ? 4.921   12.511  5.657   1.00 22.77 ? 9    GLU A OE1 1 
ATOM   74   O OE2 . GLU A 1 9   ? 3.727   13.106  7.388   1.00 21.46 ? 9    GLU A OE2 1 
ATOM   75   N N   . ILE A 1 10  ? 2.181   7.455   6.767   1.00 12.18 ? 10   ILE A N   1 
ATOM   76   C CA  . ILE A 1 10  ? 1.531   6.347   6.050   1.00 11.67 ? 10   ILE A CA  1 
ATOM   77   C C   . ILE A 1 10  ? 0.017   6.492   5.988   1.00 12.62 ? 10   ILE A C   1 
ATOM   78   O O   . ILE A 1 10  ? -0.582  6.303   4.926   1.00 14.10 ? 10   ILE A O   1 
ATOM   79   C CB  . ILE A 1 10  ? 1.944   5.017   6.732   1.00 11.99 ? 10   ILE A CB  1 
ATOM   80   C CG1 . ILE A 1 10  ? 3.430   4.742   6.429   1.00 11.23 ? 10   ILE A CG1 1 
ATOM   81   C CG2 . ILE A 1 10  ? 1.031   3.830   6.349   1.00 12.12 ? 10   ILE A CG2 1 
ATOM   82   C CD1 . ILE A 1 10  ? 3.980   3.671   7.375   1.00 13.16 ? 10   ILE A CD1 1 
ATOM   83   N N   . ILE A 1 11  ? -0.611  6.787   7.119   1.00 12.01 ? 11   ILE A N   1 
ATOM   84   C CA  . ILE A 1 11  ? -2.064  6.914   7.135   1.00 13.17 ? 11   ILE A CA  1 
ATOM   85   C C   . ILE A 1 11  ? -2.538  8.052   6.197   1.00 13.44 ? 11   ILE A C   1 
ATOM   86   O O   . ILE A 1 11  ? -3.506  7.878   5.444   1.00 15.42 ? 11   ILE A O   1 
ATOM   87   C CB  . ILE A 1 11  ? -2.536  7.120   8.558   1.00 13.57 ? 11   ILE A CB  1 
ATOM   88   C CG1 . ILE A 1 11  ? -2.369  5.800   9.324   1.00 12.89 ? 11   ILE A CG1 1 
ATOM   89   C CG2 . ILE A 1 11  ? -4.027  7.510   8.551   1.00 13.73 ? 11   ILE A CG2 1 
ATOM   90   C CD1 . ILE A 1 11  ? -2.409  5.968   10.921  1.00 13.23 ? 11   ILE A CD1 1 
ATOM   91   N N   . LYS A 1 12  ? -1.823  9.171   6.201   1.00 15.20 ? 12   LYS A N   1 
ATOM   92   C CA  . LYS A 1 12  ? -2.143  10.282  5.281   1.00 16.19 ? 12   LYS A CA  1 
ATOM   93   C C   . LYS A 1 12  ? -2.178  9.834   3.823   1.00 15.44 ? 12   LYS A C   1 
ATOM   94   O O   . LYS A 1 12  ? -3.104  10.164  3.044   1.00 15.12 ? 12   LYS A O   1 
ATOM   95   C CB  . LYS A 1 12  ? -1.105  11.407  5.444   1.00 17.01 ? 12   LYS A CB  1 
ATOM   96   C CG  . LYS A 1 12  ? -1.341  12.602  4.468   1.00 22.99 ? 12   LYS A CG  1 
ATOM   97   C CD  . LYS A 1 12  ? -0.732  13.919  4.996   1.00 29.34 ? 12   LYS A CD  1 
ATOM   98   C CE  . LYS A 1 12  ? -0.620  14.949  3.875   1.00 31.95 ? 12   LYS A CE  1 
ATOM   99   N NZ  . LYS A 1 12  ? -0.718  16.367  4.378   1.00 37.09 ? 12   LYS A NZ  1 
ATOM   100  N N   . ASP A 1 13  ? -1.163  9.091   3.416   1.00 14.52 ? 13   ASP A N   1 
ATOM   101  C CA  . ASP A 1 13  ? -1.146  8.710   2.020   1.00 15.50 ? 13   ASP A CA  1 
ATOM   102  C C   . ASP A 1 13  ? -2.194  7.650   1.749   1.00 15.65 ? 13   ASP A C   1 
ATOM   103  O O   . ASP A 1 13  ? -2.735  7.613   0.658   1.00 16.11 ? 13   ASP A O   1 
ATOM   104  C CB  . ASP A 1 13  ? 0.211   8.266   1.546   1.00 16.24 ? 13   ASP A CB  1 
ATOM   105  C CG  . ASP A 1 13  ? 1.127   9.442   1.292   1.00 19.67 ? 13   ASP A CG  1 
ATOM   106  O OD1 . ASP A 1 13  ? 0.624   10.624  1.209   1.00 24.22 ? 13   ASP A OD1 1 
ATOM   107  O OD2 . ASP A 1 13  ? 2.363   9.280   1.248   1.00 20.58 ? 13   ASP A OD2 1 
ATOM   108  N N   . LEU A 1 14  ? -2.464  6.756   2.725   1.00 13.67 ? 14   LEU A N   1 
ATOM   109  C CA  . LEU A 1 14  ? -3.557  5.799   2.534   1.00 15.13 ? 14   LEU A CA  1 
ATOM   110  C C   . LEU A 1 14  ? -4.909  6.527   2.426   1.00 16.34 ? 14   LEU A C   1 
ATOM   111  O O   . LEU A 1 14  ? -5.759  6.112   1.657   1.00 17.10 ? 14   LEU A O   1 
ATOM   112  C CB  . LEU A 1 14  ? -3.568  4.763   3.685   1.00 14.17 ? 14   LEU A CB  1 
ATOM   113  C CG  . LEU A 1 14  ? -2.438  3.735   3.574   1.00 15.32 ? 14   LEU A CG  1 
ATOM   114  C CD1 . LEU A 1 14  ? -2.241  2.928   4.911   1.00 13.60 ? 14   LEU A CD1 1 
ATOM   115  C CD2 . LEU A 1 14  ? -2.646  2.754   2.368   1.00 15.69 ? 14   LEU A CD2 1 
ATOM   116  N N   . ASN A 1 15  ? -5.117  7.606   3.183   1.00 16.16 ? 15   ASN A N   1 
ATOM   117  C CA  . ASN A 1 15  ? -6.358  8.405   3.039   1.00 17.37 ? 15   ASN A CA  1 
ATOM   118  C C   . ASN A 1 15  ? -6.457  8.994   1.641   1.00 18.27 ? 15   ASN A C   1 
ATOM   119  O O   . ASN A 1 15  ? -7.526  8.902   1.003   1.00 19.12 ? 15   ASN A O   1 
ATOM   120  C CB  . ASN A 1 15  ? -6.401  9.498   4.090   1.00 16.33 ? 15   ASN A CB  1 
ATOM   121  C CG  . ASN A 1 15  ? -6.681  8.948   5.482   1.00 19.67 ? 15   ASN A CG  1 
ATOM   122  O OD1 . ASN A 1 15  ? -7.230  7.847   5.614   1.00 22.61 ? 15   ASN A OD1 1 
ATOM   123  N ND2 . ASN A 1 15  ? -6.313  9.690   6.511   1.00 20.35 ? 15   ASN A ND2 1 
ATOM   124  N N   . SER A 1 16  ? -5.355  9.545   1.133   1.00 18.33 ? 16   SER A N   1 
ATOM   125  C CA  . SER A 1 16  ? -5.349  10.008  -0.268  1.00 19.43 ? 16   SER A CA  1 
ATOM   126  C C   . SER A 1 16  ? -5.577  8.899   -1.293  1.00 20.03 ? 16   SER A C   1 
ATOM   127  O O   . SER A 1 16  ? -6.300  9.084   -2.286  1.00 21.80 ? 16   SER A O   1 
ATOM   128  C CB  . SER A 1 16  ? -4.047  10.751  -0.588  1.00 19.64 ? 16   SER A CB  1 
ATOM   129  O OG  . SER A 1 16  ? -3.916  11.865  0.259   1.00 19.65 ? 16   SER A OG  1 
ATOM   130  N N   . LEU A 1 17  ? -4.964  7.747   -1.092  1.00 19.51 ? 17   LEU A N   1 
ATOM   131  C CA  . LEU A 1 17  ? -5.041  6.662   -2.061  1.00 20.33 ? 17   LEU A CA  1 
ATOM   132  C C   . LEU A 1 17  ? -6.431  6.040   -2.154  1.00 21.60 ? 17   LEU A C   1 
ATOM   133  O O   . LEU A 1 17  ? -6.787  5.481   -3.218  1.00 23.19 ? 17   LEU A O   1 
ATOM   134  C CB  . LEU A 1 17  ? -4.027  5.564   -1.710  1.00 18.92 ? 17   LEU A CB  1 
ATOM   135  C CG  . LEU A 1 17  ? -2.588  5.887   -2.164  1.00 18.04 ? 17   LEU A CG  1 
ATOM   136  C CD1 . LEU A 1 17  ? -1.526  5.055   -1.399  1.00 19.81 ? 17   LEU A CD1 1 
ATOM   137  C CD2 . LEU A 1 17  ? -2.347  5.720   -3.692  1.00 17.68 ? 17   LEU A CD2 1 
ATOM   138  N N   . THR A 1 18  ? -7.180  6.072   -1.056  1.00 21.83 ? 18   THR A N   1 
ATOM   139  C CA  . THR A 1 18  ? -8.444  5.324   -1.005  1.00 23.40 ? 18   THR A CA  1 
ATOM   140  C C   . THR A 1 18  ? -9.645  6.151   -1.395  1.00 25.05 ? 18   THR A C   1 
ATOM   141  O O   . THR A 1 18  ? -10.785 5.689   -1.288  1.00 26.00 ? 18   THR A O   1 
ATOM   142  C CB  . THR A 1 18  ? -8.736  4.718   0.375   1.00 22.79 ? 18   THR A CB  1 
ATOM   143  O OG1 . THR A 1 18  ? -8.527  5.679   1.394   1.00 21.67 ? 18   THR A OG1 1 
ATOM   144  C CG2 . THR A 1 18  ? -7.800  3.587   0.715   1.00 23.86 ? 18   THR A CG2 1 
ATOM   145  N N   . GLU A 1 19  ? -9.416  7.386   -1.801  1.00 26.53 ? 19   GLU A N   1 
ATOM   146  C CA  . GLU A 1 19  ? -10.465 8.140   -2.439  1.00 29.06 ? 19   GLU A CA  1 
ATOM   147  C C   . GLU A 1 19  ? -10.626 7.614   -3.882  1.00 29.68 ? 19   GLU A C   1 
ATOM   148  O O   . GLU A 1 19  ? -11.680 7.742   -4.487  1.00 30.66 ? 19   GLU A O   1 
ATOM   149  C CB  . GLU A 1 19  ? -10.122 9.618   -2.391  1.00 29.24 ? 19   GLU A CB  1 
ATOM   150  C CG  . GLU A 1 19  ? -9.921  10.112  -0.972  1.00 31.69 ? 19   GLU A CG  1 
ATOM   151  C CD  . GLU A 1 19  ? -9.116  11.396  -0.877  1.00 36.08 ? 19   GLU A CD  1 
ATOM   152  O OE1 . GLU A 1 19  ? -8.599  11.868  -1.904  1.00 38.25 ? 19   GLU A OE1 1 
ATOM   153  O OE2 . GLU A 1 19  ? -9.011  11.946  0.246   1.00 39.19 ? 19   GLU A OE2 1 
ATOM   154  N N   . GLN A 1 20  ? -9.582  6.968   -4.393  1.00 30.52 ? 20   GLN A N   1 
ATOM   155  C CA  . GLN A 1 20  ? -9.521  6.558   -5.801  1.00 30.96 ? 20   GLN A CA  1 
ATOM   156  C C   . GLN A 1 20  ? -10.288 5.258   -6.092  1.00 30.20 ? 20   GLN A C   1 
ATOM   157  O O   . GLN A 1 20  ? -10.082 4.251   -5.421  1.00 31.07 ? 20   GLN A O   1 
ATOM   158  C CB  . GLN A 1 20  ? -8.042  6.416   -6.224  1.00 30.71 ? 20   GLN A CB  1 
ATOM   159  C CG  . GLN A 1 20  ? -7.299  7.745   -6.256  1.00 33.58 ? 20   GLN A CG  1 
ATOM   160  C CD  . GLN A 1 20  ? -6.361  7.867   -7.466  1.00 33.92 ? 20   GLN A CD  1 
ATOM   161  O OE1 . GLN A 1 20  ? -6.600  7.229   -8.508  1.00 34.39 ? 20   GLN A OE1 1 
ATOM   162  N NE2 . GLN A 1 20  ? -5.311  8.695   -7.336  1.00 31.20 ? 20   GLN A NE2 1 
ATOM   163  N N   . LYS A 1 21  ? -11.196 5.299   -7.065  1.00 29.64 ? 21   LYS A N   1 
ATOM   164  C CA  . LYS A 1 21  ? -11.866 4.088   -7.552  1.00 28.33 ? 21   LYS A CA  1 
ATOM   165  C C   . LYS A 1 21  ? -11.830 4.102   -9.076  1.00 26.98 ? 21   LYS A C   1 
ATOM   166  O O   . LYS A 1 21  ? -12.732 4.645   -9.726  1.00 26.46 ? 21   LYS A O   1 
ATOM   167  C CB  . LYS A 1 21  ? -13.315 4.011   -7.066  1.00 28.98 ? 21   LYS A CB  1 
ATOM   168  C CG  . LYS A 1 21  ? -14.174 3.051   -7.870  1.00 31.21 ? 21   LYS A CG  1 
ATOM   169  C CD  . LYS A 1 21  ? -15.354 2.538   -7.064  1.00 36.11 ? 21   LYS A CD  1 
ATOM   170  C CE  . LYS A 1 21  ? -15.458 1.023   -7.199  1.00 37.90 ? 21   LYS A CE  1 
ATOM   171  N NZ  . LYS A 1 21  ? -14.154 0.387   -6.822  1.00 37.67 ? 21   LYS A NZ  1 
ATOM   172  N N   . THR A 1 22  ? -10.775 3.508   -9.625  1.00 25.59 ? 22   THR A N   1 
ATOM   173  C CA  . THR A 1 22  ? -10.415 3.613   -11.045 1.00 24.00 ? 22   THR A CA  1 
ATOM   174  C C   . THR A 1 22  ? -10.215 2.224   -11.614 1.00 23.19 ? 22   THR A C   1 
ATOM   175  O O   . THR A 1 22  ? -10.207 1.231   -10.882 1.00 22.26 ? 22   THR A O   1 
ATOM   176  C CB  . THR A 1 22  ? -9.108  4.430   -11.197 1.00 24.76 ? 22   THR A CB  1 
ATOM   177  O OG1 . THR A 1 22  ? -9.250  5.731   -10.590 1.00 27.61 ? 22   THR A OG1 1 
ATOM   178  C CG2 . THR A 1 22  ? -8.846  4.740   -12.682 1.00 24.97 ? 22   THR A CG2 1 
ATOM   179  N N   . LEU A 1 23  ? -10.075 2.114   -12.936 1.00 22.33 ? 23   LEU A N   1 
ATOM   180  C CA  . LEU A 1 23  ? -9.705  0.818   -13.475 1.00 21.74 ? 23   LEU A CA  1 
ATOM   181  C C   . LEU A 1 23  ? -8.427  0.353   -12.792 1.00 21.06 ? 23   LEU A C   1 
ATOM   182  O O   . LEU A 1 23  ? -8.271  -0.851  -12.514 1.00 20.53 ? 23   LEU A O   1 
ATOM   183  C CB  . LEU A 1 23  ? -9.451  0.889   -14.978 1.00 22.15 ? 23   LEU A CB  1 
ATOM   184  C CG  . LEU A 1 23  ? -9.694  -0.457  -15.618 1.00 25.20 ? 23   LEU A CG  1 
ATOM   185  C CD1 . LEU A 1 23  ? -11.206 -0.750  -15.466 1.00 23.46 ? 23   LEU A CD1 1 
ATOM   186  C CD2 . LEU A 1 23  ? -9.310  -0.378  -17.109 1.00 27.64 ? 23   LEU A CD2 1 
ATOM   187  N N   . CYS A 1 24  ? -7.526  1.305   -12.519 1.00 19.30 ? 24   CYS A N   1 
ATOM   188  C CA  . CYS A 1 24  ? -6.226  0.934   -11.983 1.00 18.92 ? 24   CYS A CA  1 
ATOM   189  C C   . CYS A 1 24  ? -6.397  0.387   -10.559 1.00 17.77 ? 24   CYS A C   1 
ATOM   190  O O   . CYS A 1 24  ? -5.779  -0.617  -10.223 1.00 16.01 ? 24   CYS A O   1 
ATOM   191  C CB  . CYS A 1 24  ? -5.271  2.103   -11.993 1.00 18.88 ? 24   CYS A CB  1 
ATOM   192  S SG  . CYS A 1 24  ? -3.522  1.571   -12.147 1.00 25.68 ? 24   CYS A SG  1 
ATOM   193  N N   . THR A 1 25  ? -7.269  1.006   -9.759  1.00 17.51 ? 25   THR A N   1 
ATOM   194  C CA  . THR A 1 25  ? -7.396  0.517   -8.375  1.00 16.58 ? 25   THR A CA  1 
ATOM   195  C C   . THR A 1 25  ? -8.112  -0.802  -8.240  1.00 16.00 ? 25   THR A C   1 
ATOM   196  O O   . THR A 1 25  ? -8.122  -1.403  -7.161  1.00 16.95 ? 25   THR A O   1 
ATOM   197  C CB  . THR A 1 25  ? -8.065  1.579   -7.427  1.00 16.42 ? 25   THR A CB  1 
ATOM   198  O OG1 . THR A 1 25  ? -9.350  1.966   -7.906  1.00 19.27 ? 25   THR A OG1 1 
ATOM   199  C CG2 . THR A 1 25  ? -7.263  2.856   -7.412  1.00 20.48 ? 25   THR A CG2 1 
ATOM   200  N N   . GLU A 1 26  ? -8.774  -1.265  -9.315  1.00 14.82 ? 26   GLU A N   1 
ATOM   201  C CA  . GLU A 1 26  ? -9.368  -2.577  -9.297  1.00 15.82 ? 26   GLU A CA  1 
ATOM   202  C C   . GLU A 1 26  ? -8.376  -3.635  -9.807  1.00 15.66 ? 26   GLU A C   1 
ATOM   203  O O   . GLU A 1 26  ? -8.691  -4.840  -9.780  1.00 16.31 ? 26   GLU A O   1 
ATOM   204  C CB  . GLU A 1 26  ? -10.628 -2.583  -10.164 1.00 17.57 ? 26   GLU A CB  1 
ATOM   205  C CG  . GLU A 1 26  ? -11.790 -1.785  -9.568  1.00 22.62 ? 26   GLU A CG  1 
ATOM   206  C CD  . GLU A 1 26  ? -12.378 -2.381  -8.284  1.00 26.55 ? 26   GLU A CD  1 
ATOM   207  O OE1 . GLU A 1 26  ? -13.176 -3.358  -8.339  1.00 31.13 ? 26   GLU A OE1 1 
ATOM   208  O OE2 . GLU A 1 26  ? -12.101 -1.836  -7.210  1.00 31.70 ? 26   GLU A OE2 1 
ATOM   209  N N   . LEU A 1 27  ? -7.204  -3.215  -10.308 1.00 14.28 ? 27   LEU A N   1 
ATOM   210  C CA  . LEU A 1 27  ? -6.213  -4.238  -10.658 1.00 14.49 ? 27   LEU A CA  1 
ATOM   211  C C   . LEU A 1 27  ? -5.673  -4.845  -9.360  1.00 14.77 ? 27   LEU A C   1 
ATOM   212  O O   . LEU A 1 27  ? -5.793  -4.243  -8.287  1.00 14.35 ? 27   LEU A O   1 
ATOM   213  C CB  . LEU A 1 27  ? -5.071  -3.656  -11.480 1.00 14.97 ? 27   LEU A CB  1 
ATOM   214  C CG  . LEU A 1 27  ? -5.562  -3.031  -12.780 1.00 16.01 ? 27   LEU A CG  1 
ATOM   215  C CD1 . LEU A 1 27  ? -4.363  -2.445  -13.494 1.00 13.81 ? 27   LEU A CD1 1 
ATOM   216  C CD2 . LEU A 1 27  ? -6.298  -4.027  -13.662 1.00 18.87 ? 27   LEU A CD2 1 
ATOM   217  N N   . THR A 1 28  ? -5.074  -6.020  -9.445  1.00 15.88 ? 28   THR A N   1 
ATOM   218  C CA  . THR A 1 28  ? -4.816  -6.750  -8.184  1.00 17.15 ? 28   THR A CA  1 
ATOM   219  C C   . THR A 1 28  ? -3.395  -6.726  -7.648  1.00 17.92 ? 28   THR A C   1 
ATOM   220  O O   . THR A 1 28  ? -2.431  -6.375  -8.328  1.00 18.41 ? 28   THR A O   1 
ATOM   221  C CB  . THR A 1 28  ? -5.326  -8.184  -8.241  1.00 17.80 ? 28   THR A CB  1 
ATOM   222  O OG1 . THR A 1 28  ? -4.667  -8.904  -9.296  1.00 20.95 ? 28   THR A OG1 1 
ATOM   223  C CG2 . THR A 1 28  ? -6.814  -8.230  -8.637  1.00 17.39 ? 28   THR A CG2 1 
ATOM   224  N N   . VAL A 1 29  ? -3.294  -7.130  -6.396  1.00 17.09 ? 29   VAL A N   1 
ATOM   225  C CA  . VAL A 1 29  ? -2.020  -7.271  -5.703  1.00 15.65 ? 29   VAL A CA  1 
ATOM   226  C C   . VAL A 1 29  ? -2.166  -8.563  -4.939  1.00 14.46 ? 29   VAL A C   1 
ATOM   227  O O   . VAL A 1 29  ? -3.296  -9.047  -4.693  1.00 13.75 ? 29   VAL A O   1 
ATOM   228  C CB  . VAL A 1 29  ? -1.737  -6.128  -4.697  1.00 17.16 ? 29   VAL A CB  1 
ATOM   229  C CG1 . VAL A 1 29  ? -1.423  -4.812  -5.446  1.00 20.47 ? 29   VAL A CG1 1 
ATOM   230  C CG2 . VAL A 1 29  ? -2.921  -5.988  -3.710  1.00 16.68 ? 29   VAL A CG2 1 
ATOM   231  N N   . THR A 1 30  ? -1.050  -9.174  -4.593  1.00 12.97 ? 30   THR A N   1 
ATOM   232  C CA  . THR A 1 30  ? -1.121  -10.355 -3.760  1.00 12.13 ? 30   THR A CA  1 
ATOM   233  C C   . THR A 1 30  ? -1.621  -9.982  -2.357  1.00 11.31 ? 30   THR A C   1 
ATOM   234  O O   . THR A 1 30  ? -1.152  -9.042  -1.745  1.00 12.58 ? 30   THR A O   1 
ATOM   235  C CB  . THR A 1 30  ? 0.239   -11.005 -3.697  1.00 13.05 ? 30   THR A CB  1 
ATOM   236  O OG1 . THR A 1 30  ? 0.504   -11.605 -4.971  1.00 14.62 ? 30   THR A OG1 1 
ATOM   237  C CG2 . THR A 1 30  ? 0.202   -12.198 -2.739  1.00 12.83 ? 30   THR A CG2 1 
ATOM   238  N N   . ASP A 1 31  ? -2.628  -10.712 -1.900  1.00 10.74 ? 31   ASP A N   1 
ATOM   239  C CA  . ASP A 1 31  ? -3.284  -10.372 -0.626  1.00 12.13 ? 31   ASP A CA  1 
ATOM   240  C C   . ASP A 1 31  ? -2.454  -10.921 0.563   1.00 12.79 ? 31   ASP A C   1 
ATOM   241  O O   . ASP A 1 31  ? -2.706  -11.999 1.072   1.00 12.79 ? 31   ASP A O   1 
ATOM   242  C CB  . ASP A 1 31  ? -4.703  -10.957 -0.655  1.00 11.24 ? 31   ASP A CB  1 
ATOM   243  C CG  . ASP A 1 31  ? -5.563  -10.538 0.532   1.00 14.46 ? 31   ASP A CG  1 
ATOM   244  O OD1 . ASP A 1 31  ? -5.121  -9.710  1.333   1.00 16.59 ? 31   ASP A OD1 1 
ATOM   245  O OD2 . ASP A 1 31  ? -6.695  -11.061 0.704   1.00 15.10 ? 31   ASP A OD2 1 
ATOM   246  N N   . ILE A 1 32  ? -1.472  -10.127 1.015   1.00 14.10 ? 32   ILE A N   1 
ATOM   247  C CA  . ILE A 1 32  ? -0.771  -10.404 2.281   1.00 17.10 ? 32   ILE A CA  1 
ATOM   248  C C   . ILE A 1 32  ? -1.704  -10.582 3.475   1.00 16.51 ? 32   ILE A C   1 
ATOM   249  O O   . ILE A 1 32  ? -1.320  -11.241 4.448   1.00 19.21 ? 32   ILE A O   1 
ATOM   250  C CB  . ILE A 1 32  ? 0.229   -9.267  2.649   1.00 17.84 ? 32   ILE A CB  1 
ATOM   251  C CG1 . ILE A 1 32  ? -0.503  -8.011  3.121   1.00 19.34 ? 32   ILE A CG1 1 
ATOM   252  C CG2 . ILE A 1 32  ? 1.180   -8.944  1.479   1.00 17.89 ? 32   ILE A CG2 1 
ATOM   253  C CD1 . ILE A 1 32  ? 0.454   -6.957  3.547   1.00 21.40 ? 32   ILE A CD1 1 
ATOM   254  N N   . PHE A 1 33  ? -2.919  -10.034 3.426   1.00 17.65 ? 33   PHE A N   1 
ATOM   255  C CA  . PHE A 1 33  ? -3.914  -10.218 4.533   1.00 19.40 ? 33   PHE A CA  1 
ATOM   256  C C   . PHE A 1 33  ? -4.781  -11.478 4.438   1.00 18.43 ? 33   PHE A C   1 
ATOM   257  O O   . PHE A 1 33  ? -5.699  -11.707 5.257   1.00 18.04 ? 33   PHE A O   1 
ATOM   258  C CB  . PHE A 1 33  ? -4.760  -8.941  4.697   1.00 19.58 ? 33   PHE A CB  1 
ATOM   259  C CG  . PHE A 1 33  ? -3.923  -7.696  4.749   1.00 24.12 ? 33   PHE A CG  1 
ATOM   260  C CD1 . PHE A 1 33  ? -3.102  -7.455  5.837   1.00 27.63 ? 33   PHE A CD1 1 
ATOM   261  C CD2 . PHE A 1 33  ? -3.912  -6.780  3.689   1.00 27.12 ? 33   PHE A CD2 1 
ATOM   262  C CE1 . PHE A 1 33  ? -2.296  -6.313  5.895   1.00 29.30 ? 33   PHE A CE1 1 
ATOM   263  C CE2 . PHE A 1 33  ? -3.125  -5.634  3.740   1.00 27.64 ? 33   PHE A CE2 1 
ATOM   264  C CZ  . PHE A 1 33  ? -2.309  -5.391  4.837   1.00 30.21 ? 33   PHE A CZ  1 
ATOM   265  N N   . ALA A 1 34  ? -4.494  -12.339 3.470   1.00 16.78 ? 34   ALA A N   1 
ATOM   266  C CA  . ALA A 1 34  ? -5.180  -13.626 3.409   1.00 16.95 ? 34   ALA A CA  1 
ATOM   267  C C   . ALA A 1 34  ? -4.408  -14.658 4.195   1.00 17.26 ? 34   ALA A C   1 
ATOM   268  O O   . ALA A 1 34  ? -4.828  -15.805 4.308   1.00 16.71 ? 34   ALA A O   1 
ATOM   269  C CB  . ALA A 1 34  ? -5.352  -14.082 1.988   1.00 16.72 ? 34   ALA A CB  1 
ATOM   270  N N   . ALA A 1 35  ? -3.266  -14.267 4.741   1.00 17.58 ? 35   ALA A N   1 
ATOM   271  C CA  . ALA A 1 35  ? -2.519  -15.201 5.598   1.00 19.47 ? 35   ALA A CA  1 
ATOM   272  C C   . ALA A 1 35  ? -3.301  -15.586 6.854   1.00 21.74 ? 35   ALA A C   1 
ATOM   273  O O   . ALA A 1 35  ? -4.074  -14.769 7.356   1.00 22.01 ? 35   ALA A O   1 
ATOM   274  C CB  . ALA A 1 35  ? -1.194  -14.553 6.007   1.00 18.41 ? 35   ALA A CB  1 
ATOM   275  N N   . SER A 1 36  ? -3.082  -16.799 7.382   1.00 23.66 ? 36   SER A N   1 
ATOM   276  C CA  . SER A 1 36  ? -3.349  -17.019 8.809   1.00 27.02 ? 36   SER A CA  1 
ATOM   277  C C   . SER A 1 36  ? -2.276  -16.256 9.600   1.00 28.34 ? 36   SER A C   1 
ATOM   278  O O   . SER A 1 36  ? -1.965  -16.594 10.730  1.00 30.75 ? 36   SER A O   1 
ATOM   279  C CB  . SER A 1 36  ? -3.374  -18.498 9.217   1.00 26.50 ? 36   SER A CB  1 
ATOM   280  O OG  . SER A 1 36  ? -3.168  -19.342 8.109   1.00 27.49 ? 36   SER A OG  1 
ATOM   281  N N   . LYS A 1 37  ? -1.688  -15.244 8.969   1.00 30.89 ? 37   LYS A N   1 
ATOM   282  C CA  . LYS A 1 37  ? -1.054  -14.135 9.684   1.00 31.45 ? 37   LYS A CA  1 
ATOM   283  C C   . LYS A 1 37  ? -0.011  -14.495 10.747  1.00 32.93 ? 37   LYS A C   1 
ATOM   284  O O   . LYS A 1 37  ? -0.180  -14.183 11.940  1.00 33.21 ? 37   LYS A O   1 
ATOM   285  C CB  . LYS A 1 37  ? -2.157  -13.287 10.327  1.00 32.25 ? 37   LYS A CB  1 
ATOM   286  C CG  . LYS A 1 37  ? -3.250  -14.072 11.084  1.00 31.50 ? 37   LYS A CG  1 
ATOM   287  C CD  . LYS A 1 37  ? -3.569  -13.448 12.452  1.00 30.39 ? 37   LYS A CD  1 
ATOM   288  C CE  . LYS A 1 37  ? -4.324  -12.136 12.307  1.00 28.98 ? 37   LYS A CE  1 
ATOM   289  N NZ  . LYS A 1 37  ? -4.463  -11.670 10.885  1.00 25.53 ? 37   LYS A NZ  1 
ATOM   290  N N   . ASN A 1 38  ? 1.080   -15.134 10.328  1.00 33.90 ? 38   ASN A N   1 
ATOM   291  C CA  . ASN A 1 38  ? 2.147   -15.513 11.271  1.00 34.32 ? 38   ASN A CA  1 
ATOM   292  C C   . ASN A 1 38  ? 3.376   -14.618 11.114  1.00 34.25 ? 38   ASN A C   1 
ATOM   293  O O   . ASN A 1 38  ? 4.373   -15.055 10.531  1.00 34.99 ? 38   ASN A O   1 
ATOM   294  C CB  . ASN A 1 38  ? 2.549   -16.979 11.061  1.00 34.16 ? 38   ASN A CB  1 
ATOM   295  C CG  . ASN A 1 38  ? 2.357   -17.439 9.625   1.00 34.67 ? 38   ASN A CG  1 
ATOM   296  O OD1 . ASN A 1 38  ? 2.780   -16.769 8.675   1.00 33.40 ? 38   ASN A OD1 1 
ATOM   297  N ND2 . ASN A 1 38  ? 1.708   -18.579 9.459   1.00 34.64 ? 38   ASN A ND2 1 
ATOM   298  N N   . THR A 1 39  ? 3.312   -13.380 11.632  1.00 34.21 ? 39   THR A N   1 
ATOM   299  C CA  . THR A 1 39  ? 4.291   -12.352 11.258  1.00 32.28 ? 39   THR A CA  1 
ATOM   300  C C   . THR A 1 39  ? 4.506   -11.176 12.245  1.00 31.68 ? 39   THR A C   1 
ATOM   301  O O   . THR A 1 39  ? 3.537   -10.585 12.761  1.00 31.53 ? 39   THR A O   1 
ATOM   302  C CB  . THR A 1 39  ? 3.912   -11.795 9.872   1.00 33.06 ? 39   THR A CB  1 
ATOM   303  O OG1 . THR A 1 39  ? 4.452   -12.627 8.832   1.00 32.58 ? 39   THR A OG1 1 
ATOM   304  C CG2 . THR A 1 39  ? 4.588   -10.477 9.644   1.00 32.12 ? 39   THR A CG2 1 
ATOM   305  N N   . THR A 1 40  ? 5.780   -10.825 12.477  1.00 29.56 ? 40   THR A N   1 
ATOM   306  C CA  . THR A 1 40  ? 6.162   -9.635  13.273  1.00 28.19 ? 40   THR A CA  1 
ATOM   307  C C   . THR A 1 40  ? 5.656   -8.334  12.633  1.00 26.62 ? 40   THR A C   1 
ATOM   308  O O   . THR A 1 40  ? 5.247   -8.355  11.496  1.00 26.75 ? 40   THR A O   1 
ATOM   309  C CB  . THR A 1 40  ? 7.701   -9.566  13.441  1.00 28.07 ? 40   THR A CB  1 
ATOM   310  O OG1 . THR A 1 40  ? 8.346   -9.619  12.154  1.00 27.38 ? 40   THR A OG1 1 
ATOM   311  C CG2 . THR A 1 40  ? 8.220   -10.800 14.162  1.00 28.64 ? 40   THR A CG2 1 
ATOM   312  N N   . GLU A 1 41  ? 5.671   -7.208  13.356  1.00 25.36 ? 41   GLU A N   1 
ATOM   313  C CA  . GLU A 1 41  ? 5.216   -5.922  12.785  1.00 24.58 ? 41   GLU A CA  1 
ATOM   314  C C   . GLU A 1 41  ? 6.128   -5.570  11.614  1.00 23.17 ? 41   GLU A C   1 
ATOM   315  O O   . GLU A 1 41  ? 5.675   -5.094  10.564  1.00 21.63 ? 41   GLU A O   1 
ATOM   316  C CB  . GLU A 1 41  ? 5.277   -4.799  13.833  1.00 25.75 ? 41   GLU A CB  1 
ATOM   317  C CG  . GLU A 1 41  ? 4.066   -3.872  13.892  1.00 30.16 ? 41   GLU A CG  1 
ATOM   318  C CD  . GLU A 1 41  ? 4.414   -2.472  14.415  1.00 35.04 ? 41   GLU A CD  1 
ATOM   319  O OE1 . GLU A 1 41  ? 5.522   -2.274  14.952  1.00 37.42 ? 41   GLU A OE1 1 
ATOM   320  O OE2 . GLU A 1 41  ? 3.596   -1.541  14.277  1.00 38.05 ? 41   GLU A OE2 1 
ATOM   321  N N   . LYS A 1 42  ? 7.412   -5.860  11.775  1.00 22.08 ? 42   LYS A N   1 
ATOM   322  C CA  . LYS A 1 42  ? 8.400   -5.481  10.767  1.00 21.74 ? 42   LYS A CA  1 
ATOM   323  C C   . LYS A 1 42  ? 8.238   -6.311  9.501   1.00 21.24 ? 42   LYS A C   1 
ATOM   324  O O   . LYS A 1 42  ? 8.333   -5.789  8.376   1.00 21.47 ? 42   LYS A O   1 
ATOM   325  C CB  . LYS A 1 42  ? 9.807   -5.617  11.328  1.00 21.45 ? 42   LYS A CB  1 
ATOM   326  C CG  . LYS A 1 42  ? 10.318  -4.383  12.022  1.00 24.51 ? 42   LYS A CG  1 
ATOM   327  C CD  . LYS A 1 42  ? 11.751  -4.602  12.502  1.00 27.71 ? 42   LYS A CD  1 
ATOM   328  C CE  . LYS A 1 42  ? 12.230  -3.440  13.362  1.00 29.55 ? 42   LYS A CE  1 
ATOM   329  N NZ  . LYS A 1 42  ? 13.398  -3.838  14.200  1.00 32.10 ? 42   LYS A NZ  1 
ATOM   330  N N   . GLU A 1 43  ? 7.954   -7.596  9.664   1.00 20.69 ? 43   GLU A N   1 
ATOM   331  C CA  . GLU A 1 43  ? 7.707   -8.453  8.510   1.00 20.31 ? 43   GLU A CA  1 
ATOM   332  C C   . GLU A 1 43  ? 6.398   -8.061  7.752   1.00 20.39 ? 43   GLU A C   1 
ATOM   333  O O   . GLU A 1 43  ? 6.338   -8.133  6.514   1.00 21.00 ? 43   GLU A O   1 
ATOM   334  C CB  . GLU A 1 43  ? 7.676   -9.920  8.925   1.00 21.14 ? 43   GLU A CB  1 
ATOM   335  C CG  . GLU A 1 43  ? 7.284   -10.863 7.807   1.00 22.38 ? 43   GLU A CG  1 
ATOM   336  C CD  . GLU A 1 43  ? 7.821   -12.279 7.974   1.00 26.07 ? 43   GLU A CD  1 
ATOM   337  O OE1 . GLU A 1 43  ? 7.911   -12.814 9.128   1.00 25.32 ? 43   GLU A OE1 1 
ATOM   338  O OE2 . GLU A 1 43  ? 8.124   -12.883 6.910   1.00 29.90 ? 43   GLU A OE2 1 
ATOM   339  N N   . THR A 1 44  ? 5.368   -7.628  8.479   1.00 20.19 ? 44   THR A N   1 
ATOM   340  C CA  . THR A 1 44  ? 4.144   -7.179  7.800   1.00 20.62 ? 44   THR A CA  1 
ATOM   341  C C   . THR A 1 44  ? 4.421   -5.921  6.957   1.00 20.10 ? 44   THR A C   1 
ATOM   342  O O   . THR A 1 44  ? 3.898   -5.765  5.842   1.00 20.63 ? 44   THR A O   1 
ATOM   343  C CB  . THR A 1 44  ? 3.058   -6.919  8.811   1.00 22.10 ? 44   THR A CB  1 
ATOM   344  O OG1 . THR A 1 44  ? 2.589   -8.201  9.254   1.00 22.00 ? 44   THR A OG1 1 
ATOM   345  C CG2 . THR A 1 44  ? 1.817   -6.282  8.175   1.00 22.27 ? 44   THR A CG2 1 
ATOM   346  N N   . PHE A 1 45  ? 5.200   -5.021  7.525   1.00 20.45 ? 45   PHE A N   1 
ATOM   347  C CA  . PHE A 1 45  ? 5.629   -3.848  6.754   1.00 19.60 ? 45   PHE A CA  1 
ATOM   348  C C   . PHE A 1 45  ? 6.401   -4.216  5.461   1.00 18.67 ? 45   PHE A C   1 
ATOM   349  O O   . PHE A 1 45  ? 6.181   -3.601  4.394   1.00 16.27 ? 45   PHE A O   1 
ATOM   350  C CB  . PHE A 1 45  ? 6.416   -2.875  7.634   1.00 20.22 ? 45   PHE A CB  1 
ATOM   351  C CG  . PHE A 1 45  ? 5.600   -2.242  8.759   1.00 24.85 ? 45   PHE A CG  1 
ATOM   352  C CD1 . PHE A 1 45  ? 4.247   -1.961  8.613   1.00 30.13 ? 45   PHE A CD1 1 
ATOM   353  C CD2 . PHE A 1 45  ? 6.213   -1.944  9.980   1.00 26.93 ? 45   PHE A CD2 1 
ATOM   354  C CE1 . PHE A 1 45  ? 3.518   -1.375  9.676   1.00 32.19 ? 45   PHE A CE1 1 
ATOM   355  C CE2 . PHE A 1 45  ? 5.497   -1.373  11.021  1.00 28.85 ? 45   PHE A CE2 1 
ATOM   356  C CZ  . PHE A 1 45  ? 4.162   -1.081  10.873  1.00 31.65 ? 45   PHE A CZ  1 
ATOM   357  N N   . CYS A 1 46  ? 7.313   -5.171  5.554   1.00 17.69 ? 46   CYS A N   1 
ATOM   358  C CA  . CYS A 1 46  ? 8.139   -5.596  4.436   1.00 16.85 ? 46   CYS A CA  1 
ATOM   359  C C   . CYS A 1 46  ? 7.236   -6.192  3.345   1.00 17.19 ? 46   CYS A C   1 
ATOM   360  O O   . CYS A 1 46  ? 7.378   -5.885  2.165   1.00 16.28 ? 46   CYS A O   1 
ATOM   361  C CB  . CYS A 1 46  ? 9.182   -6.627  4.919   1.00 18.74 ? 46   CYS A CB  1 
ATOM   362  S SG  . CYS A 1 46  ? 10.248  -7.310  3.634   1.00 19.80 ? 46   CYS A SG  1 
ATOM   363  N N   . ARG A 1 47  ? 6.287   -7.033  3.783   1.00 15.51 ? 47   ARG A N   1 
ATOM   364  C CA  . ARG A 1 47  ? 5.337   -7.678  2.874   1.00 15.97 ? 47   ARG A CA  1 
ATOM   365  C C   . ARG A 1 47  ? 4.500   -6.641  2.085   1.00 13.38 ? 47   ARG A C   1 
ATOM   366  O O   . ARG A 1 47  ? 4.379   -6.749  0.838   1.00 15.16 ? 47   ARG A O   1 
ATOM   367  C CB  . ARG A 1 47  ? 4.344   -8.524  3.718   1.00 15.80 ? 47   ARG A CB  1 
ATOM   368  C CG  . ARG A 1 47  ? 4.932   -9.747  4.390   1.00 19.75 ? 47   ARG A CG  1 
ATOM   369  C CD  . ARG A 1 47  ? 4.093   -10.284 5.560   1.00 22.02 ? 47   ARG A CD  1 
ATOM   370  N NE  . ARG A 1 47  ? 2.776   -10.816 5.190   1.00 19.69 ? 47   ARG A NE  1 
ATOM   371  C CZ  . ARG A 1 47  ? 2.599   -11.860 4.370   1.00 23.49 ? 47   ARG A CZ  1 
ATOM   372  N NH1 . ARG A 1 47  ? 3.654   -12.446 3.801   1.00 22.10 ? 47   ARG A NH1 1 
ATOM   373  N NH2 . ARG A 1 47  ? 1.368   -12.286 4.080   1.00 19.39 ? 47   ARG A NH2 1 
ATOM   374  N N   . ALA A 1 48  ? 3.960   -5.670  2.802   1.00 14.73 ? 48   ALA A N   1 
ATOM   375  C CA  . ALA A 1 48  ? 3.102   -4.633  2.215   1.00 12.51 ? 48   ALA A CA  1 
ATOM   376  C C   . ALA A 1 48  ? 3.957   -3.818  1.229   1.00 14.48 ? 48   ALA A C   1 
ATOM   377  O O   . ALA A 1 48  ? 3.538   -3.482  0.095   1.00 13.36 ? 48   ALA A O   1 
ATOM   378  C CB  . ALA A 1 48  ? 2.541   -3.772  3.271   1.00 14.95 ? 48   ALA A CB  1 
ATOM   379  N N   . ALA A 1 49  ? 5.172   -3.518  1.654   1.00 12.26 ? 49   ALA A N   1 
ATOM   380  C CA  . ALA A 1 49  ? 6.068   -2.690  0.793   1.00 11.65 ? 49   ALA A CA  1 
ATOM   381  C C   . ALA A 1 49  ? 6.451   -3.415  -0.467  1.00 11.41 ? 49   ALA A C   1 
ATOM   382  O O   . ALA A 1 49  ? 6.620   -2.802  -1.529  1.00 13.14 ? 49   ALA A O   1 
ATOM   383  C CB  . ALA A 1 49  ? 7.359   -2.319  1.611   1.00 11.54 ? 49   ALA A CB  1 
ATOM   384  N N   . THR A 1 50  ? 6.667   -4.722  -0.377  1.00 10.86 ? 50   THR A N   1 
ATOM   385  C CA  . THR A 1 50  ? 6.983   -5.528  -1.530  1.00 11.83 ? 50   THR A CA  1 
ATOM   386  C C   . THR A 1 50  ? 5.850   -5.515  -2.568  1.00 11.86 ? 50   THR A C   1 
ATOM   387  O O   . THR A 1 50  ? 6.129   -5.314  -3.738  1.00 12.11 ? 50   THR A O   1 
ATOM   388  C CB  . THR A 1 50  ? 7.269   -6.964  -1.091  1.00 12.71 ? 50   THR A CB  1 
ATOM   389  O OG1 . THR A 1 50  ? 8.474   -6.968  -0.314  1.00 15.09 ? 50   THR A OG1 1 
ATOM   390  C CG2 . THR A 1 50  ? 7.627   -7.841  -2.278  1.00 13.55 ? 50   THR A CG2 1 
ATOM   391  N N   . VAL A 1 51  ? 4.614   -5.805  -2.134  1.00 13.25 ? 51   VAL A N   1 
ATOM   392  C CA  . VAL A 1 51  ? 3.505   -5.917  -3.108  1.00 14.51 ? 51   VAL A CA  1 
ATOM   393  C C   . VAL A 1 51  ? 3.193   -4.561  -3.739  1.00 14.58 ? 51   VAL A C   1 
ATOM   394  O O   . VAL A 1 51  ? 2.911   -4.484  -4.949  1.00 15.36 ? 51   VAL A O   1 
ATOM   395  C CB  . VAL A 1 51  ? 2.221   -6.617  -2.544  1.00 15.15 ? 51   VAL A CB  1 
ATOM   396  C CG1 . VAL A 1 51  ? 2.570   -8.014  -2.083  1.00 18.70 ? 51   VAL A CG1 1 
ATOM   397  C CG2 . VAL A 1 51  ? 1.558   -5.823  -1.465  1.00 18.44 ? 51   VAL A CG2 1 
ATOM   398  N N   . LEU A 1 52  ? 3.347   -3.495  -2.964  1.00 12.62 ? 52   LEU A N   1 
ATOM   399  C CA  . LEU A 1 52  ? 3.032   -2.159  -3.505  1.00 12.66 ? 52   LEU A CA  1 
ATOM   400  C C   . LEU A 1 52  ? 4.126   -1.749  -4.488  1.00 13.19 ? 52   LEU A C   1 
ATOM   401  O O   . LEU A 1 52  ? 3.820   -1.084  -5.483  1.00 14.32 ? 52   LEU A O   1 
ATOM   402  C CB  . LEU A 1 52  ? 2.887   -1.116  -2.393  1.00 13.12 ? 52   LEU A CB  1 
ATOM   403  C CG  . LEU A 1 52  ? 1.663   -1.390  -1.506  1.00 12.71 ? 52   LEU A CG  1 
ATOM   404  C CD1 . LEU A 1 52  ? 1.682   -0.338  -0.447  1.00 18.01 ? 52   LEU A CD1 1 
ATOM   405  C CD2 . LEU A 1 52  ? 0.350   -1.389  -2.330  1.00 16.97 ? 52   LEU A CD2 1 
ATOM   406  N N   . ARG A 1 53  ? 5.379   -2.141  -4.240  1.00 12.85 ? 53   ARG A N   1 
ATOM   407  C CA  . ARG A 1 53  ? 6.464   -1.823  -5.182  1.00 12.07 ? 53   ARG A CA  1 
ATOM   408  C C   . ARG A 1 53  ? 6.226   -2.588  -6.489  1.00 13.96 ? 53   ARG A C   1 
ATOM   409  O O   . ARG A 1 53  ? 6.430   -2.043  -7.605  1.00 15.07 ? 53   ARG A O   1 
ATOM   410  C CB  . ARG A 1 53  ? 7.820   -2.159  -4.587  1.00 11.72 ? 53   ARG A CB  1 
ATOM   411  C CG  . ARG A 1 53  ? 8.995   -1.753  -5.454  1.00 12.25 ? 53   ARG A CG  1 
ATOM   412  C CD  . ARG A 1 53  ? 10.283  -1.556  -4.564  1.00 14.40 ? 53   ARG A CD  1 
ATOM   413  N NE  . ARG A 1 53  ? 11.369  -1.078  -5.420  1.00 14.95 ? 53   ARG A NE  1 
ATOM   414  C CZ  . ARG A 1 53  ? 12.261  -1.825  -6.060  1.00 14.93 ? 53   ARG A CZ  1 
ATOM   415  N NH1 . ARG A 1 53  ? 12.291  -3.145  -5.913  1.00 12.97 ? 53   ARG A NH1 1 
ATOM   416  N NH2 . ARG A 1 53  ? 13.185  -1.231  -6.836  1.00 15.76 ? 53   ARG A NH2 1 
ATOM   417  N N   . GLN A 1 54  ? 5.713   -3.815  -6.353  1.00 14.57 ? 54   GLN A N   1 
ATOM   418  C CA  . GLN A 1 54  ? 5.395   -4.618  -7.555  1.00 16.52 ? 54   GLN A CA  1 
ATOM   419  C C   . GLN A 1 54  ? 4.291   -3.873  -8.351  1.00 15.74 ? 54   GLN A C   1 
ATOM   420  O O   . GLN A 1 54  ? 4.379   -3.707  -9.577  1.00 16.53 ? 54   GLN A O   1 
ATOM   421  C CB  . GLN A 1 54  ? 4.903   -6.030  -7.168  1.00 16.64 ? 54   GLN A CB  1 
ATOM   422  C CG  . GLN A 1 54  ? 5.992   -6.916  -6.565  1.00 23.57 ? 54   GLN A CG  1 
ATOM   423  C CD  . GLN A 1 54  ? 5.508   -8.269  -6.010  1.00 28.88 ? 54   GLN A CD  1 
ATOM   424  O OE1 . GLN A 1 54  ? 4.296   -8.516  -5.852  1.00 31.44 ? 54   GLN A OE1 1 
ATOM   425  N NE2 . GLN A 1 54  ? 6.471   -9.132  -5.662  1.00 34.13 ? 54   GLN A NE2 1 
ATOM   426  N N   . PHE A 1 55  ? 3.297   -3.396  -7.644  1.00 16.46 ? 55   PHE A N   1 
ATOM   427  C CA  . PHE A 1 55  ? 2.173   -2.716  -8.307  1.00 14.89 ? 55   PHE A CA  1 
ATOM   428  C C   . PHE A 1 55  ? 2.588   -1.450  -9.025  1.00 15.67 ? 55   PHE A C   1 
ATOM   429  O O   . PHE A 1 55  ? 2.273   -1.303  -10.225 1.00 16.26 ? 55   PHE A O   1 
ATOM   430  C CB  . PHE A 1 55  ? 1.057   -2.378  -7.310  1.00 15.03 ? 55   PHE A CB  1 
ATOM   431  C CG  . PHE A 1 55  ? -0.206  -1.906  -7.996  1.00 13.48 ? 55   PHE A CG  1 
ATOM   432  C CD1 . PHE A 1 55  ? -0.319  -0.599  -8.402  1.00 15.11 ? 55   PHE A CD1 1 
ATOM   433  C CD2 . PHE A 1 55  ? -1.253  -2.801  -8.227  1.00 17.14 ? 55   PHE A CD2 1 
ATOM   434  C CE1 . PHE A 1 55  ? -1.494  -0.166  -9.039  1.00 15.27 ? 55   PHE A CE1 1 
ATOM   435  C CE2 . PHE A 1 55  ? -2.383  -2.376  -8.844  1.00 17.80 ? 55   PHE A CE2 1 
ATOM   436  C CZ  . PHE A 1 55  ? -2.494  -1.072  -9.252  1.00 16.94 ? 55   PHE A CZ  1 
ATOM   437  N N   . TYR A 1 56  ? 3.272   -0.519  -8.340  1.00 14.49 ? 56   TYR A N   1 
ATOM   438  C CA  . TYR A 1 56  ? 3.563   0.735   -9.056  1.00 14.32 ? 56   TYR A CA  1 
ATOM   439  C C   . TYR A 1 56  ? 4.571   0.512   -10.178 1.00 15.55 ? 56   TYR A C   1 
ATOM   440  O O   . TYR A 1 56  ? 4.511   1.207   -11.189 1.00 17.26 ? 56   TYR A O   1 
ATOM   441  C CB  . TYR A 1 56  ? 3.933   1.898   -8.143  1.00 15.24 ? 56   TYR A CB  1 
ATOM   442  C CG  . TYR A 1 56  ? 5.296   1.844   -7.492  1.00 13.07 ? 56   TYR A CG  1 
ATOM   443  C CD1 . TYR A 1 56  ? 6.489   1.969   -8.230  1.00 12.31 ? 56   TYR A CD1 1 
ATOM   444  C CD2 . TYR A 1 56  ? 5.396   1.731   -6.098  1.00 13.89 ? 56   TYR A CD2 1 
ATOM   445  C CE1 . TYR A 1 56  ? 7.751   1.940   -7.604  1.00 14.42 ? 56   TYR A CE1 1 
ATOM   446  C CE2 . TYR A 1 56  ? 6.654   1.672   -5.499  1.00 13.27 ? 56   TYR A CE2 1 
ATOM   447  C CZ  . TYR A 1 56  ? 7.795   1.794   -6.237  1.00 14.33 ? 56   TYR A CZ  1 
ATOM   448  O OH  . TYR A 1 56  ? 9.027   1.780   -5.636  1.00 17.65 ? 56   TYR A OH  1 
ATOM   449  N N   . SER A 1 57  ? 5.448   -0.473  -10.001 1.00 15.70 ? 57   SER A N   1 
ATOM   450  C CA  . SER A 1 57  ? 6.487   -0.788  -10.990 1.00 17.73 ? 57   SER A CA  1 
ATOM   451  C C   . SER A 1 57  ? 5.790   -1.310  -12.255 1.00 19.10 ? 57   SER A C   1 
ATOM   452  O O   . SER A 1 57  ? 6.187   -0.930  -13.353 1.00 20.10 ? 57   SER A O   1 
ATOM   453  C CB  . SER A 1 57  ? 7.480   -1.834  -10.465 1.00 18.29 ? 57   SER A CB  1 
ATOM   454  O OG  . SER A 1 57  ? 8.280   -1.293  -9.404  1.00 23.37 ? 57   SER A OG  1 
ATOM   455  N N   . HIS A 1 58  ? 4.754   -2.128  -12.098 1.00 17.86 ? 58   HIS A N   1 
ATOM   456  C CA  . HIS A 1 58  ? 4.073   -2.791  -13.209 1.00 19.47 ? 58   HIS A CA  1 
ATOM   457  C C   . HIS A 1 58  ? 3.029   -1.904  -13.874 1.00 18.69 ? 58   HIS A C   1 
ATOM   458  O O   . HIS A 1 58  ? 2.662   -2.109  -15.062 1.00 20.01 ? 58   HIS A O   1 
ATOM   459  C CB  . HIS A 1 58  ? 3.399   -4.044  -12.694 1.00 21.02 ? 58   HIS A CB  1 
ATOM   460  C CG  . HIS A 1 58  ? 4.367   -5.138  -12.381 1.00 28.04 ? 58   HIS A CG  1 
ATOM   461  N ND1 . HIS A 1 58  ? 4.026   -6.258  -11.652 1.00 33.40 ? 58   HIS A ND1 1 
ATOM   462  C CD2 . HIS A 1 58  ? 5.676   -5.275  -12.695 1.00 32.70 ? 58   HIS A CD2 1 
ATOM   463  C CE1 . HIS A 1 58  ? 5.082   -7.044  -11.541 1.00 35.71 ? 58   HIS A CE1 1 
ATOM   464  N NE2 . HIS A 1 58  ? 6.094   -6.477  -12.173 1.00 34.50 ? 58   HIS A NE2 1 
ATOM   465  N N   . HIS A 1 59  ? 2.538   -0.919  -13.140 1.00 16.16 ? 59   HIS A N   1 
ATOM   466  C CA  . HIS A 1 59  ? 1.372   -0.197  -13.652 1.00 16.50 ? 59   HIS A CA  1 
ATOM   467  C C   . HIS A 1 59  ? 1.591   1.295   -13.865 1.00 16.15 ? 59   HIS A C   1 
ATOM   468  O O   . HIS A 1 59  ? 0.679   1.960   -14.332 1.00 16.05 ? 59   HIS A O   1 
ATOM   469  C CB  . HIS A 1 59  ? 0.133   -0.403  -12.745 1.00 15.41 ? 59   HIS A CB  1 
ATOM   470  C CG  . HIS A 1 59  ? -0.328  -1.821  -12.665 1.00 16.90 ? 59   HIS A CG  1 
ATOM   471  N ND1 . HIS A 1 59  ? -0.744  -2.543  -13.767 1.00 15.30 ? 59   HIS A ND1 1 
ATOM   472  C CD2 . HIS A 1 59  ? -0.440  -2.661  -11.600 1.00 16.18 ? 59   HIS A CD2 1 
ATOM   473  C CE1 . HIS A 1 59  ? -1.098  -3.759  -13.386 1.00 19.68 ? 59   HIS A CE1 1 
ATOM   474  N NE2 . HIS A 1 59  ? -0.928  -3.854  -12.071 1.00 18.07 ? 59   HIS A NE2 1 
ATOM   475  N N   . GLU A 1 60  ? 2.776   1.816   -13.547 1.00 16.50 ? 60   GLU A N   1 
ATOM   476  C CA  . GLU A 1 60  ? 3.051   3.228   -13.769 1.00 16.29 ? 60   GLU A CA  1 
ATOM   477  C C   . GLU A 1 60  ? 2.804   3.614   -15.246 1.00 17.42 ? 60   GLU A C   1 
ATOM   478  O O   . GLU A 1 60  ? 2.370   4.749   -15.517 1.00 16.44 ? 60   GLU A O   1 
ATOM   479  C CB  . GLU A 1 60  ? 4.486   3.618   -13.338 1.00 18.00 ? 60   GLU A CB  1 
ATOM   480  C CG  . GLU A 1 60  ? 4.758   5.104   -13.613 1.00 20.25 ? 60   GLU A CG  1 
ATOM   481  C CD  . GLU A 1 60  ? 5.958   5.645   -12.878 1.00 22.82 ? 60   GLU A CD  1 
ATOM   482  O OE1 . GLU A 1 60  ? 6.672   4.845   -12.222 1.00 23.33 ? 60   GLU A OE1 1 
ATOM   483  O OE2 . GLU A 1 60  ? 6.188   6.865   -12.944 1.00 24.89 ? 60   GLU A OE2 1 
ATOM   484  N N   . LYS A 1 61  ? 3.079   2.698   -16.164 1.00 16.46 ? 61   LYS A N   1 
ATOM   485  C CA  . LYS A 1 61  ? 2.859   2.972   -17.615 1.00 17.67 ? 61   LYS A CA  1 
ATOM   486  C C   . LYS A 1 61  ? 1.790   2.092   -18.296 1.00 16.35 ? 61   LYS A C   1 
ATOM   487  O O   . LYS A 1 61  ? 1.763   1.898   -19.540 1.00 16.16 ? 61   LYS A O   1 
ATOM   488  C CB  . LYS A 1 61  ? 4.199   2.864   -18.391 1.00 19.59 ? 61   LYS A CB  1 
ATOM   489  C CG  . LYS A 1 61  ? 5.198   3.861   -17.995 1.00 23.06 ? 61   LYS A CG  1 
ATOM   490  C CD  . LYS A 1 61  ? 5.904   4.438   -19.247 1.00 30.25 ? 61   LYS A CD  1 
ATOM   491  C CE  . LYS A 1 61  ? 6.956   5.480   -18.863 1.00 33.92 ? 61   LYS A CE  1 
ATOM   492  N NZ  . LYS A 1 61  ? 6.398   6.870   -18.905 1.00 37.75 ? 61   LYS A NZ  1 
ATOM   493  N N   . ASP A 1 62  ? 0.915   1.507   -17.503 1.00 14.78 ? 62   ASP A N   1 
ATOM   494  C CA  . ASP A 1 62  ? -0.067  0.571   -17.965 1.00 13.58 ? 62   ASP A CA  1 
ATOM   495  C C   . ASP A 1 62  ? -1.174  1.356   -18.710 1.00 13.53 ? 62   ASP A C   1 
ATOM   496  O O   . ASP A 1 62  ? -1.701  2.321   -18.184 1.00 11.76 ? 62   ASP A O   1 
ATOM   497  C CB  . ASP A 1 62  ? -0.620  -0.134  -16.730 1.00 13.90 ? 62   ASP A CB  1 
ATOM   498  C CG  . ASP A 1 62  ? -1.561  -1.243  -17.018 1.00 16.62 ? 62   ASP A CG  1 
ATOM   499  O OD1 . ASP A 1 62  ? -2.510  -1.107  -17.835 1.00 15.51 ? 62   ASP A OD1 1 
ATOM   500  O OD2 . ASP A 1 62  ? -1.458  -2.333  -16.387 1.00 19.00 ? 62   ASP A OD2 1 
ATOM   501  N N   . THR A 1 63  ? -1.484  0.980   -19.950 1.00 12.86 ? 63   THR A N   1 
ATOM   502  C CA  . THR A 1 63  ? -2.514  1.757   -20.673 1.00 12.37 ? 63   THR A CA  1 
ATOM   503  C C   . THR A 1 63  ? -3.905  1.713   -20.065 1.00 12.30 ? 63   THR A C   1 
ATOM   504  O O   . THR A 1 63  ? -4.734  2.541   -20.410 1.00 12.25 ? 63   THR A O   1 
ATOM   505  C CB  . THR A 1 63  ? -2.636  1.264   -22.111 1.00 13.09 ? 63   THR A CB  1 
ATOM   506  O OG1 . THR A 1 63  ? -2.933  -0.134  -22.073 1.00 13.71 ? 63   THR A OG1 1 
ATOM   507  C CG2 . THR A 1 63  ? -1.304  1.395   -22.806 1.00 12.57 ? 63   THR A CG2 1 
ATOM   508  N N   . ARG A 1 64  ? -4.191  0.747   -19.210 1.00 12.52 ? 64   ARG A N   1 
ATOM   509  C CA  . ARG A 1 64  ? -5.463  0.740   -18.490 1.00 12.98 ? 64   ARG A CA  1 
ATOM   510  C C   . ARG A 1 64  ? -5.527  1.834   -17.441 1.00 14.00 ? 64   ARG A C   1 
ATOM   511  O O   . ARG A 1 64  ? -6.633  2.194   -16.966 1.00 15.85 ? 64   ARG A O   1 
ATOM   512  C CB  . ARG A 1 64  ? -5.691  -0.614  -17.820 1.00 12.47 ? 64   ARG A CB  1 
ATOM   513  C CG  . ARG A 1 64  ? -5.859  -1.752  -18.871 1.00 13.48 ? 64   ARG A CG  1 
ATOM   514  C CD  . ARG A 1 64  ? -5.802  -3.149  -18.230 1.00 14.54 ? 64   ARG A CD  1 
ATOM   515  N NE  . ARG A 1 64  ? -4.494  -3.346  -17.608 1.00 13.98 ? 64   ARG A NE  1 
ATOM   516  C CZ  . ARG A 1 64  ? -4.166  -4.479  -16.977 1.00 13.75 ? 64   ARG A CZ  1 
ATOM   517  N NH1 . ARG A 1 64  ? -5.064  -5.411  -16.861 1.00 15.88 ? 64   ARG A NH1 1 
ATOM   518  N NH2 . ARG A 1 64  ? -2.955  -4.615  -16.459 1.00 14.09 ? 64   ARG A NH2 1 
ATOM   519  N N   . CYS A 1 65  ? -4.354  2.309   -17.028 1.00 13.58 ? 65   CYS A N   1 
ATOM   520  C CA  . CYS A 1 65  ? -4.213  3.216   -15.896 1.00 13.64 ? 65   CYS A CA  1 
ATOM   521  C C   . CYS A 1 65  ? -3.929  4.657   -16.335 1.00 12.62 ? 65   CYS A C   1 
ATOM   522  O O   . CYS A 1 65  ? -4.296  5.610   -15.645 1.00 12.42 ? 65   CYS A O   1 
ATOM   523  C CB  . CYS A 1 65  ? -3.061  2.731   -15.001 1.00 13.99 ? 65   CYS A CB  1 
ATOM   524  S SG  . CYS A 1 65  ? -3.354  1.105   -14.258 1.00 18.21 ? 65   CYS A SG  1 
ATOM   525  N N   . LEU A 1 66  ? -3.221  4.854   -17.452 1.00 10.85 ? 66   LEU A N   1 
ATOM   526  C CA  . LEU A 1 66  ? -2.655  6.164   -17.751 1.00 10.24 ? 66   LEU A CA  1 
ATOM   527  C C   . LEU A 1 66  ? -3.674  7.290   -17.981 1.00 10.45 ? 66   LEU A C   1 
ATOM   528  O O   . LEU A 1 66  ? -3.389  8.465   -17.749 1.00 12.24 ? 66   LEU A O   1 
ATOM   529  C CB  . LEU A 1 66  ? -1.782  6.050   -19.015 1.00 10.07 ? 66   LEU A CB  1 
ATOM   530  C CG  . LEU A 1 66  ? -0.390  5.502   -18.713 1.00 9.98  ? 66   LEU A CG  1 
ATOM   531  C CD1 . LEU A 1 66  ? 0.184   4.957   -20.065 1.00 11.27 ? 66   LEU A CD1 1 
ATOM   532  C CD2 . LEU A 1 66  ? 0.468   6.552   -18.118 1.00 9.99  ? 66   LEU A CD2 1 
ATOM   533  N N   . GLY A 1 67  ? -4.840  6.921   -18.493 1.00 9.53  ? 67   GLY A N   1 
ATOM   534  C CA  . GLY A 1 67  ? -5.959  7.844   -18.595 1.00 9.74  ? 67   GLY A CA  1 
ATOM   535  C C   . GLY A 1 67  ? -6.128  8.504   -19.940 1.00 10.74 ? 67   GLY A C   1 
ATOM   536  O O   . GLY A 1 67  ? -5.172  8.677   -20.721 1.00 12.42 ? 67   GLY A O   1 
ATOM   537  N N   . ALA A 1 68  ? -7.368  8.840   -20.285 1.00 7.99  ? 68   ALA A N   1 
ATOM   538  C CA  . ALA A 1 68  ? -7.643  9.556   -21.529 1.00 7.32  ? 68   ALA A CA  1 
ATOM   539  C C   . ALA A 1 68  ? -7.616  11.060  -21.301 1.00 7.66  ? 68   ALA A C   1 
ATOM   540  O O   . ALA A 1 68  ? -7.144  11.858  -22.140 1.00 11.15 ? 68   ALA A O   1 
ATOM   541  C CB  . ALA A 1 68  ? -9.033  9.134   -22.106 1.00 7.92  ? 68   ALA A CB  1 
ATOM   542  N N   . THR A 1 69  ? -8.227  11.477  -20.215 1.00 6.11  ? 69   THR A N   1 
ATOM   543  C CA  . THR A 1 69  ? -8.409  12.916  -20.009 1.00 7.23  ? 69   THR A CA  1 
ATOM   544  C C   . THR A 1 69  ? -7.271  13.444  -19.167 1.00 7.28  ? 69   THR A C   1 
ATOM   545  O O   . THR A 1 69  ? -6.565  12.697  -18.549 1.00 10.26 ? 69   THR A O   1 
ATOM   546  C CB  . THR A 1 69  ? -9.706  13.213  -19.281 1.00 5.78  ? 69   THR A CB  1 
ATOM   547  O OG1 . THR A 1 69  ? -9.680  12.644  -17.973 1.00 8.23  ? 69   THR A OG1 1 
ATOM   548  C CG2 . THR A 1 69  ? -10.902 12.553  -20.034 1.00 4.58  ? 69   THR A CG2 1 
ATOM   549  N N   . ALA A 1 70  ? -7.160  14.766  -19.119 1.00 9.73  ? 70   ALA A N   1 
ATOM   550  C CA  . ALA A 1 70  ? -6.216  15.382  -18.172 1.00 10.31 ? 70   ALA A CA  1 
ATOM   551  C C   . ALA A 1 70  ? -6.435  14.987  -16.729 1.00 10.91 ? 70   ALA A C   1 
ATOM   552  O O   . ALA A 1 70  ? -5.486  14.672  -16.009 1.00 10.45 ? 70   ALA A O   1 
ATOM   553  C CB  . ALA A 1 70  ? -6.251  16.903  -18.357 1.00 12.25 ? 70   ALA A CB  1 
ATOM   554  N N   . GLN A 1 71  ? -7.679  15.016  -16.283 1.00 11.08 ? 71   GLN A N   1 
ATOM   555  C CA  . GLN A 1 71  ? -7.995  14.607  -14.916 1.00 10.60 ? 71   GLN A CA  1 
ATOM   556  C C   . GLN A 1 71  ? -7.626  13.156  -14.633 1.00 9.14  ? 71   GLN A C   1 
ATOM   557  O O   . GLN A 1 71  ? -7.101  12.836  -13.564 1.00 9.33  ? 71   GLN A O   1 
ATOM   558  C CB  . GLN A 1 71  ? -9.475  14.846  -14.629 1.00 13.02 ? 71   GLN A CB  1 
ATOM   559  C CG  . GLN A 1 71  ? -9.862  14.568  -13.180 1.00 18.02 ? 71   GLN A CG  1 
ATOM   560  C CD  . GLN A 1 71  ? -11.383 14.580  -12.989 1.00 26.17 ? 71   GLN A CD  1 
ATOM   561  O OE1 . GLN A 1 71  ? -11.915 13.867  -12.131 1.00 31.66 ? 71   GLN A OE1 1 
ATOM   562  N NE2 . GLN A 1 71  ? -12.076 15.396  -13.776 1.00 28.61 ? 71   GLN A NE2 1 
ATOM   563  N N   . GLN A 1 72  ? -7.893  12.259  -15.593 1.00 8.04  ? 72   GLN A N   1 
ATOM   564  C CA  . GLN A 1 72  ? -7.558  10.865  -15.366 1.00 7.60  ? 72   GLN A CA  1 
ATOM   565  C C   . GLN A 1 72  ? -6.043  10.698  -15.224 1.00 8.54  ? 72   GLN A C   1 
ATOM   566  O O   . GLN A 1 72  ? -5.557  9.942   -14.362 1.00 8.71  ? 72   GLN A O   1 
ATOM   567  C CB  . GLN A 1 72  ? -8.109  9.970   -16.491 1.00 7.93  ? 72   GLN A CB  1 
ATOM   568  C CG  . GLN A 1 72  ? -9.644  9.815   -16.432 1.00 8.94  ? 72   GLN A CG  1 
ATOM   569  C CD  . GLN A 1 72  ? -10.161 9.002   -17.600 1.00 11.14 ? 72   GLN A CD  1 
ATOM   570  O OE1 . GLN A 1 72  ? -9.645  9.121   -18.716 1.00 9.77  ? 72   GLN A OE1 1 
ATOM   571  N NE2 . GLN A 1 72  ? -11.247 8.243   -17.383 1.00 13.95 ? 72   GLN A NE2 1 
ATOM   572  N N   . PHE A 1 73  ? -5.295  11.374  -16.113 1.00 8.57  ? 73   PHE A N   1 
ATOM   573  C CA  . PHE A 1 73  ? -3.836  11.257  -16.114 1.00 9.84  ? 73   PHE A CA  1 
ATOM   574  C C   . PHE A 1 73  ? -3.302  11.862  -14.819 1.00 11.16 ? 73   PHE A C   1 
ATOM   575  O O   . PHE A 1 73  ? -2.373  11.311  -14.217 1.00 11.49 ? 73   PHE A O   1 
ATOM   576  C CB  . PHE A 1 73  ? -3.240  11.990  -17.338 1.00 10.53 ? 73   PHE A CB  1 
ATOM   577  C CG  . PHE A 1 73  ? -1.745  11.863  -17.485 1.00 12.44 ? 73   PHE A CG  1 
ATOM   578  C CD1 . PHE A 1 73  ? -1.094  10.683  -17.179 1.00 13.38 ? 73   PHE A CD1 1 
ATOM   579  C CD2 . PHE A 1 73  ? -1.011  12.914  -17.996 1.00 18.70 ? 73   PHE A CD2 1 
ATOM   580  C CE1 . PHE A 1 73  ? 0.297   10.552  -17.370 1.00 17.92 ? 73   PHE A CE1 1 
ATOM   581  C CE2 . PHE A 1 73  ? 0.373   12.805  -18.189 1.00 20.27 ? 73   PHE A CE2 1 
ATOM   582  C CZ  . PHE A 1 73  ? 1.026   11.627  -17.866 1.00 16.60 ? 73   PHE A CZ  1 
ATOM   583  N N   . HIS A 1 74  ? -3.860  12.994  -14.396 1.00 11.29 ? 74   HIS A N   1 
ATOM   584  C CA  . HIS A 1 74  ? -3.433  13.617  -13.134 1.00 11.65 ? 74   HIS A CA  1 
ATOM   585  C C   . HIS A 1 74  ? -3.662  12.646  -11.990 1.00 12.62 ? 74   HIS A C   1 
ATOM   586  O O   . HIS A 1 74  ? -2.794  12.443  -11.130 1.00 13.79 ? 74   HIS A O   1 
ATOM   587  C CB  . HIS A 1 74  ? -4.166  14.942  -12.902 1.00 12.32 ? 74   HIS A CB  1 
ATOM   588  C CG  . HIS A 1 74  ? -3.937  15.514  -11.552 1.00 16.54 ? 74   HIS A CG  1 
ATOM   589  N ND1 . HIS A 1 74  ? -2.730  16.062  -11.177 1.00 21.60 ? 74   HIS A ND1 1 
ATOM   590  C CD2 . HIS A 1 74  ? -4.765  15.639  -10.488 1.00 20.58 ? 74   HIS A CD2 1 
ATOM   591  C CE1 . HIS A 1 74  ? -2.829  16.515  -9.940  1.00 22.58 ? 74   HIS A CE1 1 
ATOM   592  N NE2 . HIS A 1 74  ? -4.049  16.261  -9.491  1.00 22.26 ? 74   HIS A NE2 1 
ATOM   593  N N   . ARG A 1 75  ? -4.827  12.004  -11.964 1.00 11.45 ? 75   ARG A N   1 
ATOM   594  C CA  . ARG A 1 75  ? -5.127  11.110  -10.880 1.00 12.74 ? 75   ARG A CA  1 
ATOM   595  C C   . ARG A 1 75  ? -4.216  9.885   -10.903 1.00 12.06 ? 75   ARG A C   1 
ATOM   596  O O   . ARG A 1 75  ? -3.789  9.431   -9.849  1.00 13.27 ? 75   ARG A O   1 
ATOM   597  C CB  . ARG A 1 75  ? -6.620  10.753  -10.851 1.00 13.07 ? 75   ARG A CB  1 
ATOM   598  C CG  . ARG A 1 75  ? -7.451  11.972  -10.487 1.00 14.27 ? 75   ARG A CG  1 
ATOM   599  C CD  . ARG A 1 75  ? -8.936  11.731  -10.553 1.00 21.00 ? 75   ARG A CD  1 
ATOM   600  N NE  . ARG A 1 75  ? -9.719  12.850  -9.977  1.00 26.41 ? 75   ARG A NE  1 
ATOM   601  C CZ  . ARG A 1 75  ? -11.054 12.897  -9.935  1.00 27.90 ? 75   ARG A CZ  1 
ATOM   602  N NH1 . ARG A 1 75  ? -11.774 11.903  -10.448 1.00 29.35 ? 75   ARG A NH1 1 
ATOM   603  N NH2 . ARG A 1 75  ? -11.679 13.939  -9.397  1.00 27.95 ? 75   ARG A NH2 1 
ATOM   604  N N   . HIS A 1 76  ? -3.879  9.391   -12.098 1.00 10.67 ? 76   HIS A N   1 
ATOM   605  C CA  . HIS A 1 76  ? -2.908  8.304   -12.228 1.00 10.81 ? 76   HIS A CA  1 
ATOM   606  C C   . HIS A 1 76  ? -1.529  8.705   -11.663 1.00 12.27 ? 76   HIS A C   1 
ATOM   607  O O   . HIS A 1 76  ? -0.959  7.968   -10.894 1.00 12.60 ? 76   HIS A O   1 
ATOM   608  C CB  . HIS A 1 76  ? -2.766  7.877   -13.677 1.00 10.51 ? 76   HIS A CB  1 
ATOM   609  C CG  . HIS A 1 76  ? -1.697  6.872   -13.839 1.00 13.02 ? 76   HIS A CG  1 
ATOM   610  N ND1 . HIS A 1 76  ? -1.849  5.581   -13.416 1.00 14.43 ? 76   HIS A ND1 1 
ATOM   611  C CD2 . HIS A 1 76  ? -0.470  6.965   -14.405 1.00 15.76 ? 76   HIS A CD2 1 
ATOM   612  C CE1 . HIS A 1 76  ? -0.749  4.901   -13.724 1.00 15.06 ? 76   HIS A CE1 1 
ATOM   613  N NE2 . HIS A 1 76  ? 0.107   5.731   -14.303 1.00 16.04 ? 76   HIS A NE2 1 
ATOM   614  N N   . LYS A 1 77  ? -1.005  9.860   -12.073 1.00 12.30 ? 77   LYS A N   1 
ATOM   615  C CA  . LYS A 1 77  ? 0.282   10.322  -11.588 1.00 12.94 ? 77   LYS A CA  1 
ATOM   616  C C   . LYS A 1 77  ? 0.246   10.479  -10.064 1.00 13.47 ? 77   LYS A C   1 
ATOM   617  O O   . LYS A 1 77  ? 1.229   10.105  -9.402  1.00 14.17 ? 77   LYS A O   1 
ATOM   618  C CB  . LYS A 1 77  ? 0.747   11.597  -12.305 1.00 13.25 ? 77   LYS A CB  1 
ATOM   619  C CG  . LYS A 1 77  ? 1.158   11.271  -13.745 1.00 14.80 ? 77   LYS A CG  1 
ATOM   620  C CD  . LYS A 1 77  ? 1.663   12.486  -14.513 1.00 21.70 ? 77   LYS A CD  1 
ATOM   621  C CE  . LYS A 1 77  ? 0.545   13.512  -14.786 1.00 24.19 ? 77   LYS A CE  1 
ATOM   622  N NZ  . LYS A 1 77  ? 1.058   14.772  -15.507 1.00 25.10 ? 77   LYS A NZ  1 
ATOM   623  N N   . GLN A 1 78  ? -0.863  10.985  -9.513  1.00 13.88 ? 78   GLN A N   1 
ATOM   624  C CA  . GLN A 1 78  ? -1.005  11.098  -8.050  1.00 15.85 ? 78   GLN A CA  1 
ATOM   625  C C   . GLN A 1 78  ? -0.986  9.727   -7.405  1.00 15.57 ? 78   GLN A C   1 
ATOM   626  O O   . GLN A 1 78  ? -0.263  9.498   -6.392  1.00 16.48 ? 78   GLN A O   1 
ATOM   627  C CB  . GLN A 1 78  ? -2.307  11.789  -7.665  1.00 17.03 ? 78   GLN A CB  1 
ATOM   628  C CG  . GLN A 1 78  ? -2.370  13.256  -7.912  1.00 21.33 ? 78   GLN A CG  1 
ATOM   629  C CD  . GLN A 1 78  ? -3.571  13.835  -7.196  1.00 29.73 ? 78   GLN A CD  1 
ATOM   630  O OE1 . GLN A 1 78  ? -4.716  13.392  -7.415  1.00 30.59 ? 78   GLN A OE1 1 
ATOM   631  N NE2 . GLN A 1 78  ? -3.325  14.792  -6.316  1.00 28.96 ? 78   GLN A NE2 1 
ATOM   632  N N   . LEU A 1 79  ? -1.731  8.783   -7.990  1.00 14.66 ? 79   LEU A N   1 
ATOM   633  C CA  . LEU A 1 79  ? -1.762  7.418   -7.465  1.00 14.20 ? 79   LEU A CA  1 
ATOM   634  C C   . LEU A 1 79  ? -0.331  6.871   -7.390  1.00 15.26 ? 79   LEU A C   1 
ATOM   635  O O   . LEU A 1 79  ? 0.092   6.330   -6.324  1.00 14.51 ? 79   LEU A O   1 
ATOM   636  C CB  . LEU A 1 79  ? -2.641  6.491   -8.321  1.00 15.59 ? 79   LEU A CB  1 
ATOM   637  C CG  . LEU A 1 79  ? -2.631  5.015   -7.934  1.00 18.31 ? 79   LEU A CG  1 
ATOM   638  C CD1 . LEU A 1 79  ? -3.655  4.803   -6.881  1.00 24.94 ? 79   LEU A CD1 1 
ATOM   639  C CD2 . LEU A 1 79  ? -2.991  4.155   -9.130  1.00 22.41 ? 79   LEU A CD2 1 
ATOM   640  N N   . ILE A 1 80  ? 0.420   6.987   -8.488  1.00 13.21 ? 80   ILE A N   1 
ATOM   641  C CA  . ILE A 1 80  ? 1.758   6.421   -8.490  1.00 13.43 ? 80   ILE A CA  1 
ATOM   642  C C   . ILE A 1 80  ? 2.669   7.155   -7.492  1.00 13.59 ? 80   ILE A C   1 
ATOM   643  O O   . ILE A 1 80  ? 3.443   6.506   -6.761  1.00 14.15 ? 80   ILE A O   1 
ATOM   644  C CB  . ILE A 1 80  ? 2.350   6.453   -9.912  1.00 13.96 ? 80   ILE A CB  1 
ATOM   645  C CG1 . ILE A 1 80  ? 1.475   5.604   -10.860 1.00 12.81 ? 80   ILE A CG1 1 
ATOM   646  C CG2 . ILE A 1 80  ? 3.824   6.042   -9.923  1.00 14.77 ? 80   ILE A CG2 1 
ATOM   647  C CD1 . ILE A 1 80  ? 1.402   4.137   -10.520 1.00 14.49 ? 80   ILE A CD1 1 
ATOM   648  N N   . ARG A 1 81  ? 2.598   8.483   -7.445  1.00 12.42 ? 81   ARG A N   1 
ATOM   649  C CA  . ARG A 1 81  ? 3.423   9.244   -6.496  1.00 13.23 ? 81   ARG A CA  1 
ATOM   650  C C   . ARG A 1 81  ? 3.112   8.856   -5.034  1.00 12.82 ? 81   ARG A C   1 
ATOM   651  O O   . ARG A 1 81  ? 4.049   8.697   -4.236  1.00 12.90 ? 81   ARG A O   1 
ATOM   652  C CB  . ARG A 1 81  ? 3.137   10.723  -6.724  1.00 14.95 ? 81   ARG A CB  1 
ATOM   653  C CG  . ARG A 1 81  ? 3.780   11.686  -5.835  1.00 21.89 ? 81   ARG A CG  1 
ATOM   654  C CD  . ARG A 1 81  ? 3.330   13.124  -6.222  1.00 26.04 ? 81   ARG A CD  1 
ATOM   655  N NE  . ARG A 1 81  ? 3.526   13.373  -7.658  1.00 34.06 ? 81   ARG A NE  1 
ATOM   656  C CZ  . ARG A 1 81  ? 2.568   13.725  -8.536  1.00 37.38 ? 81   ARG A CZ  1 
ATOM   657  N NH1 . ARG A 1 81  ? 1.302   13.881  -8.148  1.00 38.40 ? 81   ARG A NH1 1 
ATOM   658  N NH2 . ARG A 1 81  ? 2.888   13.940  -9.814  1.00 37.45 ? 81   ARG A NH2 1 
ATOM   659  N N   . PHE A 1 82  ? 1.824   8.722   -4.702  1.00 11.53 ? 82   PHE A N   1 
ATOM   660  C CA  . PHE A 1 82  ? 1.446   8.375   -3.325  1.00 12.99 ? 82   PHE A CA  1 
ATOM   661  C C   . PHE A 1 82  ? 1.862   6.936   -3.058  1.00 13.00 ? 82   PHE A C   1 
ATOM   662  O O   . PHE A 1 82  ? 2.218   6.588   -1.916  1.00 13.94 ? 82   PHE A O   1 
ATOM   663  C CB  . PHE A 1 82  ? -0.058  8.505   -3.083  1.00 14.22 ? 82   PHE A CB  1 
ATOM   664  C CG  . PHE A 1 82  ? -0.573  9.943   -3.118  1.00 18.29 ? 82   PHE A CG  1 
ATOM   665  C CD1 . PHE A 1 82  ? 0.210   10.995  -2.679  1.00 27.52 ? 82   PHE A CD1 1 
ATOM   666  C CD2 . PHE A 1 82  ? -1.823  10.217  -3.623  1.00 24.18 ? 82   PHE A CD2 1 
ATOM   667  C CE1 . PHE A 1 82  ? -0.296  12.327  -2.726  1.00 29.05 ? 82   PHE A CE1 1 
ATOM   668  C CE2 . PHE A 1 82  ? -2.309  11.517  -3.652  1.00 27.43 ? 82   PHE A CE2 1 
ATOM   669  C CZ  . PHE A 1 82  ? -1.549  12.551  -3.202  1.00 26.69 ? 82   PHE A CZ  1 
ATOM   670  N N   . LEU A 1 83  ? 1.734   6.041   -4.040  1.00 12.69 ? 83   LEU A N   1 
ATOM   671  C CA  . LEU A 1 83  ? 2.150   4.639   -3.793  1.00 12.69 ? 83   LEU A CA  1 
ATOM   672  C C   . LEU A 1 83  ? 3.668   4.603   -3.530  1.00 12.38 ? 83   LEU A C   1 
ATOM   673  O O   . LEU A 1 83  ? 4.095   3.829   -2.642  1.00 12.79 ? 83   LEU A O   1 
ATOM   674  C CB  . LEU A 1 83  ? 1.815   3.726   -4.993  1.00 13.32 ? 83   LEU A CB  1 
ATOM   675  C CG  . LEU A 1 83  ? 0.359   3.357   -5.131  1.00 13.96 ? 83   LEU A CG  1 
ATOM   676  C CD1 . LEU A 1 83  ? 0.176   2.550   -6.437  1.00 14.32 ? 83   LEU A CD1 1 
ATOM   677  C CD2 . LEU A 1 83  ? -0.142  2.496   -3.951  1.00 16.27 ? 83   LEU A CD2 1 
ATOM   678  N N   . LYS A 1 84  ? 4.461   5.384   -4.262  1.00 11.44 ? 84   LYS A N   1 
ATOM   679  C CA  . LYS A 1 84  ? 5.902   5.393   -4.025  1.00 10.84 ? 84   LYS A CA  1 
ATOM   680  C C   . LYS A 1 84  ? 6.187   5.952   -2.633  1.00 11.87 ? 84   LYS A C   1 
ATOM   681  O O   . LYS A 1 84  ? 7.132   5.484   -1.973  1.00 12.65 ? 84   LYS A O   1 
ATOM   682  C CB  . LYS A 1 84  ? 6.641   6.172   -5.119  1.00 10.78 ? 84   LYS A CB  1 
ATOM   683  C CG  . LYS A 1 84  ? 6.647   5.384   -6.448  1.00 10.68 ? 84   LYS A CG  1 
ATOM   684  C CD  . LYS A 1 84  ? 7.219   6.266   -7.564  1.00 14.35 ? 84   LYS A CD  1 
ATOM   685  C CE  . LYS A 1 84  ? 7.316   5.479   -8.851  1.00 17.90 ? 84   LYS A CE  1 
ATOM   686  N NZ  . LYS A 1 84  ? 7.682   6.443   -9.984  1.00 20.85 ? 84   LYS A NZ  1 
ATOM   687  N N   . ARG A 1 85  ? 5.474   7.005   -2.213  1.00 11.69 ? 85   ARG A N   1 
ATOM   688  C CA  . ARG A 1 85  ? 5.790   7.603   -0.916  1.00 12.28 ? 85   ARG A CA  1 
ATOM   689  C C   . ARG A 1 85  ? 5.389   6.643   0.215   1.00 12.31 ? 85   ARG A C   1 
ATOM   690  O O   . ARG A 1 85  ? 6.146   6.447   1.186   1.00 13.47 ? 85   ARG A O   1 
ATOM   691  C CB  . ARG A 1 85  ? 5.109   8.956   -0.730  1.00 14.63 ? 85   ARG A CB  1 
ATOM   692  C CG  . ARG A 1 85  ? 5.589   9.613   0.558   1.00 15.61 ? 85   ARG A CG  1 
ATOM   693  C CD  . ARG A 1 85  ? 5.361   11.102  0.575   1.00 18.25 ? 85   ARG A CD  1 
ATOM   694  N NE  . ARG A 1 85  ? 3.925   11.326  0.394   1.00 19.72 ? 85   ARG A NE  1 
ATOM   695  C CZ  . ARG A 1 85  ? 3.408   12.492  -0.009  1.00 23.94 ? 85   ARG A CZ  1 
ATOM   696  N NH1 . ARG A 1 85  ? 4.208   13.531  -0.248  1.00 21.93 ? 85   ARG A NH1 1 
ATOM   697  N NH2 . ARG A 1 85  ? 2.091   12.619  -0.122  1.00 24.05 ? 85   ARG A NH2 1 
ATOM   698  N N   . LEU A 1 86  ? 4.226   6.010   0.066   1.00 12.01 ? 86   LEU A N   1 
ATOM   699  C CA  . LEU A 1 86  ? 3.752   5.033   1.045   1.00 11.42 ? 86   LEU A CA  1 
ATOM   700  C C   . LEU A 1 86  ? 4.805   3.925   1.098   1.00 12.22 ? 86   LEU A C   1 
ATOM   701  O O   . LEU A 1 86  ? 5.204   3.434   2.186   1.00 12.19 ? 86   LEU A O   1 
ATOM   702  C CB  . LEU A 1 86  ? 2.384   4.473   0.573   1.00 11.74 ? 86   LEU A CB  1 
ATOM   703  C CG  . LEU A 1 86  ? 1.908   3.213   1.277   1.00 12.88 ? 86   LEU A CG  1 
ATOM   704  C CD1 . LEU A 1 86  ? 1.750   3.532   2.812   1.00 12.83 ? 86   LEU A CD1 1 
ATOM   705  C CD2 . LEU A 1 86  ? 0.548   2.828   0.683   1.00 14.16 ? 86   LEU A CD2 1 
ATOM   706  N N   . ASP A 1 87  ? 5.285   3.543   -0.085  1.00 11.04 ? 87   ASP A N   1 
ATOM   707  C CA  . ASP A 1 87  ? 6.178   2.399   -0.134  1.00 10.78 ? 87   ASP A CA  1 
ATOM   708  C C   . ASP A 1 87  ? 7.525   2.734   0.577   1.00 10.75 ? 87   ASP A C   1 
ATOM   709  O O   . ASP A 1 87  ? 8.071   1.909   1.313   1.00 10.67 ? 87   ASP A O   1 
ATOM   710  C CB  . ASP A 1 87  ? 6.426   2.032   -1.613  1.00 11.20 ? 87   ASP A CB  1 
ATOM   711  C CG  . ASP A 1 87  ? 6.992   0.653   -1.763  1.00 12.78 ? 87   ASP A CG  1 
ATOM   712  O OD1 . ASP A 1 87  ? 6.268   -0.277  -1.268  1.00 15.28 ? 87   ASP A OD1 1 
ATOM   713  O OD2 . ASP A 1 87  ? 8.025   0.451   -2.382  1.00 13.30 ? 87   ASP A OD2 1 
ATOM   714  N N   . ARG A 1 88  ? 8.074   3.930   0.317   1.00 10.78 ? 88   ARG A N   1 
ATOM   715  C CA  . ARG A 1 88  ? 9.302   4.368   0.966   1.00 10.76 ? 88   ARG A CA  1 
ATOM   716  C C   . ARG A 1 88  ? 9.144   4.361   2.498   1.00 10.34 ? 88   ARG A C   1 
ATOM   717  O O   . ARG A 1 88  ? 10.057  3.978   3.247   1.00 10.28 ? 88   ARG A O   1 
ATOM   718  C CB  . ARG A 1 88  ? 9.588   5.768   0.398   1.00 12.29 ? 88   ARG A CB  1 
ATOM   719  C CG  . ARG A 1 88  ? 10.331  6.688   1.185   1.00 16.32 ? 88   ARG A CG  1 
ATOM   720  C CD  . ARG A 1 88  ? 10.482  8.092   0.538   1.00 13.75 ? 88   ARG A CD  1 
ATOM   721  N NE  . ARG A 1 88  ? 11.598  8.720   1.287   1.00 20.90 ? 88   ARG A NE  1 
ATOM   722  C CZ  . ARG A 1 88  ? 12.166  9.896   1.018   1.00 22.08 ? 88   ARG A CZ  1 
ATOM   723  N NH1 . ARG A 1 88  ? 11.719  10.671  0.026   1.00 24.98 ? 88   ARG A NH1 1 
ATOM   724  N NH2 . ARG A 1 88  ? 13.188  10.299  1.762   1.00 22.00 ? 88   ARG A NH2 1 
ATOM   725  N N   . ASN A 1 89  ? 7.996   4.826   2.955   1.00 11.12 ? 89   ASN A N   1 
ATOM   726  C CA  . ASN A 1 89  ? 7.743   4.849   4.397   1.00 10.36 ? 89   ASN A CA  1 
ATOM   727  C C   . ASN A 1 89  ? 7.605   3.441   4.980   1.00 9.77  ? 89   ASN A C   1 
ATOM   728  O O   . ASN A 1 89  ? 8.133   3.183   6.065   1.00 11.15 ? 89   ASN A O   1 
ATOM   729  C CB  . ASN A 1 89  ? 6.486   5.696   4.655   1.00 12.15 ? 89   ASN A CB  1 
ATOM   730  C CG  . ASN A 1 89  ? 6.806   7.163   4.589   1.00 14.06 ? 89   ASN A CG  1 
ATOM   731  O OD1 . ASN A 1 89  ? 7.882   7.569   5.013   1.00 15.64 ? 89   ASN A OD1 1 
ATOM   732  N ND2 . ASN A 1 89  ? 5.870   7.971   4.091   1.00 14.47 ? 89   ASN A ND2 1 
ATOM   733  N N   . LEU A 1 90  ? 6.901   2.550   4.266   1.00 9.93  ? 90   LEU A N   1 
ATOM   734  C CA  . LEU A 1 90  ? 6.791   1.157   4.725   1.00 10.49 ? 90   LEU A CA  1 
ATOM   735  C C   . LEU A 1 90  ? 8.184   0.513   4.803   1.00 11.09 ? 90   LEU A C   1 
ATOM   736  O O   . LEU A 1 90  ? 8.483   -0.218  5.780   1.00 12.44 ? 90   LEU A O   1 
ATOM   737  C CB  . LEU A 1 90  ? 5.867   0.353   3.759   1.00 11.66 ? 90   LEU A CB  1 
ATOM   738  C CG  . LEU A 1 90  ? 4.396   0.736   3.952   1.00 12.45 ? 90   LEU A CG  1 
ATOM   739  C CD1 . LEU A 1 90  ? 3.643   0.112   2.751   1.00 15.22 ? 90   LEU A CD1 1 
ATOM   740  C CD2 . LEU A 1 90  ? 3.801   0.264   5.293   1.00 15.08 ? 90   LEU A CD2 1 
ATOM   741  N N   . TRP A 1 91  ? 9.037   0.688   3.789   1.00 10.22 ? 91   TRP A N   1 
ATOM   742  C CA  . TRP A 1 91  ? 10.360  0.075   3.838   1.00 10.64 ? 91   TRP A CA  1 
ATOM   743  C C   . TRP A 1 91  ? 11.153  0.586   5.044   1.00 11.83 ? 91   TRP A C   1 
ATOM   744  O O   . TRP A 1 91  ? 11.937  -0.159  5.644   1.00 12.27 ? 91   TRP A O   1 
ATOM   745  C CB  . TRP A 1 91  ? 11.168  0.376   2.560   1.00 10.45 ? 91   TRP A CB  1 
ATOM   746  C CG  . TRP A 1 91  ? 10.754  -0.438  1.352   1.00 11.66 ? 91   TRP A CG  1 
ATOM   747  C CD1 . TRP A 1 91  ? 10.250  0.045   0.188   1.00 13.00 ? 91   TRP A CD1 1 
ATOM   748  C CD2 . TRP A 1 91  ? 10.823  -1.876  1.190   1.00 11.41 ? 91   TRP A CD2 1 
ATOM   749  N NE1 . TRP A 1 91  ? 9.950   -0.993  -0.672  1.00 13.34 ? 91   TRP A NE1 1 
ATOM   750  C CE2 . TRP A 1 91  ? 10.299  -2.175  -0.093  1.00 12.12 ? 91   TRP A CE2 1 
ATOM   751  C CE3 . TRP A 1 91  ? 11.228  -2.938  2.017   1.00 14.71 ? 91   TRP A CE3 1 
ATOM   752  C CZ2 . TRP A 1 91  ? 10.215  -3.478  -0.589  1.00 12.65 ? 91   TRP A CZ2 1 
ATOM   753  C CZ3 . TRP A 1 91  ? 11.153  -4.236  1.515   1.00 12.11 ? 91   TRP A CZ3 1 
ATOM   754  C CH2 . TRP A 1 91  ? 10.610  -4.486  0.251   1.00 11.52 ? 91   TRP A CH2 1 
ATOM   755  N N   . GLY A 1 92  ? 10.971  1.867   5.350   1.00 12.84 ? 92   GLY A N   1 
ATOM   756  C CA  . GLY A 1 92  ? 11.749  2.508   6.415   1.00 14.19 ? 92   GLY A CA  1 
ATOM   757  C C   . GLY A 1 92  ? 11.374  1.901   7.746   1.00 15.04 ? 92   GLY A C   1 
ATOM   758  O O   . GLY A 1 92  ? 12.174  1.850   8.696   1.00 15.75 ? 92   GLY A O   1 
ATOM   759  N N   . LEU A 1 93  ? 10.131  1.445   7.819   1.00 16.53 ? 93   LEU A N   1 
ATOM   760  C CA  . LEU A 1 93  ? 9.612   0.832   9.034   1.00 18.05 ? 93   LEU A CA  1 
ATOM   761  C C   . LEU A 1 93  ? 9.899   -0.653  9.085   1.00 19.07 ? 93   LEU A C   1 
ATOM   762  O O   . LEU A 1 93  ? 9.988   -1.188  10.186  1.00 20.12 ? 93   LEU A O   1 
ATOM   763  C CB  . LEU A 1 93  ? 8.113   1.094   9.179   1.00 18.91 ? 93   LEU A CB  1 
ATOM   764  C CG  . LEU A 1 93  ? 7.779   2.550   9.508   1.00 22.48 ? 93   LEU A CG  1 
ATOM   765  C CD1 . LEU A 1 93  ? 6.377   2.645   10.030  1.00 25.95 ? 93   LEU A CD1 1 
ATOM   766  C CD2 . LEU A 1 93  ? 8.747   3.180   10.531  1.00 22.83 ? 93   LEU A CD2 1 
ATOM   767  N N   . ALA A 1 94  ? 10.077  -1.291  7.927   1.00 19.32 ? 94   ALA A N   1 
ATOM   768  C CA  . ALA A 1 94  ? 10.323  -2.725  7.835   1.00 19.63 ? 94   ALA A CA  1 
ATOM   769  C C   . ALA A 1 94  ? 11.696  -3.077  8.390   1.00 22.73 ? 94   ALA A C   1 
ATOM   770  O O   . ALA A 1 94  ? 11.826  -4.047  9.105   1.00 23.40 ? 94   ALA A O   1 
ATOM   771  C CB  . ALA A 1 94  ? 10.206  -3.233  6.366   1.00 19.76 ? 94   ALA A CB  1 
ATOM   772  N N   . GLY A 1 95  ? 12.702  -2.275  8.069   1.00 24.51 ? 95   GLY A N   1 
ATOM   773  C CA  . GLY A 1 95  ? 14.072  -2.638  8.386   1.00 25.84 ? 95   GLY A CA  1 
ATOM   774  C C   . GLY A 1 95  ? 14.404  -4.013  7.819   1.00 26.97 ? 95   GLY A C   1 
ATOM   775  O O   . GLY A 1 95  ? 15.196  -4.779  8.396   1.00 26.18 ? 95   GLY A O   1 
ATOM   776  N N   . LEU A 1 96  ? 13.803  -4.303  6.672   1.00 28.12 ? 96   LEU A N   1 
ATOM   777  C CA  . LEU A 1 96  ? 13.643  -5.674  6.176   1.00 30.83 ? 96   LEU A CA  1 
ATOM   778  C C   . LEU A 1 96  ? 13.301  -5.708  4.689   1.00 31.20 ? 96   LEU A C   1 
ATOM   779  O O   . LEU A 1 96  ? 12.359  -5.062  4.259   1.00 32.79 ? 96   LEU A O   1 
ATOM   780  C CB  . LEU A 1 96  ? 12.499  -6.358  6.945   1.00 31.24 ? 96   LEU A CB  1 
ATOM   781  C CG  . LEU A 1 96  ? 12.575  -7.844  7.297   1.00 31.69 ? 96   LEU A CG  1 
ATOM   782  C CD1 . LEU A 1 96  ? 11.165  -8.415  7.312   1.00 30.92 ? 96   LEU A CD1 1 
ATOM   783  C CD2 . LEU A 1 96  ? 13.422  -8.595  6.301   1.00 32.93 ? 96   LEU A CD2 1 
ATOM   784  N N   . ASN A 1 97  ? 14.063  -6.485  3.915   1.00 32.49 ? 97   ASN A N   1 
ATOM   785  C CA  . ASN A 1 97  ? 13.847  -6.683  2.467   1.00 32.28 ? 97   ASN A CA  1 
ATOM   786  C C   . ASN A 1 97  ? 13.346  -8.113  2.250   1.00 32.52 ? 97   ASN A C   1 
ATOM   787  O O   . ASN A 1 97  ? 12.609  -8.425  1.286   1.00 32.36 ? 97   ASN A O   1 
ATOM   788  C CB  . ASN A 1 97  ? 15.199  -6.561  1.775   1.00 33.24 ? 97   ASN A CB  1 
ATOM   789  C CG  . ASN A 1 97  ? 15.149  -5.797  0.472   1.00 33.83 ? 97   ASN A CG  1 
ATOM   790  O OD1 . ASN A 1 97  ? 14.457  -4.799  0.336   1.00 34.87 ? 97   ASN A OD1 1 
ATOM   791  N ND2 . ASN A 1 97  ? 15.939  -6.256  -0.492  1.00 35.41 ? 97   ASN A ND2 1 
ATOM   792  N N   . SER A 1 98  ? 13.748  -8.965  3.192   1.00 31.99 ? 98   SER A N   1 
ATOM   793  C CA  . SER A 1 98  ? 13.656  -10.418 3.104   1.00 31.40 ? 98   SER A CA  1 
ATOM   794  C C   . SER A 1 98  ? 12.397  -10.949 3.775   1.00 30.74 ? 98   SER A C   1 
ATOM   795  O O   . SER A 1 98  ? 12.447  -11.484 4.892   1.00 30.74 ? 98   SER A O   1 
ATOM   796  C CB  . SER A 1 98  ? 14.865  -11.008 3.803   1.00 31.65 ? 98   SER A CB  1 
ATOM   797  O OG  . SER A 1 98  ? 15.190  -10.193 4.917   1.00 32.63 ? 98   SER A OG  1 
ATOM   798  N N   . CYS A 1 99  ? 11.275  -10.805 3.075   1.00 29.08 ? 99   CYS A N   1 
ATOM   799  C CA  . CYS A 1 99  ? 9.979   -11.270 3.535   1.00 27.60 ? 99   CYS A CA  1 
ATOM   800  C C   . CYS A 1 99  ? 9.267   -11.930 2.356   1.00 27.95 ? 99   CYS A C   1 
ATOM   801  O O   . CYS A 1 99  ? 8.555   -11.274 1.620   1.00 27.34 ? 99   CYS A O   1 
ATOM   802  C CB  . CYS A 1 99  ? 9.149   -10.087 3.993   1.00 27.29 ? 99   CYS A CB  1 
ATOM   803  S SG  . CYS A 1 99  ? 9.106   -8.762  2.764   1.00 23.73 ? 99   CYS A SG  1 
ATOM   804  N N   . PRO A 1 100 ? 9.475   -13.221 2.144   1.00 27.92 ? 100  PRO A N   1 
ATOM   805  C CA  . PRO A 1 100 ? 8.795   -13.903 1.035   1.00 28.15 ? 100  PRO A CA  1 
ATOM   806  C C   . PRO A 1 100 ? 7.277   -13.753 1.174   1.00 28.35 ? 100  PRO A C   1 
ATOM   807  O O   . PRO A 1 100 ? 6.774   -13.941 2.275   1.00 29.18 ? 100  PRO A O   1 
ATOM   808  C CB  . PRO A 1 100 ? 9.224   -15.358 1.219   1.00 28.62 ? 100  PRO A CB  1 
ATOM   809  C CG  . PRO A 1 100 ? 10.528  -15.257 1.935   1.00 28.29 ? 100  PRO A CG  1 
ATOM   810  C CD  . PRO A 1 100 ? 10.368  -14.123 2.897   1.00 28.26 ? 100  PRO A CD  1 
ATOM   811  N N   . VAL A 1 101 ? 6.574   -13.390 0.101   1.00 27.95 ? 101  VAL A N   1 
ATOM   812  C CA  . VAL A 1 101 ? 5.109   -13.316 0.114   1.00 27.29 ? 101  VAL A CA  1 
ATOM   813  C C   . VAL A 1 101 ? 4.529   -14.478 -0.703  1.00 27.25 ? 101  VAL A C   1 
ATOM   814  O O   . VAL A 1 101 ? 4.694   -14.524 -1.926  1.00 28.08 ? 101  VAL A O   1 
ATOM   815  C CB  . VAL A 1 101 ? 4.625   -11.949 -0.443  1.00 27.92 ? 101  VAL A CB  1 
ATOM   816  C CG1 . VAL A 1 101 ? 3.108   -11.912 -0.592  1.00 27.29 ? 101  VAL A CG1 1 
ATOM   817  C CG2 . VAL A 1 101 ? 5.100   -10.822 0.462   1.00 27.06 ? 101  VAL A CG2 1 
ATOM   818  N N   . LYS A 1 102 ? 3.847   -15.406 -0.037  1.00 26.06 ? 102  LYS A N   1 
ATOM   819  C CA  . LYS A 1 102 ? 3.426   -16.645 -0.690  1.00 25.64 ? 102  LYS A CA  1 
ATOM   820  C C   . LYS A 1 102 ? 1.908   -16.827 -0.860  1.00 24.43 ? 102  LYS A C   1 
ATOM   821  O O   . LYS A 1 102 ? 1.449   -17.911 -1.208  1.00 24.38 ? 102  LYS A O   1 
ATOM   822  C CB  . LYS A 1 102 ? 4.034   -17.849 0.031   1.00 25.95 ? 102  LYS A CB  1 
ATOM   823  C CG  . LYS A 1 102 ? 5.532   -18.035 -0.226  1.00 28.00 ? 102  LYS A CG  1 
ATOM   824  C CD  . LYS A 1 102 ? 6.116   -19.195 0.578   1.00 30.61 ? 102  LYS A CD  1 
ATOM   825  C CE  . LYS A 1 102 ? 6.281   -20.445 -0.289  1.00 31.40 ? 102  LYS A CE  1 
ATOM   826  N NZ  . LYS A 1 102 ? 6.846   -21.633 0.452   1.00 33.23 ? 102  LYS A NZ  1 
ATOM   827  N N   . GLU A 1 103 ? 1.130   -15.768 -0.629  1.00 23.03 ? 103  GLU A N   1 
ATOM   828  C CA  . GLU A 1 103 ? -0.325  -15.893 -0.715  1.00 21.38 ? 103  GLU A CA  1 
ATOM   829  C C   . GLU A 1 103 ? -0.773  -16.050 -2.149  1.00 20.43 ? 103  GLU A C   1 
ATOM   830  O O   . GLU A 1 103 ? -0.182  -15.465 -3.047  1.00 21.14 ? 103  GLU A O   1 
ATOM   831  C CB  . GLU A 1 103 ? -1.012  -14.671 -0.093  1.00 21.39 ? 103  GLU A CB  1 
ATOM   832  C CG  . GLU A 1 103 ? -1.460  -14.913 1.345   1.00 20.39 ? 103  GLU A CG  1 
ATOM   833  C CD  . GLU A 1 103 ? -0.284  -15.158 2.278   1.00 23.03 ? 103  GLU A CD  1 
ATOM   834  O OE1 . GLU A 1 103 ? 0.699   -14.373 2.203   1.00 23.71 ? 103  GLU A OE1 1 
ATOM   835  O OE2 . GLU A 1 103 ? -0.338  -16.137 3.068   1.00 24.03 ? 103  GLU A OE2 1 
ATOM   836  N N   . ALA A 1 104 ? -1.822  -16.825 -2.373  1.00 18.40 ? 104  ALA A N   1 
ATOM   837  C CA  . ALA A 1 104 ? -2.364  -16.955 -3.724  1.00 17.76 ? 104  ALA A CA  1 
ATOM   838  C C   . ALA A 1 104 ? -3.393  -15.863 -4.031  1.00 16.69 ? 104  ALA A C   1 
ATOM   839  O O   . ALA A 1 104 ? -3.437  -15.338 -5.142  1.00 16.64 ? 104  ALA A O   1 
ATOM   840  C CB  . ALA A 1 104 ? -2.980  -18.315 -3.917  1.00 17.82 ? 104  ALA A CB  1 
ATOM   841  N N   . ASN A 1 105 ? -4.244  -15.574 -3.046  1.00 15.54 ? 105  ASN A N   1 
ATOM   842  C CA  . ASN A 1 105 ? -5.398  -14.732 -3.255  1.00 14.54 ? 105  ASN A CA  1 
ATOM   843  C C   . ASN A 1 105 ? -4.886  -13.437 -3.765  1.00 12.94 ? 105  ASN A C   1 
ATOM   844  O O   . ASN A 1 105 ? -3.842  -12.937 -3.302  1.00 10.63 ? 105  ASN A O   1 
ATOM   845  C CB  . ASN A 1 105 ? -6.207  -14.501 -1.938  1.00 16.54 ? 105  ASN A CB  1 
ATOM   846  C CG  . ASN A 1 105 ? -7.481  -13.675 -2.180  1.00 17.48 ? 105  ASN A CG  1 
ATOM   847  O OD1 . ASN A 1 105 ? -7.695  -12.622 -1.557  1.00 19.61 ? 105  ASN A OD1 1 
ATOM   848  N ND2 . ASN A 1 105 ? -8.319  -14.150 -3.095  1.00 17.58 ? 105  ASN A ND2 1 
ATOM   849  N N   . GLN A 1 106 ? -5.603  -12.895 -4.735  1.00 12.31 ? 106  GLN A N   1 
ATOM   850  C CA  . GLN A 1 106 ? -5.367  -11.555 -5.193  1.00 13.05 ? 106  GLN A CA  1 
ATOM   851  C C   . GLN A 1 106 ? -6.515  -10.677 -4.712  1.00 13.56 ? 106  GLN A C   1 
ATOM   852  O O   . GLN A 1 106 ? -7.710  -11.092 -4.783  1.00 16.49 ? 106  GLN A O   1 
ATOM   853  C CB  . GLN A 1 106 ? -5.256  -11.502 -6.721  1.00 13.18 ? 106  GLN A CB  1 
ATOM   854  C CG  . GLN A 1 106 ? -4.148  -12.434 -7.249  1.00 14.23 ? 106  GLN A CG  1 
ATOM   855  C CD  . GLN A 1 106 ? -2.777  -11.848 -7.037  1.00 14.60 ? 106  GLN A CD  1 
ATOM   856  O OE1 . GLN A 1 106 ? -2.544  -10.706 -7.363  1.00 17.09 ? 106  GLN A OE1 1 
ATOM   857  N NE2 . GLN A 1 106 ? -1.896  -12.620 -6.438  1.00 19.48 ? 106  GLN A NE2 1 
ATOM   858  N N   . SER A 1 107 ? -6.137  -9.543  -4.148  1.00 12.85 ? 107  SER A N   1 
ATOM   859  C CA  . SER A 1 107 ? -7.074  -8.514  -3.750  1.00 14.22 ? 107  SER A CA  1 
ATOM   860  C C   . SER A 1 107 ? -6.997  -7.423  -4.783  1.00 12.69 ? 107  SER A C   1 
ATOM   861  O O   . SER A 1 107 ? -5.911  -7.153  -5.322  1.00 13.93 ? 107  SER A O   1 
ATOM   862  C CB  . SER A 1 107 ? -6.639  -7.906  -2.384  1.00 14.43 ? 107  SER A CB  1 
ATOM   863  O OG  . SER A 1 107 ? -6.847  -8.916  -1.380  1.00 23.23 ? 107  SER A OG  1 
ATOM   864  N N   . THR A 1 108 ? -8.081  -6.690  -4.987  1.00 13.17 ? 108  THR A N   1 
ATOM   865  C CA  . THR A 1 108 ? -7.907  -5.415  -5.681  1.00 12.28 ? 108  THR A CA  1 
ATOM   866  C C   . THR A 1 108 ? -6.974  -4.538  -4.888  1.00 12.87 ? 108  THR A C   1 
ATOM   867  O O   . THR A 1 108 ? -6.914  -4.638  -3.667  1.00 11.90 ? 108  THR A O   1 
ATOM   868  C CB  . THR A 1 108 ? -9.235  -4.614  -5.865  1.00 14.03 ? 108  THR A CB  1 
ATOM   869  O OG1 . THR A 1 108 ? -9.834  -4.284  -4.583  1.00 13.00 ? 108  THR A OG1 1 
ATOM   870  C CG2 . THR A 1 108 ? -10.248 -5.425  -6.643  1.00 12.42 ? 108  THR A CG2 1 
ATOM   871  N N   . LEU A 1 109 ? -6.331  -3.584  -5.560  1.00 11.51 ? 109  LEU A N   1 
ATOM   872  C CA  . LEU A 1 109 ? -5.488  -2.634  -4.823  1.00 10.84 ? 109  LEU A CA  1 
ATOM   873  C C   . LEU A 1 109 ? -6.340  -1.821  -3.828  1.00 12.51 ? 109  LEU A C   1 
ATOM   874  O O   . LEU A 1 109 ? -5.928  -1.604  -2.684  1.00 11.82 ? 109  LEU A O   1 
ATOM   875  C CB  . LEU A 1 109 ? -4.768  -1.698  -5.811  1.00 12.28 ? 109  LEU A CB  1 
ATOM   876  C CG  . LEU A 1 109 ? -3.975  -0.591  -5.142  1.00 11.97 ? 109  LEU A CG  1 
ATOM   877  C CD1 . LEU A 1 109 ? -2.737  -1.231  -4.532  1.00 14.39 ? 109  LEU A CD1 1 
ATOM   878  C CD2 . LEU A 1 109 ? -3.596  0.443   -6.216  1.00 17.13 ? 109  LEU A CD2 1 
ATOM   879  N N   . GLU A 1 110 ? -7.547  -1.431  -4.245  1.00 12.73 ? 110  GLU A N   1 
ATOM   880  C CA  . GLU A 1 110 ? -8.400  -0.642  -3.374  1.00 14.06 ? 110  GLU A CA  1 
ATOM   881  C C   . GLU A 1 110 ? -8.644  -1.400  -2.059  1.00 13.33 ? 110  GLU A C   1 
ATOM   882  O O   . GLU A 1 110 ? -8.486  -0.845  -0.978  1.00 13.96 ? 110  GLU A O   1 
ATOM   883  C CB  . GLU A 1 110 ? -9.743  -0.336  -4.066  1.00 14.93 ? 110  GLU A CB  1 
ATOM   884  C CG  . GLU A 1 110 ? -10.630 0.560   -3.189  1.00 20.20 ? 110  GLU A CG  1 
ATOM   885  C CD  . GLU A 1 110 ? -11.852 1.069   -3.931  1.00 31.25 ? 110  GLU A CD  1 
ATOM   886  O OE1 . GLU A 1 110 ? -12.652 0.240   -4.448  1.00 35.18 ? 110  GLU A OE1 1 
ATOM   887  O OE2 . GLU A 1 110 ? -12.019 2.320   -4.002  1.00 37.50 ? 110  GLU A OE2 1 
ATOM   888  N N   . ASN A 1 111 ? -8.981  -2.672  -2.151  1.00 10.76 ? 111  ASN A N   1 
ATOM   889  C CA  . ASN A 1 111 ? -9.276  -3.443  -0.933  1.00 12.26 ? 111  ASN A CA  1 
ATOM   890  C C   . ASN A 1 111 ? -8.023  -3.671  -0.095  1.00 12.42 ? 111  ASN A C   1 
ATOM   891  O O   . ASN A 1 111 ? -8.074  -3.654  1.135   1.00 13.73 ? 111  ASN A O   1 
ATOM   892  C CB  . ASN A 1 111 ? -9.900  -4.773  -1.310  1.00 11.54 ? 111  ASN A CB  1 
ATOM   893  C CG  . ASN A 1 111 ? -11.372 -4.637  -1.698  1.00 13.84 ? 111  ASN A CG  1 
ATOM   894  O OD1 . ASN A 1 111 ? -12.015 -3.657  -1.291  1.00 17.17 ? 111  ASN A OD1 1 
ATOM   895  N ND2 . ASN A 1 111 ? -11.922 -5.618  -2.451  1.00 17.02 ? 111  ASN A ND2 1 
ATOM   896  N N   . PHE A 1 112 ? -6.888  -3.873  -0.769  1.00 10.94 ? 112  PHE A N   1 
ATOM   897  C CA  . PHE A 1 112 ? -5.631  -4.038  -0.053  1.00 11.54 ? 112  PHE A CA  1 
ATOM   898  C C   . PHE A 1 112 ? -5.300  -2.748  0.727   1.00 12.08 ? 112  PHE A C   1 
ATOM   899  O O   . PHE A 1 112 ? -4.907  -2.788  1.900   1.00 12.07 ? 112  PHE A O   1 
ATOM   900  C CB  . PHE A 1 112 ? -4.514  -4.298  -1.056  1.00 12.49 ? 112  PHE A CB  1 
ATOM   901  C CG  . PHE A 1 112 ? -3.180  -4.512  -0.430  1.00 14.98 ? 112  PHE A CG  1 
ATOM   902  C CD1 . PHE A 1 112 ? -2.317  -3.468  -0.273  1.00 17.90 ? 112  PHE A CD1 1 
ATOM   903  C CD2 . PHE A 1 112 ? -2.810  -5.800  -0.033  1.00 21.24 ? 112  PHE A CD2 1 
ATOM   904  C CE1 . PHE A 1 112 ? -1.063  -3.664  0.325   1.00 19.15 ? 112  PHE A CE1 1 
ATOM   905  C CE2 . PHE A 1 112 ? -1.566  -6.016  0.550   1.00 26.20 ? 112  PHE A CE2 1 
ATOM   906  C CZ  . PHE A 1 112 ? -0.688  -4.937  0.717   1.00 21.66 ? 112  PHE A CZ  1 
ATOM   907  N N   . LEU A 1 113 ? -5.427  -1.603  0.066   1.00 13.10 ? 113  LEU A N   1 
ATOM   908  C CA  . LEU A 1 113 ? -5.079  -0.322  0.717   1.00 13.12 ? 113  LEU A CA  1 
ATOM   909  C C   . LEU A 1 113 ? -6.045  -0.025  1.883   1.00 13.61 ? 113  LEU A C   1 
ATOM   910  O O   . LEU A 1 113 ? -5.602  0.437   2.922   1.00 14.19 ? 113  LEU A O   1 
ATOM   911  C CB  . LEU A 1 113 ? -5.114  0.822   -0.302  1.00 13.17 ? 113  LEU A CB  1 
ATOM   912  C CG  . LEU A 1 113 ? -3.991  0.722   -1.366  1.00 13.30 ? 113  LEU A CG  1 
ATOM   913  C CD1 . LEU A 1 113 ? -4.341  1.792   -2.393  1.00 16.80 ? 113  LEU A CD1 1 
ATOM   914  C CD2 . LEU A 1 113 ? -2.578  0.958   -0.784  1.00 15.53 ? 113  LEU A CD2 1 
ATOM   915  N N   . GLU A 1 114 ? -7.313  -0.358  1.736   1.00 13.84 ? 114  GLU A N   1 
ATOM   916  C CA  . GLU A 1 114 ? -8.256  -0.154  2.855   1.00 13.94 ? 114  GLU A CA  1 
ATOM   917  C C   . GLU A 1 114 ? -7.865  -1.027  4.027   1.00 14.13 ? 114  GLU A C   1 
ATOM   918  O O   . GLU A 1 114 ? -7.921  -0.599  5.192   1.00 12.77 ? 114  GLU A O   1 
ATOM   919  C CB  . GLU A 1 114 ? -9.694  -0.445  2.417   1.00 15.77 ? 114  GLU A CB  1 
ATOM   920  C CG  . GLU A 1 114 ? -10.219 0.606   1.464   1.00 18.23 ? 114  GLU A CG  1 
ATOM   921  C CD  . GLU A 1 114 ? -10.526 1.915   2.164   1.00 25.86 ? 114  GLU A CD  1 
ATOM   922  O OE1 . GLU A 1 114 ? -10.125 2.078   3.340   1.00 28.83 ? 114  GLU A OE1 1 
ATOM   923  O OE2 . GLU A 1 114 ? -11.195 2.766   1.545   1.00 31.70 ? 114  GLU A OE2 1 
ATOM   924  N N   . ARG A 1 115 ? -7.505  -2.279  3.755   1.00 12.99 ? 115  ARG A N   1 
ATOM   925  C CA  . ARG A 1 115 ? -7.120  -3.166  4.858   1.00 13.93 ? 115  ARG A CA  1 
ATOM   926  C C   . ARG A 1 115 ? -5.843  -2.657  5.539   1.00 13.61 ? 115  ARG A C   1 
ATOM   927  O O   . ARG A 1 115 ? -5.715  -2.668  6.757   1.00 13.26 ? 115  ARG A O   1 
ATOM   928  C CB  . ARG A 1 115 ? -6.940  -4.621  4.393   1.00 14.55 ? 115  ARG A CB  1 
ATOM   929  C CG  . ARG A 1 115 ? -6.829  -5.523  5.622   1.00 15.10 ? 115  ARG A CG  1 
ATOM   930  C CD  . ARG A 1 115 ? -7.990  -5.307  6.655   1.00 17.07 ? 115  ARG A CD  1 
ATOM   931  N NE  . ARG A 1 115 ? -7.865  -6.215  7.796   1.00 20.97 ? 115  ARG A NE  1 
ATOM   932  C CZ  . ARG A 1 115 ? -8.658  -6.166  8.927   1.00 17.89 ? 115  ARG A CZ  1 
ATOM   933  N NH1 . ARG A 1 115 ? -9.594  -5.225  9.147   1.00 20.91 ? 115  ARG A NH1 1 
ATOM   934  N NH2 . ARG A 1 115 ? -8.428  -7.048  9.865   1.00 26.00 ? 115  ARG A NH2 1 
ATOM   935  N N   . LEU A 1 116 ? -4.896  -2.175  4.746   1.00 11.88 ? 116  LEU A N   1 
ATOM   936  C CA  . LEU A 1 116 ? -3.657  -1.723  5.307   1.00 12.06 ? 116  LEU A CA  1 
ATOM   937  C C   . LEU A 1 116 ? -3.983  -0.481  6.146   1.00 13.03 ? 116  LEU A C   1 
ATOM   938  O O   . LEU A 1 116 ? -3.401  -0.251  7.217   1.00 12.91 ? 116  LEU A O   1 
ATOM   939  C CB  . LEU A 1 116 ? -2.682  -1.363  4.188   1.00 12.45 ? 116  LEU A CB  1 
ATOM   940  C CG  . LEU A 1 116 ? -1.289  -0.849  4.635   1.00 13.79 ? 116  LEU A CG  1 
ATOM   941  C CD1 . LEU A 1 116 ? -0.563  -1.837  5.540   1.00 14.56 ? 116  LEU A CD1 1 
ATOM   942  C CD2 . LEU A 1 116 ? -0.468  -0.611  3.419   1.00 16.71 ? 116  LEU A CD2 1 
ATOM   943  N N   . LYS A 1 117 ? -4.909  0.329   5.652   1.00 13.58 ? 117  LYS A N   1 
ATOM   944  C CA  . LYS A 1 117 ? -5.261  1.524   6.429   1.00 14.42 ? 117  LYS A CA  1 
ATOM   945  C C   . LYS A 1 117 ? -5.826  1.134   7.798   1.00 15.12 ? 117  LYS A C   1 
ATOM   946  O O   . LYS A 1 117 ? -5.480  1.739   8.830   1.00 14.54 ? 117  LYS A O   1 
ATOM   947  C CB  . LYS A 1 117 ? -6.274  2.373   5.683   1.00 14.06 ? 117  LYS A CB  1 
ATOM   948  C CG  . LYS A 1 117 ? -6.472  3.713   6.342   1.00 17.55 ? 117  LYS A CG  1 
ATOM   949  C CD  . LYS A 1 117 ? -7.724  4.329   5.882   1.00 21.85 ? 117  LYS A CD  1 
ATOM   950  C CE  . LYS A 1 117 ? -7.639  4.839   4.506   1.00 22.23 ? 117  LYS A CE  1 
ATOM   951  N NZ  . LYS A 1 117 ? -9.046  4.938   4.010   1.00 26.35 ? 117  LYS A NZ  1 
ATOM   952  N N   . THR A 1 118 ? -6.674  0.122   7.825   1.00 13.56 ? 118  THR A N   1 
ATOM   953  C CA  . THR A 1 118 ? -7.201  -0.332  9.121   1.00 13.28 ? 118  THR A CA  1 
ATOM   954  C C   . THR A 1 118 ? -6.085  -0.776  10.061  1.00 12.72 ? 118  THR A C   1 
ATOM   955  O O   . THR A 1 118 ? -6.095  -0.434  11.260  1.00 13.45 ? 118  THR A O   1 
ATOM   956  C CB  . THR A 1 118 ? -8.153  -1.471  8.846   1.00 13.26 ? 118  THR A CB  1 
ATOM   957  O OG1 . THR A 1 118 ? -9.286  -0.939  8.151   1.00 14.18 ? 118  THR A OG1 1 
ATOM   958  C CG2 . THR A 1 118 ? -8.741  -2.003  10.146  1.00 12.86 ? 118  THR A CG2 1 
ATOM   959  N N   . ILE A 1 119 ? -5.143  -1.555  9.534   1.00 12.64 ? 119  ILE A N   1 
ATOM   960  C CA  . ILE A 1 119 ? -3.992  -2.032  10.307  1.00 12.17 ? 119  ILE A CA  1 
ATOM   961  C C   . ILE A 1 119 ? -3.156  -0.886  10.871  1.00 12.68 ? 119  ILE A C   1 
ATOM   962  O O   . ILE A 1 119 ? -2.767  -0.905  12.034  1.00 13.34 ? 119  ILE A O   1 
ATOM   963  C CB  . ILE A 1 119 ? -3.137  -3.010  9.431   1.00 11.96 ? 119  ILE A CB  1 
ATOM   964  C CG1 . ILE A 1 119 ? -3.870  -4.362  9.305   1.00 13.60 ? 119  ILE A CG1 1 
ATOM   965  C CG2 . ILE A 1 119 ? -1.783  -3.273  10.020  1.00 12.68 ? 119  ILE A CG2 1 
ATOM   966  C CD1 . ILE A 1 119 ? -3.233  -5.201  8.142   1.00 19.13 ? 119  ILE A CD1 1 
ATOM   967  N N   . MET A 1 120 ? -2.900  0.103   10.023  1.00 10.80 ? 120  MET A N   1 
ATOM   968  C CA  . MET A 1 120 ? -2.101  1.250   10.439  1.00 11.40 ? 120  MET A CA  1 
ATOM   969  C C   . MET A 1 120 ? -2.813  2.133   11.445  1.00 12.20 ? 120  MET A C   1 
ATOM   970  O O   . MET A 1 120 ? -2.187  2.582   12.396  1.00 12.21 ? 120  MET A O   1 
ATOM   971  C CB  . MET A 1 120 ? -1.693  2.076   9.229   1.00 12.39 ? 120  MET A CB  1 
ATOM   972  C CG  . MET A 1 120 ? -0.841  1.265   8.234   1.00 11.72 ? 120  MET A CG  1 
ATOM   973  S SD  . MET A 1 120 ? 0.687   0.669   8.978   1.00 17.81 ? 120  MET A SD  1 
ATOM   974  C CE  . MET A 1 120 ? 1.387   1.930   9.589   1.00 16.22 ? 120  MET A CE  1 
ATOM   975  N N   . ARG A 1 121 ? -4.110  2.338   11.270  1.00 11.18 ? 121  ARG A N   1 
ATOM   976  C CA  . ARG A 1 121 ? -4.853  3.098   12.264  1.00 12.85 ? 121  ARG A CA  1 
ATOM   977  C C   . ARG A 1 121 ? -4.898  2.364   13.607  1.00 12.65 ? 121  ARG A C   1 
ATOM   978  O O   . ARG A 1 121 ? -4.908  3.014   14.682  1.00 14.31 ? 121  ARG A O   1 
ATOM   979  C CB  . ARG A 1 121 ? -6.277  3.346   11.768  1.00 13.23 ? 121  ARG A CB  1 
ATOM   980  C CG  . ARG A 1 121 ? -6.337  4.340   10.609  1.00 17.34 ? 121  ARG A CG  1 
ATOM   981  C CD  . ARG A 1 121 ? -7.792  4.567   10.160  1.00 21.57 ? 121  ARG A CD  1 
ATOM   982  N NE  . ARG A 1 121 ? -7.921  5.767   9.355   1.00 28.38 ? 121  ARG A NE  1 
ATOM   983  C CZ  . ARG A 1 121 ? -8.981  6.084   8.609   1.00 29.00 ? 121  ARG A CZ  1 
ATOM   984  N NH1 . ARG A 1 121 ? -8.975  7.226   7.928   1.00 30.67 ? 121  ARG A NH1 1 
ATOM   985  N NH2 . ARG A 1 121 ? -10.021 5.260   8.507   1.00 29.96 ? 121  ARG A NH2 1 
ATOM   986  N N   . GLU A 1 122 ? -4.957  1.025   13.570  1.00 11.16 ? 122  GLU A N   1 
ATOM   987  C CA  . GLU A 1 122 ? -4.902  0.220   14.787  1.00 12.87 ? 122  GLU A CA  1 
ATOM   988  C C   . GLU A 1 122 ? -3.554  0.335   15.487  1.00 12.21 ? 122  GLU A C   1 
ATOM   989  O O   . GLU A 1 122 ? -3.477  0.462   16.731  1.00 12.20 ? 122  GLU A O   1 
ATOM   990  C CB  . GLU A 1 122 ? -5.242  -1.262  14.482  1.00 13.08 ? 122  GLU A CB  1 
ATOM   991  C CG  . GLU A 1 122 ? -4.905  -2.201  15.649  1.00 14.53 ? 122  GLU A CG  1 
ATOM   992  C CD  . GLU A 1 122 ? -5.991  -2.237  16.689  1.00 18.14 ? 122  GLU A CD  1 
ATOM   993  O OE1 . GLU A 1 122 ? -7.085  -1.742  16.375  1.00 20.70 ? 122  GLU A OE1 1 
ATOM   994  O OE2 . GLU A 1 122 ? -5.763  -2.751  17.822  1.00 19.24 ? 122  GLU A OE2 1 
ATOM   995  N N   . LYS A 1 123 ? -2.487  0.356   14.709  1.00 12.04 ? 123  LYS A N   1 
ATOM   996  C CA  . LYS A 1 123 ? -1.185  0.542   15.321  1.00 11.67 ? 123  LYS A CA  1 
ATOM   997  C C   . LYS A 1 123 ? -1.120  1.928   15.958  1.00 11.67 ? 123  LYS A C   1 
ATOM   998  O O   . LYS A 1 123 ? -0.568  2.093   17.053  1.00 11.55 ? 123  LYS A O   1 
ATOM   999  C CB  . LYS A 1 123 ? -0.096  0.415   14.272  1.00 12.37 ? 123  LYS A CB  1 
ATOM   1000 C CG  . LYS A 1 123 ? 0.053   -1.061  13.784  1.00 16.90 ? 123  LYS A CG  1 
ATOM   1001 C CD  . LYS A 1 123 ? 1.175   -1.135  12.745  1.00 19.50 ? 123  LYS A CD  1 
ATOM   1002 C CE  . LYS A 1 123 ? 1.299   -2.552  12.195  1.00 25.04 ? 123  LYS A CE  1 
ATOM   1003 N NZ  . LYS A 1 123 ? 0.462   -3.477  12.987  1.00 30.25 ? 123  LYS A NZ  1 
ATOM   1004 N N   . TYR A 1 124 ? -1.645  2.919   15.252  1.00 12.24 ? 124  TYR A N   1 
ATOM   1005 C CA  . TYR A 1 124 ? -1.638  4.286   15.790  1.00 11.93 ? 124  TYR A CA  1 
ATOM   1006 C C   . TYR A 1 124 ? -2.412  4.309   17.109  1.00 12.18 ? 124  TYR A C   1 
ATOM   1007 O O   . TYR A 1 124 ? -1.952  4.854   18.130  1.00 11.65 ? 124  TYR A O   1 
ATOM   1008 C CB  . TYR A 1 124 ? -2.263  5.234   14.770  1.00 12.15 ? 124  TYR A CB  1 
ATOM   1009 C CG  . TYR A 1 124 ? -2.148  6.726   15.081  1.00 12.27 ? 124  TYR A CG  1 
ATOM   1010 C CD1 . TYR A 1 124 ? -2.954  7.318   16.050  1.00 12.29 ? 124  TYR A CD1 1 
ATOM   1011 C CD2 . TYR A 1 124 ? -1.310  7.543   14.326  1.00 14.69 ? 124  TYR A CD2 1 
ATOM   1012 C CE1 . TYR A 1 124 ? -2.882  8.677   16.311  1.00 14.38 ? 124  TYR A CE1 1 
ATOM   1013 C CE2 . TYR A 1 124 ? -1.222  8.908   14.592  1.00 14.72 ? 124  TYR A CE2 1 
ATOM   1014 C CZ  . TYR A 1 124 ? -2.021  9.457   15.572  1.00 15.20 ? 124  TYR A CZ  1 
ATOM   1015 O OH  . TYR A 1 124 ? -1.933  10.814  15.823  1.00 19.16 ? 124  TYR A OH  1 
ATOM   1016 N N   . SER A 1 125 ? -3.592  3.719   17.098  1.00 10.92 ? 125  SER A N   1 
ATOM   1017 C CA  . SER A 1 125 ? -4.436  3.620   18.305  1.00 12.07 ? 125  SER A CA  1 
ATOM   1018 C C   . SER A 1 125 ? -3.680  2.959   19.483  1.00 12.27 ? 125  SER A C   1 
ATOM   1019 O O   . SER A 1 125 ? -3.774  3.413   20.640  1.00 13.97 ? 125  SER A O   1 
ATOM   1020 C CB  . SER A 1 125 ? -5.741  2.853   17.969  1.00 12.57 ? 125  SER A CB  1 
ATOM   1021 O OG  . SER A 1 125 ? -6.535  2.671   19.134  1.00 16.17 ? 125  SER A OG  1 
ATOM   1022 N N   . LYS A 1 126 ? -2.943  1.883   19.204  1.00 12.99 ? 126  LYS A N   1 
ATOM   1023 C CA  . LYS A 1 126 ? -2.239  1.164   20.268  1.00 13.75 ? 126  LYS A CA  1 
ATOM   1024 C C   . LYS A 1 126 ? -1.054  1.952   20.799  1.00 13.92 ? 126  LYS A C   1 
ATOM   1025 O O   . LYS A 1 126 ? -0.533  1.597   21.867  1.00 12.74 ? 126  LYS A O   1 
ATOM   1026 C CB  . LYS A 1 126 ? -1.805  -0.235  19.802  1.00 14.92 ? 126  LYS A CB  1 
ATOM   1027 C CG  . LYS A 1 126 ? -2.989  -1.168  19.647  1.00 14.13 ? 126  LYS A CG  1 
ATOM   1028 C CD  . LYS A 1 126 ? -3.509  -1.618  21.038  1.00 18.74 ? 126  LYS A CD  1 
ATOM   1029 C CE  . LYS A 1 126 ? -4.679  -2.597  20.879  1.00 18.91 ? 126  LYS A CE  1 
ATOM   1030 N NZ  . LYS A 1 126 ? -5.357  -2.931  22.155  1.00 25.47 ? 126  LYS A NZ  1 
ATOM   1031 N N   . CYS A 1 127 ? -0.647  3.001   20.074  1.00 12.98 ? 127  CYS A N   1 
ATOM   1032 C CA  . CYS A 1 127 ? 0.495   3.839   20.466  1.00 13.69 ? 127  CYS A CA  1 
ATOM   1033 C C   . CYS A 1 127 ? 0.046   4.951   21.352  1.00 14.68 ? 127  CYS A C   1 
ATOM   1034 O O   . CYS A 1 127 ? 0.822   5.487   22.137  1.00 15.20 ? 127  CYS A O   1 
ATOM   1035 C CB  . CYS A 1 127 ? 1.167   4.486   19.226  1.00 13.61 ? 127  CYS A CB  1 
ATOM   1036 S SG  . CYS A 1 127 ? 2.184   3.305   18.336  1.00 14.58 ? 127  CYS A SG  1 
ATOM   1037 N N   . SER A 1 128 ? -1.210  5.345   21.186  1.00 14.91 ? 128  SER A N   1 
ATOM   1038 C CA  . SER A 1 128 ? -1.665  6.571   21.814  1.00 14.98 ? 128  SER A CA  1 
ATOM   1039 C C   . SER A 1 128 ? -2.678  6.285   22.932  1.00 13.71 ? 128  SER A C   1 
ATOM   1040 O O   . SER A 1 128 ? -3.204  5.171   23.075  1.00 13.46 ? 128  SER A O   1 
ATOM   1041 C CB  . SER A 1 128 ? -2.263  7.494   20.758  1.00 14.84 ? 128  SER A CB  1 
ATOM   1042 O OG  . SER A 1 128 ? -3.379  6.877   20.149  1.00 21.33 ? 128  SER A OG  1 
ATOM   1043 N N   . SER A 1 129 ? -2.926  7.301   23.734  1.00 14.50 ? 129  SER A N   1 
ATOM   1044 C CA  . SER A 1 129 ? -3.753  7.134   24.905  1.00 14.98 ? 129  SER A CA  1 
ATOM   1045 C C   . SER A 1 129 ? -5.188  6.896   24.457  1.00 15.70 ? 129  SER A C   1 
ATOM   1046 O O   . SER A 1 129 ? -5.543  7.225   23.306  1.00 17.60 ? 129  SER A O   1 
ATOM   1047 C CB  . SER A 1 129 ? -3.668  8.381   25.791  1.00 14.93 ? 129  SER A CB  1 
ATOM   1048 O OG  . SER A 1 129 ? -4.133  9.487   25.036  1.00 16.91 ? 129  SER A OG  1 
ATOM   1049 O OXT . SER A 1 129 ? -5.995  6.370   25.238  1.00 17.34 ? 129  SER A OXT 1 
HETATM 1050 S S   . SO4 B 2 .   ? 0.870   -2.062  -21.006 1.00 38.72 ? 1001 SO4 A S   1 
HETATM 1051 O O1  . SO4 B 2 .   ? 0.667   -0.658  -21.323 1.00 42.86 ? 1001 SO4 A O1  1 
HETATM 1052 O O2  . SO4 B 2 .   ? 2.324   -2.207  -20.852 1.00 44.20 ? 1001 SO4 A O2  1 
HETATM 1053 O O3  . SO4 B 2 .   ? 0.306   -2.913  -22.057 1.00 42.76 ? 1001 SO4 A O3  1 
HETATM 1054 O O4  . SO4 B 2 .   ? 0.189   -2.441  -19.790 1.00 42.70 ? 1001 SO4 A O4  1 
HETATM 1055 S S   . SO4 C 2 .   ? -2.616  -7.502  -14.252 1.00 58.65 ? 1002 SO4 A S   1 
HETATM 1056 O O1  . SO4 C 2 .   ? -1.430  -6.801  -14.728 1.00 56.95 ? 1002 SO4 A O1  1 
HETATM 1057 O O2  . SO4 C 2 .   ? -2.268  -8.908  -14.024 1.00 57.52 ? 1002 SO4 A O2  1 
HETATM 1058 O O3  . SO4 C 2 .   ? -3.714  -7.424  -15.230 1.00 58.04 ? 1002 SO4 A O3  1 
HETATM 1059 O O4  . SO4 C 2 .   ? -3.039  -6.892  -12.990 1.00 60.75 ? 1002 SO4 A O4  1 
HETATM 1060 S S   . SO4 D 2 .   ? 1.462   16.033  -1.217  1.00 74.67 ? 1003 SO4 A S   1 
HETATM 1061 O O1  . SO4 D 2 .   ? 1.504   17.203  -0.339  1.00 74.88 ? 1003 SO4 A O1  1 
HETATM 1062 O O2  . SO4 D 2 .   ? 2.828   15.677  -1.593  1.00 74.66 ? 1003 SO4 A O2  1 
HETATM 1063 O O3  . SO4 D 2 .   ? 0.696   16.339  -2.428  1.00 74.63 ? 1003 SO4 A O3  1 
HETATM 1064 O O4  . SO4 D 2 .   ? 0.823   14.922  -0.514  1.00 74.70 ? 1003 SO4 A O4  1 
HETATM 1065 O O   . HOH E 3 .   ? 12.714  3.725   2.571   1.00 18.67 ? 1004 HOH A O   1 
HETATM 1066 O O   . HOH E 3 .   ? 3.205   7.606   3.092   1.00 21.03 ? 1005 HOH A O   1 
HETATM 1067 O O   . HOH E 3 .   ? -12.050 12.638  -16.419 1.00 33.02 ? 1006 HOH A O   1 
HETATM 1068 O O   . HOH E 3 .   ? -2.081  -3.290  13.663  1.00 26.98 ? 1007 HOH A O   1 
HETATM 1069 O O   . HOH E 3 .   ? 3.707   9.898   -10.757 1.00 24.49 ? 1008 HOH A O   1 
HETATM 1070 O O   . HOH E 3 .   ? 6.551   9.739   -4.413  1.00 26.42 ? 1009 HOH A O   1 
HETATM 1071 O O   . HOH E 3 .   ? -3.631  -4.582  17.846  1.00 31.26 ? 1010 HOH A O   1 
HETATM 1072 O O   . HOH E 3 .   ? -1.564  -6.209  -10.836 1.00 31.63 ? 1011 HOH A O   1 
HETATM 1073 O O   . HOH E 3 .   ? 8.471   8.697   -2.797  1.00 37.96 ? 1012 HOH A O   1 
HETATM 1074 O O   . HOH E 3 .   ? 12.027  -6.629  -2.872  1.00 42.36 ? 1013 HOH A O   1 
HETATM 1075 O O   . HOH E 3 .   ? 6.454   10.911  4.152   1.00 29.01 ? 1014 HOH A O   1 
HETATM 1076 O O   . HOH E 3 .   ? 10.690  -4.715  -3.902  1.00 30.60 ? 1015 HOH A O   1 
HETATM 1077 O O   . HOH E 3 .   ? 4.020   8.500   -13.188 1.00 29.76 ? 1016 HOH A O   1 
HETATM 1078 O O   . HOH E 3 .   ? -3.151  -11.785 6.037   1.00 31.91 ? 1017 HOH A O   1 
HETATM 1079 O O   . HOH E 3 .   ? 1.340   -8.334  -6.119  1.00 28.78 ? 1018 HOH A O   1 
HETATM 1080 O O   . HOH E 3 .   ? 6.003   8.999   -9.527  1.00 27.60 ? 1019 HOH A O   1 
HETATM 1081 O O   . HOH E 3 .   ? -10.565 -7.655  -3.575  1.00 36.70 ? 1020 HOH A O   1 
HETATM 1082 O O   . HOH E 3 .   ? -3.258  11.852  25.488  1.00 28.06 ? 1021 HOH A O   1 
HETATM 1083 O O   . HOH E 3 .   ? -6.294  -10.704 7.504   1.00 29.78 ? 1022 HOH A O   1 
HETATM 1084 O O   . HOH E 3 .   ? 8.966   10.354  -1.014  1.00 33.37 ? 1023 HOH A O   1 
HETATM 1085 O O   . HOH E 3 .   ? -10.535 -6.591  -10.057 1.00 47.92 ? 1024 HOH A O   1 
HETATM 1086 O O   . HOH E 3 .   ? 2.223   1.324   22.942  1.00 42.06 ? 1025 HOH A O   1 
HETATM 1087 O O   . HOH E 3 .   ? 8.610   -5.837  -5.179  1.00 29.01 ? 1026 HOH A O   1 
HETATM 1088 O O   . HOH E 3 .   ? 2.643   7.702   -15.224 1.00 30.95 ? 1027 HOH A O   1 
HETATM 1089 O O   . HOH E 3 .   ? -8.079  1.041   15.272  1.00 33.71 ? 1028 HOH A O   1 
HETATM 1090 O O   . HOH E 3 .   ? -6.141  -7.102  0.518   1.00 32.53 ? 1029 HOH A O   1 
HETATM 1091 O O   . HOH E 3 .   ? 3.160   0.363   15.942  1.00 34.73 ? 1030 HOH A O   1 
HETATM 1092 O O   . HOH E 3 .   ? -12.337 -2.992  -5.066  1.00 32.57 ? 1031 HOH A O   1 
HETATM 1093 O O   . HOH E 3 .   ? -10.053 0.979   5.990   1.00 31.26 ? 1032 HOH A O   1 
HETATM 1094 O O   . HOH E 3 .   ? -10.427 -4.291  2.373   1.00 26.50 ? 1033 HOH A O   1 
HETATM 1095 O O   . HOH E 3 .   ? -0.764  -0.160  23.671  1.00 38.21 ? 1034 HOH A O   1 
HETATM 1096 O O   . HOH E 3 .   ? -4.236  2.394   23.355  1.00 31.68 ? 1035 HOH A O   1 
HETATM 1097 O O   . HOH E 3 .   ? -4.987  -7.250  -12.080 1.00 29.36 ? 1036 HOH A O   1 
HETATM 1098 O O   . HOH E 3 .   ? -0.278  -6.486  -17.415 1.00 45.60 ? 1037 HOH A O   1 
HETATM 1099 O O   . HOH E 3 .   ? -5.166  3.672   25.435  1.00 39.89 ? 1038 HOH A O   1 
HETATM 1100 O O   . HOH E 3 .   ? 8.867   -5.035  -7.898  1.00 39.64 ? 1039 HOH A O   1 
HETATM 1101 O O   . HOH E 3 .   ? -9.552  -2.930  -13.842 1.00 42.69 ? 1040 HOH A O   1 
HETATM 1102 O O   . HOH E 3 .   ? 8.666   -6.716  14.414  1.00 46.92 ? 1041 HOH A O   1 
HETATM 1103 O O   . HOH E 3 .   ? 4.963   0.448   -15.579 1.00 33.45 ? 1042 HOH A O   1 
HETATM 1104 O O   . HOH E 3 .   ? -9.898  16.353  -17.752 1.00 29.67 ? 1043 HOH A O   1 
HETATM 1105 O O   . HOH E 3 .   ? -4.488  5.138   -12.448 1.00 27.31 ? 1044 HOH A O   1 
HETATM 1106 O O   . HOH E 3 .   ? -8.299  0.356   12.717  1.00 27.66 ? 1045 HOH A O   1 
HETATM 1107 O O   . HOH E 3 .   ? -5.888  5.274   21.450  1.00 29.09 ? 1046 HOH A O   1 
HETATM 1108 O O   . HOH E 3 .   ? -7.191  8.002   -13.185 1.00 30.68 ? 1047 HOH A O   1 
HETATM 1109 O O   . HOH E 3 .   ? -10.364 -3.244  7.095   1.00 34.60 ? 1048 HOH A O   1 
HETATM 1110 O O   . HOH E 3 .   ? -1.471  -3.681  16.403  1.00 33.90 ? 1049 HOH A O   1 
HETATM 1111 O O   . HOH E 3 .   ? 6.461   -12.787 4.710   1.00 42.73 ? 1050 HOH A O   1 
HETATM 1112 O O   . HOH E 3 .   ? -7.591  3.766   -14.652 1.00 30.49 ? 1051 HOH A O   1 
HETATM 1113 O O   . HOH E 3 .   ? -8.033  2.764   -3.857  1.00 35.65 ? 1052 HOH A O   1 
HETATM 1114 O O   . HOH E 3 .   ? -10.753 -6.874  7.096   1.00 49.61 ? 1053 HOH A O   1 
HETATM 1115 O O   . HOH E 3 .   ? -6.128  5.496   14.860  1.00 36.27 ? 1054 HOH A O   1 
HETATM 1116 O O   . HOH E 3 .   ? -5.314  12.492  5.811   1.00 39.26 ? 1055 HOH A O   1 
HETATM 1117 O O   . HOH E 3 .   ? 1.317   0.007   17.717  1.00 28.78 ? 1056 HOH A O   1 
HETATM 1118 O O   . HOH E 3 .   ? -9.746  8.726   -12.747 1.00 36.33 ? 1057 HOH A O   1 
HETATM 1119 O O   . HOH E 3 .   ? 6.654   12.817  -3.110  1.00 42.75 ? 1058 HOH A O   1 
HETATM 1120 O O   . HOH E 3 .   ? 0.108   -10.124 -7.989  1.00 35.02 ? 1059 HOH A O   1 
HETATM 1121 O O   . HOH E 3 .   ? -5.013  -12.664 8.288   1.00 40.79 ? 1060 HOH A O   1 
HETATM 1122 O O   . HOH E 3 .   ? -2.986  16.115  -16.315 1.00 35.40 ? 1061 HOH A O   1 
HETATM 1123 O O   . HOH E 3 .   ? -7.482  -14.563 -6.250  1.00 34.71 ? 1062 HOH A O   1 
HETATM 1124 O O   . HOH E 3 .   ? 14.509  2.766   4.513   1.00 35.13 ? 1063 HOH A O   1 
HETATM 1125 O O   . HOH E 3 .   ? -10.621 11.435  -13.075 1.00 39.26 ? 1064 HOH A O   1 
HETATM 1126 O O   . HOH E 3 .   ? 1.142   -5.451  -22.416 1.00 37.48 ? 1065 HOH A O   1 
HETATM 1127 O O   . HOH E 3 .   ? 4.563   12.625  -10.765 1.00 42.32 ? 1066 HOH A O   1 
HETATM 1128 O O   . HOH E 3 .   ? -11.944 2.398   -0.542  1.00 36.06 ? 1067 HOH A O   1 
HETATM 1129 O O   . HOH E 3 .   ? 10.511  7.042   -9.255  1.00 45.13 ? 1068 HOH A O   1 
HETATM 1130 O O   . HOH E 3 .   ? 9.505   9.731   10.137  1.00 39.34 ? 1069 HOH A O   1 
HETATM 1131 O O   . HOH E 3 .   ? 8.046   -11.913 -2.446  1.00 47.79 ? 1070 HOH A O   1 
HETATM 1132 O O   . HOH E 3 .   ? 8.488   7.964   -12.858 1.00 47.85 ? 1071 HOH A O   1 
HETATM 1133 O O   . HOH E 3 .   ? -0.959  -18.201 6.244   1.00 41.30 ? 1072 HOH A O   1 
HETATM 1134 O O   . HOH E 3 .   ? 11.010  3.900   10.651  1.00 35.32 ? 1073 HOH A O   1 
HETATM 1135 O O   . HOH E 3 .   ? 2.560   -14.979 6.837   1.00 42.22 ? 1074 HOH A O   1 
HETATM 1136 O O   . HOH E 3 .   ? 3.604   14.342  -17.263 1.00 45.05 ? 1075 HOH A O   1 
HETATM 1137 O O   . HOH E 3 .   ? 1.889   3.465   -23.229 1.00 36.37 ? 1076 HOH A O   1 
HETATM 1138 O O   . HOH E 3 .   ? 4.469   -10.415 -3.849  1.00 45.70 ? 1077 HOH A O   1 
HETATM 1139 O O   . HOH E 3 .   ? 0.897   17.029  10.638  1.00 46.72 ? 1078 HOH A O   1 
HETATM 1140 O O   . HOH E 3 .   ? -6.441  12.087  -24.518 1.00 33.83 ? 1079 HOH A O   1 
HETATM 1141 O O   . HOH E 3 .   ? 13.270  12.393  -1.704  1.00 43.30 ? 1080 HOH A O   1 
HETATM 1142 O O   . HOH E 3 .   ? -7.333  8.104   26.933  1.00 40.66 ? 1081 HOH A O   1 
HETATM 1143 O O   . HOH E 3 .   ? 10.337  9.911   12.670  1.00 43.97 ? 1082 HOH A O   1 
HETATM 1144 O O   . HOH E 3 .   ? -9.501  -9.779  -0.585  1.00 51.09 ? 1083 HOH A O   1 
HETATM 1145 O O   . HOH E 3 .   ? -1.339  12.451  1.206   1.00 32.90 ? 1084 HOH A O   1 
HETATM 1146 O O   . HOH E 3 .   ? 6.887   10.240  -7.322  1.00 42.61 ? 1085 HOH A O   1 
HETATM 1147 O O   . HOH E 3 .   ? 14.078  -4.859  -7.461  1.00 40.48 ? 1086 HOH A O   1 
HETATM 1148 O O   . HOH E 3 .   ? -9.495  2.308   8.406   1.00 38.49 ? 1087 HOH A O   1 
HETATM 1149 O O   . HOH E 3 .   ? 1.653   -6.091  -6.796  1.00 44.25 ? 1088 HOH A O   1 
HETATM 1150 O O   . HOH E 3 .   ? 1.414   -5.932  -10.139 1.00 35.36 ? 1089 HOH A O   1 
HETATM 1151 O O   . HOH E 3 .   ? -5.866  1.124   21.503  1.00 38.92 ? 1090 HOH A O   1 
HETATM 1152 O O   . HOH E 3 .   ? 8.247   10.075  9.013   1.00 43.28 ? 1091 HOH A O   1 
HETATM 1153 O O   . HOH E 3 .   ? -4.626  12.623  3.113   1.00 36.37 ? 1092 HOH A O   1 
HETATM 1154 O O   . HOH E 3 .   ? -0.101  4.465   -23.797 1.00 38.43 ? 1093 HOH A O   1 
HETATM 1155 O O   . HOH E 3 .   ? -7.472  9.070   9.524   1.00 47.42 ? 1094 HOH A O   1 
HETATM 1156 O O   . HOH E 3 .   ? 10.914  -8.147  -0.555  1.00 36.65 ? 1095 HOH A O   1 
HETATM 1157 O O   . HOH E 3 .   ? 3.668   8.835   -17.468 1.00 41.76 ? 1096 HOH A O   1 
HETATM 1158 O O   . HOH E 3 .   ? -12.309 16.029  -18.696 1.00 45.64 ? 1097 HOH A O   1 
HETATM 1159 O O   . HOH E 3 .   ? -7.341  12.319  1.995   1.00 43.05 ? 1098 HOH A O   1 
HETATM 1160 O O   . HOH E 3 .   ? -12.554 -2.414  1.268   1.00 46.11 ? 1099 HOH A O   1 
HETATM 1161 O O   . HOH E 3 .   ? 8.022   14.086  -0.893  1.00 36.71 ? 1100 HOH A O   1 
HETATM 1162 O O   . HOH E 3 .   ? -12.371 -1.013  4.825   1.00 44.76 ? 1101 HOH A O   1 
HETATM 1163 O O   . HOH E 3 .   ? 2.425   1.261   -22.038 1.00 40.87 ? 1102 HOH A O   1 
HETATM 1164 O O   . HOH E 3 .   ? 13.208  -0.241  11.074  1.00 53.83 ? 1103 HOH A O   1 
HETATM 1165 O O   . HOH E 3 .   ? -8.679  -6.932  0.997   1.00 44.32 ? 1104 HOH A O   1 
HETATM 1166 O O   . HOH E 3 .   ? -10.644 4.103   -14.862 1.00 48.79 ? 1105 HOH A O   1 
HETATM 1167 O O   . HOH E 3 .   ? -10.089 -12.605 -4.739  1.00 44.37 ? 1106 HOH A O   1 
HETATM 1168 O O   . HOH E 3 .   ? 2.601   18.721  10.329  1.00 36.15 ? 1107 HOH A O   1 
HETATM 1169 O O   . HOH E 3 .   ? 0.439   -2.556  17.634  1.00 32.76 ? 1108 HOH A O   1 
HETATM 1170 O O   . HOH E 3 .   ? 4.439   11.343  -16.887 1.00 35.59 ? 1109 HOH A O   1 
HETATM 1171 O O   . HOH E 3 .   ? 16.993  2.684   11.451  1.00 47.06 ? 1110 HOH A O   1 
HETATM 1172 O O   . HOH E 3 .   ? -1.422  14.867  -0.298  1.00 46.04 ? 1111 HOH A O   1 
HETATM 1173 O O   . HOH E 3 .   ? -9.819  1.811   10.870  1.00 39.85 ? 1112 HOH A O   1 
HETATM 1174 O O   . HOH E 3 .   ? -11.164 -3.370  4.905   1.00 43.13 ? 1113 HOH A O   1 
HETATM 1175 O O   . HOH E 3 .   ? 8.874   -8.524  -5.855  1.00 52.80 ? 1114 HOH A O   1 
HETATM 1176 O O   . HOH E 3 .   ? 3.469   5.684   -21.673 1.00 46.41 ? 1115 HOH A O   1 
HETATM 1177 O O   . HOH E 3 .   ? 9.922   3.767   -10.325 1.00 41.54 ? 1116 HOH A O   1 
HETATM 1178 O O   . HOH E 3 .   ? -3.463  -0.013  24.046  1.00 47.33 ? 1117 HOH A O   1 
HETATM 1179 O O   . HOH E 3 .   ? -9.915  -9.956  -6.482  1.00 47.29 ? 1118 HOH A O   1 
HETATM 1180 O O   . HOH E 3 .   ? 18.789  -7.707  -3.960  1.00 49.68 ? 1119 HOH A O   1 
HETATM 1181 O O   . HOH E 3 .   ? 18.439  -7.369  -0.857  1.00 45.76 ? 1120 HOH A O   1 
HETATM 1182 O O   . HOH E 3 .   ? -8.867  3.172   18.782  1.00 44.98 ? 1121 HOH A O   1 
HETATM 1183 O O   . HOH E 3 .   ? 3.335   -10.904 -5.704  1.00 45.46 ? 1122 HOH A O   1 
HETATM 1184 O O   . HOH E 3 .   ? 3.221   -15.432 2.798   1.00 43.39 ? 1123 HOH A O   1 
HETATM 1185 O O   . HOH E 3 .   ? 14.670  -5.784  -2.064  1.00 38.29 ? 1124 HOH A O   1 
HETATM 1186 O O   . HOH E 3 .   ? 5.523   -7.708  16.814  1.00 47.65 ? 1125 HOH A O   1 
HETATM 1187 O O   . HOH E 3 .   ? 0.602   15.045  9.040   1.00 46.15 ? 1126 HOH A O   1 
# 
